data_7L2J
#
_entry.id   7L2J
#
_cell.length_a   1.00
_cell.length_b   1.00
_cell.length_c   1.00
_cell.angle_alpha   90.00
_cell.angle_beta   90.00
_cell.angle_gamma   90.00
#
_symmetry.space_group_name_H-M   'P 1'
#
loop_
_entity.id
_entity.type
_entity.pdbx_description
1 polymer 'Transient receptor potential cation channel subfamily V member 1'
2 non-polymer '(2S)-1-(butanoyloxy)-3-{[(R)-hydroxy{[(1r,2R,3S,4S,5R,6S)-2,3,4,5,6-pentahydroxycyclohexyl]oxy}phosphoryl]oxy}propan-2-yl tridecanoate'
#
_entity_poly.entity_id   1
_entity_poly.type   'polypeptide(L)'
_entity_poly.pdbx_seq_one_letter_code
;GAMGSEQRASLDSEESESPPQENSCLDPPDRDPNCKPPPVKPHIFTTRSRTRLFGKGDSEEASPLDCPYEEGGLASCPII
TVSSVLTIQRPGDGPASVRPSSQDSVSAGEKPPRLYDRRSIFDAVAQSNCQELESLLPFLQRSKKRLTDSEFKDPETGKT
CLLKAMLNLHNGQNDTIALLLDVARKTDSLKQFVNASYTDSYYKGQTALHIAIERRNMTLVTLLVENGADVQAAANGDFF
KKTKGRPGFYFGELPLSLAACTNQLAIVKFLLQNSWQPADISARDSVGNTVLHALVEVADNTVDNTKFVTSMYNEILILG
AKLHPTLKLEEITNRKGLTPLALAASSGKIGVLAYILQREIHEPECRHLSRKFTEWAYGPVHSSLYDLSCIDTCEKNSVL
EVIAYSSSETPNRHDMLLVEPLNRLLQDKWDRFVKRIFYFNFFVYCLYMIIFTAAAYYRPVEGLPPYKLKNTVGDYFRVT
GEILSVSGGVYFFFRGIQYFLQRRPSLKSLFVDSYSEILFFVQSLFMLVSVVLYFSQRKEYVASMVFSLAMGWTNMLYYT
RGFQQMGIYAVMIEKMILRDLCRFMFVYLVFLFGFSTAVVTLIEDGKNNSLPMESTPHKCRGSACKPGNSYNSLYSTCLE
LFKFTIGMGDLEFTENYDFKAVFIILLLAYVILTYILLLNMLIALMGETVNKIAQESKNIWKLQRAITILDTEKSFLKCM
RKAFRSGKLLQVGFTPDGKDDYRWCFRVDEVNWTTWNTNVGIINEDPGNCEGVKRTLSFSLRSGRVSGRNWKNFALVPLL
RDASTRDRHATQQEEVQLKHYTGSLKPEDAEVFKDSMVPGEK
;
_entity_poly.pdbx_strand_id   A,B,C,D
#
# COMPACT_ATOMS: atom_id res chain seq x y z
N TYR A 202 -40.28 29.90 20.05
CA TYR A 202 -41.64 29.56 20.48
C TYR A 202 -42.07 28.24 19.82
N TYR A 203 -43.11 27.62 20.39
CA TYR A 203 -43.56 26.29 20.00
C TYR A 203 -45.01 26.37 19.50
N LYS A 204 -45.29 27.32 18.62
CA LYS A 204 -46.65 27.57 18.15
C LYS A 204 -47.27 26.32 17.55
N GLY A 205 -48.52 26.04 17.92
CA GLY A 205 -49.24 24.91 17.39
C GLY A 205 -48.91 23.59 18.02
N GLN A 206 -48.13 23.57 19.10
CA GLN A 206 -47.75 22.32 19.76
C GLN A 206 -48.95 21.83 20.59
N THR A 207 -49.93 21.29 19.89
CA THR A 207 -51.15 20.82 20.55
C THR A 207 -50.89 19.52 21.29
N ALA A 208 -51.90 19.07 22.03
CA ALA A 208 -51.77 17.86 22.82
C ALA A 208 -51.53 16.63 21.95
N LEU A 209 -52.16 16.58 20.77
CA LEU A 209 -51.94 15.44 19.88
C LEU A 209 -50.49 15.40 19.42
N HIS A 210 -49.92 16.56 19.09
CA HIS A 210 -48.52 16.63 18.70
C HIS A 210 -47.62 16.09 19.79
N ILE A 211 -47.88 16.46 21.04
CA ILE A 211 -47.04 16.01 22.15
C ILE A 211 -47.23 14.53 22.40
N ALA A 212 -48.47 14.04 22.33
CA ALA A 212 -48.74 12.63 22.55
C ALA A 212 -48.01 11.77 21.52
N ILE A 213 -48.04 12.19 20.25
CA ILE A 213 -47.29 11.46 19.23
C ILE A 213 -45.80 11.58 19.49
N GLU A 214 -45.34 12.78 19.83
CA GLU A 214 -43.91 13.01 20.03
C GLU A 214 -43.35 12.15 21.15
N ARG A 215 -44.10 11.99 22.23
CA ARG A 215 -43.68 11.18 23.36
C ARG A 215 -43.91 9.69 23.14
N ARG A 216 -44.45 9.28 21.99
CA ARG A 216 -44.69 7.87 21.68
C ARG A 216 -45.64 7.24 22.68
N ASN A 217 -46.66 8.00 23.09
CA ASN A 217 -47.70 7.52 23.99
C ASN A 217 -48.95 7.24 23.16
N MET A 218 -49.11 5.97 22.75
CA MET A 218 -50.21 5.62 21.86
C MET A 218 -51.56 5.80 22.53
N THR A 219 -51.63 5.59 23.85
CA THR A 219 -52.90 5.74 24.55
C THR A 219 -53.42 7.17 24.44
N LEU A 220 -52.55 8.15 24.68
CA LEU A 220 -52.98 9.54 24.58
C LEU A 220 -53.38 9.89 23.16
N VAL A 221 -52.63 9.39 22.17
CA VAL A 221 -52.96 9.67 20.78
C VAL A 221 -54.35 9.15 20.45
N THR A 222 -54.62 7.90 20.85
CA THR A 222 -55.93 7.33 20.56
C THR A 222 -57.03 8.10 21.25
N LEU A 223 -56.84 8.46 22.52
CA LEU A 223 -57.87 9.19 23.24
C LEU A 223 -58.12 10.56 22.62
N LEU A 224 -57.06 11.29 22.28
CA LEU A 224 -57.22 12.62 21.72
C LEU A 224 -57.89 12.59 20.36
N VAL A 225 -57.52 11.61 19.51
CA VAL A 225 -58.15 11.50 18.22
C VAL A 225 -59.63 11.15 18.38
N GLU A 226 -59.94 10.20 19.26
CA GLU A 226 -61.34 9.85 19.49
C GLU A 226 -62.12 11.00 20.10
N ASN A 227 -61.45 11.84 20.90
CA ASN A 227 -62.12 12.98 21.51
C ASN A 227 -62.38 14.12 20.51
N GLY A 228 -61.89 14.01 19.29
CA GLY A 228 -62.12 15.02 18.27
C GLY A 228 -60.97 15.97 18.02
N ALA A 229 -59.77 15.62 18.46
CA ALA A 229 -58.61 16.46 18.18
C ALA A 229 -58.34 16.52 16.68
N ASP A 230 -58.09 17.72 16.17
CA ASP A 230 -57.90 17.93 14.75
C ASP A 230 -56.51 17.47 14.31
N VAL A 231 -56.40 17.10 13.03
CA VAL A 231 -55.14 16.69 12.45
C VAL A 231 -54.40 17.87 11.84
N GLN A 232 -55.10 18.78 11.18
CA GLN A 232 -54.45 19.87 10.45
C GLN A 232 -53.97 20.95 11.43
N ALA A 233 -52.95 20.58 12.21
CA ALA A 233 -52.36 21.50 13.18
C ALA A 233 -51.32 22.39 12.51
N ALA A 234 -51.39 23.69 12.81
CA ALA A 234 -50.47 24.68 12.25
C ALA A 234 -49.24 24.81 13.16
N ALA A 235 -48.48 23.71 13.24
CA ALA A 235 -47.28 23.67 14.07
C ALA A 235 -46.16 24.44 13.37
N ASN A 236 -46.35 25.76 13.30
CA ASN A 236 -45.48 26.66 12.56
C ASN A 236 -44.59 27.51 13.47
N GLY A 237 -44.32 27.02 14.68
CA GLY A 237 -43.44 27.76 15.58
C GLY A 237 -42.02 27.81 15.06
N ASP A 238 -41.30 28.87 15.47
CA ASP A 238 -39.93 29.06 15.03
C ASP A 238 -39.04 27.90 15.44
N PHE A 239 -39.34 27.24 16.55
CA PHE A 239 -38.65 26.01 16.90
C PHE A 239 -38.93 24.94 15.85
N PHE A 240 -40.17 24.83 15.40
CA PHE A 240 -40.59 23.75 14.52
C PHE A 240 -40.22 23.99 13.06
N LYS A 241 -39.53 25.08 12.74
CA LYS A 241 -39.10 25.33 11.37
C LYS A 241 -37.83 24.53 11.08
N LYS A 242 -37.33 24.69 9.86
CA LYS A 242 -36.11 24.01 9.41
C LYS A 242 -34.89 24.74 9.96
N THR A 243 -33.72 24.54 9.33
CA THR A 243 -32.45 25.02 9.85
C THR A 243 -32.13 24.36 11.19
N LYS A 244 -31.94 23.03 11.16
CA LYS A 244 -31.70 22.22 12.34
C LYS A 244 -30.37 22.54 13.04
N GLY A 245 -29.49 23.31 12.42
CA GLY A 245 -28.25 23.70 13.09
C GLY A 245 -28.50 24.38 14.41
N ARG A 246 -29.43 25.34 14.42
CA ARG A 246 -29.93 25.88 15.68
C ARG A 246 -30.90 24.89 16.30
N PRO A 247 -31.22 25.03 17.59
CA PRO A 247 -32.23 24.16 18.19
C PRO A 247 -33.56 24.27 17.45
N GLY A 248 -34.07 23.13 17.01
CA GLY A 248 -35.30 23.15 16.23
C GLY A 248 -35.69 21.76 15.79
N PHE A 249 -36.78 21.72 15.01
CA PHE A 249 -37.44 20.49 14.61
C PHE A 249 -37.81 20.66 13.14
N TYR A 250 -37.00 20.09 12.25
CA TYR A 250 -37.01 20.46 10.84
C TYR A 250 -38.08 19.75 10.03
N PHE A 251 -38.81 18.80 10.60
CA PHE A 251 -39.83 18.03 9.89
C PHE A 251 -41.17 18.07 10.63
N GLY A 252 -41.52 19.25 11.14
CA GLY A 252 -42.81 19.46 11.77
C GLY A 252 -43.82 20.05 10.82
N GLU A 253 -44.68 20.93 11.35
CA GLU A 253 -45.75 21.63 10.62
C GLU A 253 -46.86 20.71 10.13
N LEU A 254 -46.86 19.44 10.53
CA LEU A 254 -47.97 18.55 10.23
C LEU A 254 -47.90 17.33 11.15
N PRO A 255 -48.95 16.99 11.90
CA PRO A 255 -48.85 15.79 12.75
C PRO A 255 -48.71 14.50 11.95
N LEU A 256 -49.19 14.44 10.71
CA LEU A 256 -48.93 13.27 9.89
C LEU A 256 -47.45 13.12 9.60
N SER A 257 -46.76 14.25 9.39
CA SER A 257 -45.33 14.18 9.18
C SER A 257 -44.63 13.62 10.40
N LEU A 258 -45.07 14.02 11.60
CA LEU A 258 -44.49 13.47 12.82
C LEU A 258 -44.81 11.99 12.94
N ALA A 259 -46.06 11.61 12.68
CA ALA A 259 -46.47 10.23 12.85
C ALA A 259 -45.69 9.30 11.93
N ALA A 260 -45.48 9.73 10.68
CA ALA A 260 -44.71 8.92 9.76
C ALA A 260 -43.23 8.95 10.11
N CYS A 261 -42.69 10.13 10.44
CA CYS A 261 -41.26 10.25 10.67
C CYS A 261 -40.80 9.52 11.92
N THR A 262 -41.71 9.22 12.85
CA THR A 262 -41.36 8.51 14.07
C THR A 262 -41.43 6.99 13.92
N ASN A 263 -41.71 6.49 12.73
CA ASN A 263 -41.70 5.05 12.44
C ASN A 263 -42.78 4.28 13.17
N GLN A 264 -43.88 4.94 13.53
CA GLN A 264 -45.02 4.29 14.20
C GLN A 264 -46.12 4.08 13.17
N LEU A 265 -46.28 2.82 12.73
CA LEU A 265 -47.31 2.50 11.74
C LEU A 265 -48.71 2.62 12.33
N ALA A 266 -48.86 2.40 13.63
CA ALA A 266 -50.19 2.36 14.23
C ALA A 266 -50.89 3.70 14.10
N ILE A 267 -50.16 4.80 14.33
CA ILE A 267 -50.79 6.11 14.32
C ILE A 267 -51.25 6.47 12.92
N VAL A 268 -50.38 6.28 11.92
CA VAL A 268 -50.74 6.64 10.55
C VAL A 268 -51.86 5.73 10.04
N LYS A 269 -51.84 4.45 10.41
CA LYS A 269 -52.94 3.58 10.01
C LYS A 269 -54.23 3.94 10.72
N PHE A 270 -54.13 4.53 11.92
CA PHE A 270 -55.30 4.91 12.69
C PHE A 270 -55.98 6.16 12.14
N LEU A 271 -55.20 7.10 11.61
CA LEU A 271 -55.75 8.36 11.12
C LEU A 271 -56.39 8.24 9.74
N LEU A 272 -56.34 7.06 9.12
CA LEU A 272 -56.94 6.88 7.81
C LEU A 272 -58.45 7.13 7.85
N GLN A 273 -59.11 6.61 8.88
CA GLN A 273 -60.56 6.75 9.05
C GLN A 273 -60.76 7.29 10.45
N ASN A 274 -60.86 8.60 10.55
CA ASN A 274 -61.10 9.26 11.82
C ASN A 274 -62.56 9.11 12.22
N SER A 275 -62.81 9.20 13.53
CA SER A 275 -64.18 9.20 14.00
C SER A 275 -64.88 10.51 13.71
N TRP A 276 -64.14 11.62 13.68
CA TRP A 276 -64.69 12.96 13.55
C TRP A 276 -64.19 13.70 12.32
N GLN A 277 -62.87 13.73 12.11
CA GLN A 277 -62.24 14.54 11.07
C GLN A 277 -61.16 13.71 10.36
N PRO A 278 -61.40 13.19 9.16
CA PRO A 278 -60.39 12.33 8.52
C PRO A 278 -59.11 13.09 8.20
N ALA A 279 -58.00 12.38 8.24
CA ALA A 279 -56.71 12.94 7.90
C ALA A 279 -56.52 12.97 6.38
N ASP A 280 -55.68 13.89 5.91
CA ASP A 280 -55.38 14.07 4.49
C ASP A 280 -53.87 13.97 4.32
N ILE A 281 -53.43 12.95 3.56
CA ILE A 281 -51.99 12.78 3.34
C ILE A 281 -51.42 13.93 2.54
N SER A 282 -52.18 14.48 1.61
CA SER A 282 -51.70 15.53 0.73
C SER A 282 -51.61 16.90 1.40
N ALA A 283 -51.91 17.00 2.69
CA ALA A 283 -51.74 18.27 3.40
C ALA A 283 -50.32 18.77 3.29
N ARG A 284 -50.16 20.08 3.12
CA ARG A 284 -48.88 20.70 2.82
C ARG A 284 -48.50 21.70 3.90
N ASP A 285 -47.23 21.72 4.26
CA ASP A 285 -46.70 22.64 5.25
C ASP A 285 -46.48 24.00 4.61
N SER A 286 -45.75 24.87 5.29
CA SER A 286 -45.50 26.22 4.78
C SER A 286 -44.73 26.23 3.47
N VAL A 287 -43.89 25.22 3.22
CA VAL A 287 -43.06 25.15 2.02
C VAL A 287 -43.57 24.09 1.04
N GLY A 288 -44.82 23.65 1.21
CA GLY A 288 -45.44 22.74 0.28
C GLY A 288 -45.15 21.27 0.53
N ASN A 289 -44.31 20.93 1.49
CA ASN A 289 -43.93 19.54 1.71
C ASN A 289 -45.09 18.74 2.30
N THR A 290 -45.25 17.52 1.82
CA THR A 290 -46.22 16.55 2.32
C THR A 290 -45.50 15.50 3.14
N VAL A 291 -46.25 14.47 3.56
CA VAL A 291 -45.68 13.41 4.37
C VAL A 291 -44.52 12.75 3.66
N LEU A 292 -44.65 12.55 2.34
CA LEU A 292 -43.59 11.89 1.59
C LEU A 292 -42.32 12.74 1.55
N HIS A 293 -42.48 14.06 1.37
CA HIS A 293 -41.33 14.94 1.44
C HIS A 293 -40.69 14.91 2.82
N ALA A 294 -41.51 14.84 3.86
CA ALA A 294 -40.97 14.70 5.21
C ALA A 294 -40.17 13.42 5.35
N LEU A 295 -40.69 12.31 4.80
CA LEU A 295 -39.97 11.04 4.90
C LEU A 295 -38.66 11.09 4.15
N VAL A 296 -38.61 11.83 3.06
CA VAL A 296 -37.36 12.00 2.33
C VAL A 296 -36.38 12.80 3.16
N GLU A 297 -36.84 13.91 3.74
CA GLU A 297 -35.92 14.85 4.39
C GLU A 297 -35.25 14.24 5.62
N VAL A 298 -35.97 13.43 6.39
CA VAL A 298 -35.41 12.88 7.62
C VAL A 298 -34.33 11.86 7.39
N ALA A 299 -34.16 11.35 6.17
CA ALA A 299 -33.18 10.30 5.94
C ALA A 299 -31.77 10.82 6.16
N ASP A 300 -30.88 9.92 6.56
CA ASP A 300 -29.47 10.23 6.78
C ASP A 300 -28.52 9.29 6.03
N ASN A 301 -29.05 8.46 5.12
CA ASN A 301 -28.23 7.55 4.32
C ASN A 301 -27.47 6.55 5.20
N THR A 302 -28.20 5.84 6.05
CA THR A 302 -27.68 4.70 6.79
C THR A 302 -28.59 3.50 6.59
N VAL A 303 -28.05 2.31 6.86
CA VAL A 303 -28.76 1.07 6.53
C VAL A 303 -30.03 0.95 7.34
N ASP A 304 -29.95 1.16 8.65
CA ASP A 304 -31.14 1.01 9.48
C ASP A 304 -32.14 2.11 9.21
N ASN A 305 -31.67 3.36 9.12
CA ASN A 305 -32.54 4.47 8.77
C ASN A 305 -33.16 4.26 7.40
N THR A 306 -32.38 3.76 6.45
CA THR A 306 -32.93 3.46 5.14
C THR A 306 -34.03 2.41 5.23
N LYS A 307 -33.83 1.38 6.06
CA LYS A 307 -34.88 0.38 6.23
C LYS A 307 -36.15 0.99 6.79
N PHE A 308 -36.03 1.80 7.84
CA PHE A 308 -37.20 2.39 8.48
C PHE A 308 -37.92 3.34 7.53
N VAL A 309 -37.16 4.22 6.86
CA VAL A 309 -37.77 5.20 5.98
C VAL A 309 -38.40 4.51 4.77
N THR A 310 -37.72 3.50 4.22
CA THR A 310 -38.28 2.76 3.10
C THR A 310 -39.59 2.08 3.49
N SER A 311 -39.59 1.42 4.64
CA SER A 311 -40.80 0.74 5.10
C SER A 311 -41.95 1.73 5.24
N MET A 312 -41.71 2.83 5.95
CA MET A 312 -42.77 3.79 6.19
C MET A 312 -43.24 4.42 4.88
N TYR A 313 -42.31 4.70 3.97
CA TYR A 313 -42.68 5.29 2.69
C TYR A 313 -43.59 4.36 1.91
N ASN A 314 -43.21 3.08 1.81
CA ASN A 314 -44.03 2.13 1.08
C ASN A 314 -45.41 2.00 1.70
N GLU A 315 -45.46 1.90 3.03
CA GLU A 315 -46.74 1.70 3.70
C GLU A 315 -47.64 2.91 3.54
N ILE A 316 -47.10 4.11 3.75
CA ILE A 316 -47.94 5.29 3.66
C ILE A 316 -48.41 5.51 2.23
N LEU A 317 -47.54 5.24 1.26
CA LEU A 317 -47.95 5.46 -0.13
C LEU A 317 -49.05 4.48 -0.53
N ILE A 318 -48.90 3.21 -0.16
CA ILE A 318 -49.92 2.24 -0.57
C ILE A 318 -51.23 2.53 0.16
N LEU A 319 -51.17 2.94 1.43
CA LEU A 319 -52.39 3.26 2.15
C LEU A 319 -53.10 4.46 1.53
N GLY A 320 -52.34 5.49 1.17
CA GLY A 320 -52.95 6.63 0.51
C GLY A 320 -53.55 6.27 -0.83
N ALA A 321 -52.89 5.38 -1.57
CA ALA A 321 -53.43 4.95 -2.86
C ALA A 321 -54.73 4.17 -2.67
N LYS A 322 -54.78 3.30 -1.67
CA LYS A 322 -55.99 2.53 -1.42
C LYS A 322 -57.13 3.41 -0.95
N LEU A 323 -56.81 4.43 -0.13
CA LEU A 323 -57.84 5.33 0.37
C LEU A 323 -58.33 6.27 -0.72
N HIS A 324 -57.42 6.76 -1.57
CA HIS A 324 -57.74 7.69 -2.65
C HIS A 324 -57.06 7.23 -3.92
N PRO A 325 -57.62 6.23 -4.61
CA PRO A 325 -57.00 5.77 -5.87
C PRO A 325 -56.92 6.83 -6.95
N THR A 326 -57.77 7.85 -6.91
CA THR A 326 -57.74 8.89 -7.93
C THR A 326 -56.58 9.86 -7.74
N LEU A 327 -55.99 9.95 -6.55
CA LEU A 327 -54.94 10.91 -6.25
C LEU A 327 -53.58 10.23 -6.36
N LYS A 328 -52.69 10.83 -7.16
CA LYS A 328 -51.32 10.36 -7.30
C LYS A 328 -50.46 11.15 -6.33
N LEU A 329 -50.35 10.64 -5.10
CA LEU A 329 -49.62 11.35 -4.06
C LEU A 329 -48.16 11.53 -4.42
N GLU A 330 -47.56 10.53 -5.07
CA GLU A 330 -46.13 10.57 -5.32
C GLU A 330 -45.72 11.69 -6.26
N GLU A 331 -46.64 12.20 -7.07
CA GLU A 331 -46.34 13.24 -8.04
C GLU A 331 -46.50 14.66 -7.51
N ILE A 332 -46.92 14.83 -6.26
CA ILE A 332 -47.19 16.17 -5.73
C ILE A 332 -45.87 16.86 -5.45
N THR A 333 -45.77 18.11 -5.90
CA THR A 333 -44.56 18.92 -5.74
C THR A 333 -44.70 19.90 -4.59
N ASN A 334 -43.56 20.22 -3.98
CA ASN A 334 -43.49 21.20 -2.91
C ASN A 334 -43.27 22.59 -3.53
N ARG A 335 -43.02 23.59 -2.68
CA ARG A 335 -42.90 24.96 -3.17
C ARG A 335 -41.77 25.13 -4.18
N LYS A 336 -40.71 24.32 -4.05
CA LYS A 336 -39.60 24.42 -4.99
C LYS A 336 -39.85 23.70 -6.30
N GLY A 337 -41.01 23.06 -6.46
CA GLY A 337 -41.29 22.33 -7.68
C GLY A 337 -40.62 20.98 -7.76
N LEU A 338 -40.41 20.32 -6.62
CA LEU A 338 -39.74 19.04 -6.55
C LEU A 338 -40.70 17.98 -6.05
N THR A 339 -40.74 16.84 -6.74
CA THR A 339 -41.38 15.66 -6.21
C THR A 339 -40.47 15.05 -5.16
N PRO A 340 -40.99 14.14 -4.32
CA PRO A 340 -40.12 13.48 -3.34
C PRO A 340 -38.96 12.75 -3.99
N LEU A 341 -39.16 12.21 -5.18
CA LEU A 341 -38.04 11.62 -5.92
C LEU A 341 -37.01 12.68 -6.27
N ALA A 342 -37.45 13.79 -6.86
CA ALA A 342 -36.53 14.86 -7.21
C ALA A 342 -35.89 15.47 -5.98
N LEU A 343 -36.65 15.58 -4.90
CA LEU A 343 -36.09 16.11 -3.66
C LEU A 343 -35.00 15.20 -3.11
N ALA A 344 -35.27 13.89 -3.08
CA ALA A 344 -34.26 12.94 -2.61
C ALA A 344 -33.00 13.03 -3.46
N ALA A 345 -33.18 13.11 -4.79
CA ALA A 345 -32.02 13.18 -5.67
C ALA A 345 -31.24 14.46 -5.47
N SER A 346 -31.93 15.60 -5.38
CA SER A 346 -31.23 16.88 -5.29
C SER A 346 -30.54 17.04 -3.94
N SER A 347 -31.23 16.68 -2.86
CA SER A 347 -30.72 16.96 -1.53
C SER A 347 -29.55 16.06 -1.14
N GLY A 348 -29.45 14.87 -1.72
CA GLY A 348 -28.40 13.93 -1.39
C GLY A 348 -28.84 12.68 -0.64
N LYS A 349 -30.12 12.32 -0.69
CA LYS A 349 -30.63 11.15 0.04
C LYS A 349 -30.55 9.94 -0.90
N ILE A 350 -29.35 9.37 -1.00
CA ILE A 350 -29.11 8.31 -1.97
C ILE A 350 -29.92 7.07 -1.64
N GLY A 351 -30.07 6.73 -0.36
CA GLY A 351 -30.77 5.51 0.00
C GLY A 351 -32.21 5.50 -0.46
N VAL A 352 -32.92 6.60 -0.19
CA VAL A 352 -34.32 6.68 -0.56
C VAL A 352 -34.45 6.71 -2.08
N LEU A 353 -33.53 7.39 -2.75
CA LEU A 353 -33.52 7.39 -4.22
C LEU A 353 -33.37 5.98 -4.75
N ALA A 354 -32.43 5.23 -4.18
CA ALA A 354 -32.19 3.86 -4.61
C ALA A 354 -33.43 3.00 -4.41
N TYR A 355 -34.16 3.22 -3.31
CA TYR A 355 -35.41 2.50 -3.15
C TYR A 355 -36.42 2.88 -4.22
N ILE A 356 -36.70 4.18 -4.35
CA ILE A 356 -37.83 4.65 -5.14
C ILE A 356 -37.64 4.27 -6.61
N LEU A 357 -36.42 4.37 -7.12
CA LEU A 357 -36.22 4.14 -8.55
C LEU A 357 -36.54 2.71 -8.98
N GLN A 358 -36.58 1.75 -8.05
CA GLN A 358 -36.75 0.35 -8.40
C GLN A 358 -37.68 -0.39 -7.44
N ARG A 359 -38.64 0.31 -6.84
CA ARG A 359 -39.62 -0.36 -6.00
C ARG A 359 -40.62 -1.14 -6.84
N GLU A 360 -41.16 -2.20 -6.27
CA GLU A 360 -42.15 -3.02 -6.94
C GLU A 360 -43.09 -3.65 -5.91
N ILE A 361 -44.34 -3.87 -6.33
CA ILE A 361 -45.35 -4.54 -5.52
C ILE A 361 -46.02 -5.60 -6.38
N HIS A 362 -45.93 -6.86 -5.95
CA HIS A 362 -46.52 -7.99 -6.68
C HIS A 362 -47.87 -8.36 -6.05
N GLU A 363 -48.86 -7.50 -6.26
CA GLU A 363 -50.21 -7.72 -5.79
C GLU A 363 -51.19 -7.17 -6.81
N PRO A 364 -52.40 -7.74 -6.91
CA PRO A 364 -53.38 -7.16 -7.82
C PRO A 364 -53.83 -5.79 -7.36
N GLU A 365 -54.10 -4.91 -8.31
CA GLU A 365 -54.51 -3.53 -8.05
C GLU A 365 -53.49 -2.75 -7.24
N CYS A 366 -52.24 -3.20 -7.22
CA CYS A 366 -51.14 -2.49 -6.57
C CYS A 366 -49.92 -2.44 -7.47
N ARG A 367 -49.76 -3.42 -8.37
CA ARG A 367 -48.62 -3.43 -9.28
C ARG A 367 -48.60 -2.19 -10.17
N HIS A 368 -49.77 -1.57 -10.41
CA HIS A 368 -49.79 -0.36 -11.22
C HIS A 368 -49.09 0.81 -10.56
N LEU A 369 -48.75 0.70 -9.27
CA LEU A 369 -47.92 1.68 -8.59
C LEU A 369 -46.43 1.36 -8.66
N SER A 370 -46.05 0.20 -9.20
CA SER A 370 -44.66 -0.21 -9.19
C SER A 370 -43.84 0.56 -10.21
N ARG A 371 -42.55 0.71 -9.93
CA ARG A 371 -41.59 1.18 -10.91
C ARG A 371 -40.96 0.02 -11.67
N LYS A 372 -40.53 -1.01 -10.97
CA LYS A 372 -39.90 -2.17 -11.57
C LYS A 372 -40.95 -3.25 -11.81
N PHE A 373 -40.78 -3.98 -12.91
CA PHE A 373 -41.62 -5.10 -13.25
C PHE A 373 -40.75 -6.24 -13.75
N THR A 374 -41.31 -7.44 -13.72
CA THR A 374 -40.68 -8.61 -14.34
C THR A 374 -41.79 -9.29 -15.14
N GLU A 375 -42.01 -8.82 -16.36
CA GLU A 375 -43.16 -9.29 -17.13
C GLU A 375 -42.89 -10.63 -17.81
N TRP A 376 -41.65 -10.88 -18.23
CA TRP A 376 -41.30 -12.08 -18.98
C TRP A 376 -40.12 -12.77 -18.33
N ALA A 377 -40.17 -14.10 -18.34
CA ALA A 377 -39.07 -14.91 -17.88
C ALA A 377 -39.05 -16.20 -18.68
N TYR A 378 -37.82 -16.65 -18.99
CA TYR A 378 -37.57 -17.87 -19.74
C TYR A 378 -36.51 -18.64 -18.96
N GLY A 379 -36.96 -19.52 -18.08
CA GLY A 379 -36.06 -20.29 -17.25
C GLY A 379 -35.25 -19.38 -16.34
N PRO A 380 -33.92 -19.32 -16.52
CA PRO A 380 -33.13 -18.38 -15.70
C PRO A 380 -33.19 -16.93 -16.16
N VAL A 381 -33.73 -16.66 -17.36
CA VAL A 381 -33.68 -15.32 -17.93
C VAL A 381 -34.89 -14.53 -17.44
N HIS A 382 -34.65 -13.28 -17.04
CA HIS A 382 -35.69 -12.37 -16.58
C HIS A 382 -35.54 -11.04 -17.31
N SER A 383 -36.64 -10.55 -17.87
CA SER A 383 -36.65 -9.29 -18.64
C SER A 383 -37.35 -8.23 -17.80
N SER A 384 -36.56 -7.53 -16.98
CA SER A 384 -37.09 -6.49 -16.12
C SER A 384 -37.42 -5.23 -16.92
N LEU A 385 -38.36 -4.45 -16.41
CA LEU A 385 -38.76 -3.18 -17.00
C LEU A 385 -38.68 -2.09 -15.94
N TYR A 386 -38.33 -0.88 -16.36
CA TYR A 386 -38.39 0.31 -15.51
C TYR A 386 -39.14 1.40 -16.23
N ASP A 387 -40.14 1.99 -15.57
CA ASP A 387 -40.92 3.03 -16.25
C ASP A 387 -40.09 4.28 -16.48
N LEU A 388 -39.32 4.71 -15.50
CA LEU A 388 -38.35 5.80 -15.65
C LEU A 388 -38.99 7.09 -16.11
N SER A 389 -40.23 7.37 -15.72
CA SER A 389 -40.78 8.69 -15.98
C SER A 389 -40.02 9.73 -15.17
N CYS A 390 -39.89 10.92 -15.73
CA CYS A 390 -39.27 12.07 -15.09
C CYS A 390 -37.79 11.85 -14.78
N ILE A 391 -37.14 10.86 -15.37
CA ILE A 391 -35.69 10.72 -15.33
C ILE A 391 -35.05 11.33 -16.56
N ASP A 392 -35.56 10.99 -17.75
CA ASP A 392 -35.09 11.64 -18.95
C ASP A 392 -35.60 13.07 -19.04
N THR A 393 -36.85 13.29 -18.64
CA THR A 393 -37.42 14.63 -18.63
C THR A 393 -38.70 14.62 -17.81
N CYS A 394 -38.83 15.62 -16.93
CA CYS A 394 -40.05 15.90 -16.17
C CYS A 394 -40.59 17.28 -16.49
N GLU A 395 -40.11 17.89 -17.57
CA GLU A 395 -40.52 19.19 -18.10
C GLU A 395 -40.01 20.38 -17.30
N LYS A 396 -39.50 20.16 -16.08
CA LYS A 396 -38.81 21.21 -15.34
C LYS A 396 -37.46 20.76 -14.81
N ASN A 397 -37.45 19.62 -14.10
CA ASN A 397 -36.26 19.13 -13.41
C ASN A 397 -36.34 17.61 -13.34
N SER A 398 -35.58 16.94 -14.20
CA SER A 398 -35.50 15.49 -14.15
C SER A 398 -34.48 15.07 -13.10
N VAL A 399 -34.46 13.76 -12.80
CA VAL A 399 -33.53 13.26 -11.80
C VAL A 399 -32.09 13.45 -12.26
N LEU A 400 -31.82 13.17 -13.54
CA LEU A 400 -30.46 13.33 -14.04
C LEU A 400 -30.04 14.79 -14.02
N GLU A 401 -30.95 15.70 -14.35
CA GLU A 401 -30.60 17.11 -14.36
C GLU A 401 -30.20 17.59 -12.98
N VAL A 402 -30.97 17.21 -11.96
CA VAL A 402 -30.69 17.68 -10.61
C VAL A 402 -29.46 16.99 -10.03
N ILE A 403 -29.23 15.72 -10.35
CA ILE A 403 -28.03 15.06 -9.84
C ILE A 403 -26.79 15.66 -10.46
N ALA A 404 -26.80 15.83 -11.78
CA ALA A 404 -25.58 16.25 -12.47
C ALA A 404 -25.27 17.72 -12.23
N TYR A 405 -26.27 18.58 -12.30
CA TYR A 405 -26.07 20.02 -12.20
C TYR A 405 -26.26 20.53 -10.77
N SER A 406 -25.92 19.72 -9.77
CA SER A 406 -26.04 20.17 -8.39
C SER A 406 -25.03 21.27 -8.11
N SER A 407 -25.15 21.86 -6.91
CA SER A 407 -24.29 22.96 -6.50
C SER A 407 -22.96 22.50 -5.92
N SER A 408 -22.65 21.20 -5.96
CA SER A 408 -21.44 20.55 -5.47
C SER A 408 -21.47 20.34 -3.95
N GLU A 409 -22.49 20.83 -3.24
CA GLU A 409 -22.63 20.54 -1.82
C GLU A 409 -23.38 19.26 -1.56
N THR A 410 -24.02 18.69 -2.58
CA THR A 410 -24.73 17.43 -2.41
C THR A 410 -23.71 16.35 -2.09
N PRO A 411 -23.76 15.69 -0.93
CA PRO A 411 -22.68 14.75 -0.59
C PRO A 411 -22.53 13.56 -1.53
N ASN A 412 -23.61 13.15 -2.20
CA ASN A 412 -23.62 11.91 -2.97
C ASN A 412 -23.84 12.12 -4.46
N ARG A 413 -23.54 13.31 -4.98
CA ARG A 413 -23.73 13.54 -6.41
C ARG A 413 -22.87 12.60 -7.25
N HIS A 414 -21.75 12.15 -6.70
CA HIS A 414 -20.90 11.20 -7.39
C HIS A 414 -21.48 9.78 -7.36
N ASP A 415 -22.11 9.39 -6.27
CA ASP A 415 -22.54 8.01 -6.07
C ASP A 415 -23.94 7.73 -6.63
N MET A 416 -24.77 8.75 -6.80
CA MET A 416 -26.14 8.53 -7.23
C MET A 416 -26.21 7.92 -8.63
N LEU A 417 -25.30 8.30 -9.52
CA LEU A 417 -25.36 7.81 -10.88
C LEU A 417 -24.91 6.36 -11.02
N LEU A 418 -24.44 5.72 -9.95
CA LEU A 418 -24.06 4.32 -10.00
C LEU A 418 -25.24 3.36 -9.88
N VAL A 419 -26.43 3.86 -9.56
CA VAL A 419 -27.58 2.98 -9.32
C VAL A 419 -27.98 2.26 -10.60
N GLU A 420 -28.87 1.28 -10.44
CA GLU A 420 -29.13 0.34 -11.53
C GLU A 420 -29.71 0.99 -12.78
N PRO A 421 -30.78 1.79 -12.73
CA PRO A 421 -31.35 2.30 -13.98
C PRO A 421 -30.58 3.47 -14.58
N LEU A 422 -30.03 4.36 -13.74
CA LEU A 422 -29.41 5.56 -14.29
C LEU A 422 -28.12 5.23 -15.05
N ASN A 423 -27.31 4.33 -14.53
CA ASN A 423 -26.07 3.98 -15.22
C ASN A 423 -26.36 3.38 -16.58
N ARG A 424 -27.35 2.50 -16.66
CA ARG A 424 -27.71 1.92 -17.94
C ARG A 424 -28.28 2.96 -18.89
N LEU A 425 -29.06 3.92 -18.37
CA LEU A 425 -29.58 4.96 -19.24
C LEU A 425 -28.47 5.80 -19.83
N LEU A 426 -27.51 6.20 -19.00
CA LEU A 426 -26.40 7.00 -19.51
C LEU A 426 -25.60 6.21 -20.53
N GLN A 427 -25.38 4.93 -20.28
CA GLN A 427 -24.66 4.12 -21.25
C GLN A 427 -25.44 4.00 -22.54
N ASP A 428 -26.75 3.83 -22.45
CA ASP A 428 -27.56 3.72 -23.65
C ASP A 428 -27.51 4.99 -24.47
N LYS A 429 -27.63 6.15 -23.81
CA LYS A 429 -27.56 7.41 -24.55
C LYS A 429 -26.18 7.64 -25.13
N TRP A 430 -25.14 7.20 -24.42
CA TRP A 430 -23.79 7.26 -24.96
C TRP A 430 -23.71 6.48 -26.26
N ASP A 431 -24.13 5.21 -26.21
CA ASP A 431 -24.00 4.35 -27.38
C ASP A 431 -24.92 4.77 -28.50
N ARG A 432 -26.04 5.41 -28.20
CA ARG A 432 -27.04 5.65 -29.22
C ARG A 432 -26.56 6.73 -30.19
N PHE A 433 -26.43 7.96 -29.71
CA PHE A 433 -26.09 9.08 -30.58
C PHE A 433 -25.04 10.00 -29.98
N VAL A 434 -24.87 10.01 -28.66
CA VAL A 434 -23.98 10.99 -28.06
C VAL A 434 -22.52 10.68 -28.39
N LYS A 435 -22.17 9.39 -28.48
CA LYS A 435 -20.79 9.03 -28.78
C LYS A 435 -20.32 9.66 -30.10
N ARG A 436 -21.15 9.58 -31.12
CA ARG A 436 -20.76 10.12 -32.41
C ARG A 436 -20.62 11.64 -32.37
N ILE A 437 -21.58 12.32 -31.75
CA ILE A 437 -21.53 13.77 -31.70
C ILE A 437 -20.32 14.22 -30.89
N PHE A 438 -20.02 13.52 -29.81
CA PHE A 438 -18.88 13.92 -28.98
C PHE A 438 -17.58 13.75 -29.75
N TYR A 439 -17.39 12.60 -30.40
CA TYR A 439 -16.17 12.41 -31.17
C TYR A 439 -16.07 13.42 -32.30
N PHE A 440 -17.20 13.75 -32.93
CA PHE A 440 -17.19 14.75 -33.97
C PHE A 440 -16.76 16.10 -33.43
N ASN A 441 -17.27 16.48 -32.26
CA ASN A 441 -16.86 17.74 -31.67
C ASN A 441 -15.37 17.74 -31.36
N PHE A 442 -14.86 16.61 -30.88
CA PHE A 442 -13.43 16.50 -30.61
C PHE A 442 -12.61 16.71 -31.86
N PHE A 443 -13.04 16.08 -32.96
CA PHE A 443 -12.34 16.23 -34.23
C PHE A 443 -12.38 17.67 -34.71
N VAL A 444 -13.54 18.32 -34.61
CA VAL A 444 -13.65 19.70 -35.06
C VAL A 444 -12.75 20.60 -34.22
N TYR A 445 -12.74 20.39 -32.90
CA TYR A 445 -11.89 21.19 -32.05
C TYR A 445 -10.43 21.01 -32.41
N CYS A 446 -10.02 19.77 -32.67
CA CYS A 446 -8.63 19.53 -33.08
C CYS A 446 -8.29 20.31 -34.34
N LEU A 447 -9.20 20.29 -35.32
CA LEU A 447 -8.94 21.06 -36.54
C LEU A 447 -8.86 22.55 -36.23
N TYR A 448 -9.70 23.02 -35.31
CA TYR A 448 -9.66 24.42 -34.93
C TYR A 448 -8.31 24.79 -34.33
N MET A 449 -7.81 23.95 -33.43
CA MET A 449 -6.52 24.24 -32.80
C MET A 449 -5.41 24.20 -33.82
N ILE A 450 -5.47 23.26 -34.77
CA ILE A 450 -4.43 23.20 -35.78
C ILE A 450 -4.44 24.47 -36.63
N ILE A 451 -5.63 24.92 -37.04
CA ILE A 451 -5.69 26.15 -37.83
C ILE A 451 -5.16 27.32 -37.03
N PHE A 452 -5.53 27.39 -35.76
CA PHE A 452 -5.05 28.49 -34.93
C PHE A 452 -3.54 28.46 -34.81
N THR A 453 -2.97 27.28 -34.60
CA THR A 453 -1.53 27.17 -34.46
C THR A 453 -0.83 27.60 -35.74
N ALA A 454 -1.36 27.16 -36.88
CA ALA A 454 -0.77 27.55 -38.15
C ALA A 454 -0.86 29.05 -38.36
N ALA A 455 -1.98 29.65 -38.00
CA ALA A 455 -2.12 31.09 -38.13
C ALA A 455 -1.13 31.82 -37.24
N ALA A 456 -0.95 31.33 -36.02
CA ALA A 456 -0.04 31.99 -35.09
C ALA A 456 1.40 31.88 -35.56
N TYR A 457 1.82 30.69 -35.97
CA TYR A 457 3.22 30.46 -36.30
C TYR A 457 3.65 31.36 -37.46
N TYR A 458 2.80 31.51 -38.47
CA TYR A 458 3.14 32.28 -39.66
C TYR A 458 2.69 33.73 -39.56
N ARG A 459 2.62 34.29 -38.35
CA ARG A 459 2.23 35.67 -38.22
C ARG A 459 3.29 36.56 -38.88
N PRO A 460 2.94 37.78 -39.25
CA PRO A 460 3.96 38.70 -39.79
C PRO A 460 4.91 39.17 -38.70
N VAL A 461 6.05 39.70 -39.17
CA VAL A 461 7.14 40.11 -38.30
C VAL A 461 7.48 41.59 -38.46
N GLU A 462 6.53 42.39 -38.95
CA GLU A 462 6.68 43.84 -39.05
C GLU A 462 6.16 44.46 -37.76
N GLY A 463 6.20 45.80 -37.68
CA GLY A 463 5.72 46.51 -36.52
C GLY A 463 4.38 47.20 -36.72
N LEU A 464 3.66 47.46 -35.63
CA LEU A 464 2.45 48.27 -35.65
C LEU A 464 1.35 47.70 -36.55
N PRO A 465 0.68 46.62 -36.15
CA PRO A 465 -0.45 46.11 -36.94
C PRO A 465 -1.56 47.13 -37.06
N PRO A 466 -2.57 46.88 -37.91
CA PRO A 466 -2.80 45.74 -38.79
C PRO A 466 -1.90 45.75 -40.01
N TYR A 467 -1.89 44.64 -40.75
CA TYR A 467 -1.06 44.49 -41.93
C TYR A 467 -1.92 44.07 -43.11
N LYS A 468 -1.70 44.69 -44.27
CA LYS A 468 -2.61 44.58 -45.40
C LYS A 468 -2.30 43.34 -46.24
N LEU A 469 -3.32 42.86 -46.94
CA LEU A 469 -3.15 41.75 -47.85
C LEU A 469 -2.45 42.21 -49.11
N LYS A 470 -1.77 41.28 -49.77
CA LYS A 470 -1.04 41.51 -51.00
C LYS A 470 -1.64 40.64 -52.10
N ASN A 471 -1.01 40.65 -53.27
CA ASN A 471 -1.46 39.87 -54.41
C ASN A 471 -0.96 38.44 -54.38
N THR A 472 -0.30 38.02 -53.30
CA THR A 472 0.19 36.66 -53.16
C THR A 472 -0.95 35.76 -52.66
N VAL A 473 -0.63 34.49 -52.43
CA VAL A 473 -1.61 33.49 -52.02
C VAL A 473 -1.52 33.19 -50.53
N GLY A 474 -0.32 33.20 -49.97
CA GLY A 474 -0.15 32.86 -48.57
C GLY A 474 -0.93 33.77 -47.65
N ASP A 475 -1.00 35.06 -47.98
CA ASP A 475 -1.71 36.00 -47.11
C ASP A 475 -3.18 35.64 -47.00
N TYR A 476 -3.78 35.10 -48.06
CA TYR A 476 -5.17 34.71 -48.00
C TYR A 476 -5.38 33.53 -47.06
N PHE A 477 -4.49 32.54 -47.11
CA PHE A 477 -4.57 31.45 -46.16
C PHE A 477 -4.37 31.94 -44.73
N ARG A 478 -3.42 32.84 -44.54
CA ARG A 478 -3.13 33.33 -43.18
C ARG A 478 -4.34 34.07 -42.62
N VAL A 479 -4.91 34.99 -43.39
CA VAL A 479 -6.03 35.76 -42.88
C VAL A 479 -7.26 34.87 -42.72
N THR A 480 -7.40 33.85 -43.57
CA THR A 480 -8.48 32.88 -43.37
C THR A 480 -8.32 32.17 -42.04
N GLY A 481 -7.10 31.73 -41.73
CA GLY A 481 -6.86 31.08 -40.45
C GLY A 481 -7.14 32.00 -39.29
N GLU A 482 -6.73 33.26 -39.40
CA GLU A 482 -6.99 34.22 -38.33
C GLU A 482 -8.49 34.40 -38.11
N ILE A 483 -9.25 34.52 -39.20
CA ILE A 483 -10.69 34.73 -39.08
C ILE A 483 -11.34 33.51 -38.46
N LEU A 484 -10.95 32.32 -38.89
CA LEU A 484 -11.51 31.11 -38.27
C LEU A 484 -11.16 31.01 -36.81
N SER A 485 -9.92 31.38 -36.45
CA SER A 485 -9.50 31.34 -35.05
C SER A 485 -10.34 32.27 -34.21
N VAL A 486 -10.51 33.51 -34.67
CA VAL A 486 -11.28 34.48 -33.90
C VAL A 486 -12.74 34.06 -33.81
N SER A 487 -13.27 33.48 -34.88
CA SER A 487 -14.64 32.96 -34.84
C SER A 487 -14.77 31.89 -33.79
N GLY A 488 -13.80 30.99 -33.71
CA GLY A 488 -13.83 29.98 -32.66
C GLY A 488 -13.77 30.60 -31.28
N GLY A 489 -12.93 31.62 -31.13
CA GLY A 489 -12.85 32.31 -29.84
C GLY A 489 -14.18 32.91 -29.45
N VAL A 490 -14.87 33.54 -30.40
CA VAL A 490 -16.17 34.13 -30.09
C VAL A 490 -17.18 33.05 -29.73
N TYR A 491 -17.16 31.93 -30.45
CA TYR A 491 -18.07 30.85 -30.13
C TYR A 491 -17.88 30.39 -28.70
N PHE A 492 -16.63 30.15 -28.30
CA PHE A 492 -16.41 29.72 -26.93
C PHE A 492 -16.76 30.81 -25.92
N PHE A 493 -16.58 32.07 -26.29
CA PHE A 493 -17.02 33.17 -25.41
C PHE A 493 -18.51 33.06 -25.11
N PHE A 494 -19.31 32.94 -26.16
CA PHE A 494 -20.74 32.88 -25.94
C PHE A 494 -21.16 31.58 -25.27
N ARG A 495 -20.45 30.48 -25.52
CA ARG A 495 -20.74 29.26 -24.78
C ARG A 495 -20.50 29.45 -23.29
N GLY A 496 -19.42 30.13 -22.94
CA GLY A 496 -19.17 30.38 -21.53
C GLY A 496 -20.25 31.21 -20.89
N ILE A 497 -20.69 32.26 -21.58
CA ILE A 497 -21.76 33.10 -21.03
C ILE A 497 -23.03 32.28 -20.88
N GLN A 498 -23.39 31.51 -21.91
CA GLN A 498 -24.60 30.70 -21.84
C GLN A 498 -24.53 29.71 -20.69
N TYR A 499 -23.35 29.15 -20.44
CA TYR A 499 -23.21 28.26 -19.30
C TYR A 499 -23.46 29.01 -18.00
N PHE A 500 -22.89 30.21 -17.86
CA PHE A 500 -23.06 30.94 -16.61
C PHE A 500 -24.51 31.29 -16.37
N LEU A 501 -25.18 31.86 -17.37
CA LEU A 501 -26.53 32.36 -17.17
C LEU A 501 -27.50 31.24 -16.83
N GLN A 502 -27.34 30.08 -17.43
CA GLN A 502 -28.24 28.97 -17.19
C GLN A 502 -27.98 28.24 -15.88
N ARG A 503 -26.98 28.67 -15.10
CA ARG A 503 -26.65 28.03 -13.83
C ARG A 503 -26.58 29.00 -12.67
N ARG A 504 -25.99 30.18 -12.86
CA ARG A 504 -25.76 31.19 -11.83
C ARG A 504 -25.18 30.59 -10.54
N PRO A 505 -24.04 29.89 -10.62
CA PRO A 505 -23.43 29.38 -9.39
C PRO A 505 -22.74 30.49 -8.61
N SER A 506 -22.58 30.24 -7.32
CA SER A 506 -21.91 31.18 -6.42
C SER A 506 -20.40 30.98 -6.46
N LEU A 507 -19.70 31.88 -5.78
CA LEU A 507 -18.24 31.78 -5.69
C LEU A 507 -17.82 30.48 -5.05
N LYS A 508 -18.52 30.04 -4.00
CA LYS A 508 -18.17 28.79 -3.34
C LYS A 508 -18.47 27.58 -4.20
N SER A 509 -19.25 27.73 -5.28
CA SER A 509 -19.49 26.67 -6.25
C SER A 509 -18.81 26.92 -7.59
N LEU A 510 -18.48 28.17 -7.91
CA LEU A 510 -17.93 28.49 -9.22
C LEU A 510 -16.48 28.02 -9.35
N PHE A 511 -15.66 28.27 -8.33
CA PHE A 511 -14.24 27.97 -8.38
C PHE A 511 -13.89 26.62 -7.76
N VAL A 512 -14.89 25.85 -7.34
CA VAL A 512 -14.68 24.45 -6.95
C VAL A 512 -15.29 23.48 -7.94
N ASP A 513 -15.96 23.98 -8.98
CA ASP A 513 -16.62 23.13 -9.96
C ASP A 513 -16.62 23.85 -11.30
N SER A 514 -16.90 23.10 -12.35
CA SER A 514 -16.98 23.64 -13.70
C SER A 514 -15.66 24.29 -14.13
N TYR A 515 -14.54 23.60 -13.89
CA TYR A 515 -13.25 24.16 -14.28
C TYR A 515 -13.12 24.26 -15.79
N SER A 516 -13.65 23.28 -16.51
CA SER A 516 -13.46 23.25 -17.96
C SER A 516 -14.12 24.44 -18.64
N GLU A 517 -15.33 24.79 -18.19
CA GLU A 517 -16.01 25.93 -18.79
C GLU A 517 -15.25 27.21 -18.49
N ILE A 518 -14.73 27.34 -17.27
CA ILE A 518 -13.93 28.51 -16.92
C ILE A 518 -12.71 28.60 -17.81
N LEU A 519 -12.02 27.48 -18.01
CA LEU A 519 -10.80 27.50 -18.81
C LEU A 519 -11.09 27.84 -20.27
N PHE A 520 -12.14 27.26 -20.84
CA PHE A 520 -12.49 27.63 -22.21
C PHE A 520 -12.88 29.10 -22.31
N PHE A 521 -13.62 29.60 -21.33
CA PHE A 521 -13.97 31.01 -21.35
C PHE A 521 -12.72 31.87 -21.26
N VAL A 522 -11.77 31.49 -20.41
CA VAL A 522 -10.56 32.28 -20.24
C VAL A 522 -9.76 32.28 -21.54
N GLN A 523 -9.70 31.15 -22.22
CA GLN A 523 -9.11 31.12 -23.57
C GLN A 523 -9.77 32.14 -24.46
N SER A 524 -11.11 32.19 -24.43
CA SER A 524 -11.80 33.15 -25.28
C SER A 524 -11.42 34.58 -24.92
N LEU A 525 -11.31 34.87 -23.62
CA LEU A 525 -10.94 36.22 -23.20
C LEU A 525 -9.58 36.60 -23.72
N PHE A 526 -8.61 35.69 -23.64
CA PHE A 526 -7.28 36.00 -24.12
C PHE A 526 -7.29 36.26 -25.61
N MET A 527 -8.01 35.46 -26.38
CA MET A 527 -8.05 35.69 -27.82
C MET A 527 -8.70 37.03 -28.15
N LEU A 528 -9.77 37.38 -27.43
CA LEU A 528 -10.42 38.66 -27.74
C LEU A 528 -9.55 39.84 -27.37
N VAL A 529 -8.84 39.76 -26.24
CA VAL A 529 -7.88 40.81 -25.91
C VAL A 529 -6.83 40.91 -27.00
N SER A 530 -6.41 39.76 -27.54
CA SER A 530 -5.45 39.80 -28.66
C SER A 530 -6.05 40.52 -29.86
N VAL A 531 -7.32 40.30 -30.16
CA VAL A 531 -7.93 40.98 -31.29
C VAL A 531 -7.94 42.48 -31.06
N VAL A 532 -8.31 42.89 -29.85
CA VAL A 532 -8.37 44.31 -29.50
C VAL A 532 -7.00 44.95 -29.69
N LEU A 533 -5.96 44.29 -29.20
CA LEU A 533 -4.62 44.83 -29.36
C LEU A 533 -4.18 44.82 -30.81
N TYR A 534 -4.62 43.82 -31.58
CA TYR A 534 -4.24 43.75 -32.99
C TYR A 534 -4.76 44.97 -33.73
N PHE A 535 -6.02 45.33 -33.50
CA PHE A 535 -6.54 46.52 -34.16
C PHE A 535 -6.08 47.81 -33.48
N SER A 536 -5.64 47.75 -32.22
CA SER A 536 -5.24 48.94 -31.51
C SER A 536 -3.82 49.39 -31.81
N GLN A 537 -3.17 48.81 -32.83
CA GLN A 537 -1.82 49.21 -33.21
C GLN A 537 -0.83 48.97 -32.07
N ARG A 538 -0.78 47.73 -31.60
CA ARG A 538 0.12 47.33 -30.54
C ARG A 538 0.83 46.04 -30.92
N LYS A 539 2.02 45.86 -30.35
CA LYS A 539 2.75 44.60 -30.49
C LYS A 539 2.29 43.57 -29.48
N GLU A 540 1.69 44.00 -28.37
CA GLU A 540 1.39 43.09 -27.27
C GLU A 540 0.28 42.10 -27.59
N TYR A 541 -0.32 42.15 -28.77
CA TYR A 541 -1.31 41.12 -29.10
C TYR A 541 -0.67 39.75 -29.13
N VAL A 542 0.62 39.67 -29.43
CA VAL A 542 1.29 38.38 -29.49
C VAL A 542 1.25 37.70 -28.14
N ALA A 543 1.44 38.46 -27.06
CA ALA A 543 1.44 37.87 -25.73
C ALA A 543 0.10 37.21 -25.41
N SER A 544 -1.00 37.92 -25.63
CA SER A 544 -2.29 37.30 -25.36
C SER A 544 -2.57 36.16 -26.32
N MET A 545 -2.14 36.29 -27.57
CA MET A 545 -2.37 35.21 -28.52
C MET A 545 -1.67 33.94 -28.08
N VAL A 546 -0.41 34.04 -27.63
CA VAL A 546 0.30 32.84 -27.24
C VAL A 546 -0.30 32.26 -25.97
N PHE A 547 -0.76 33.09 -25.04
CA PHE A 547 -1.39 32.52 -23.86
C PHE A 547 -2.65 31.77 -24.27
N SER A 548 -3.40 32.33 -25.20
CA SER A 548 -4.58 31.64 -25.71
C SER A 548 -4.20 30.32 -26.36
N LEU A 549 -3.13 30.32 -27.14
CA LEU A 549 -2.74 29.11 -27.86
C LEU A 549 -2.30 28.01 -26.91
N ALA A 550 -1.48 28.37 -25.93
CA ALA A 550 -1.05 27.39 -24.93
C ALA A 550 -2.24 26.85 -24.15
N MET A 551 -3.18 27.72 -23.78
CA MET A 551 -4.34 27.22 -23.06
C MET A 551 -5.22 26.35 -23.94
N GLY A 552 -5.33 26.66 -25.22
CA GLY A 552 -6.13 25.81 -26.10
C GLY A 552 -5.56 24.42 -26.23
N TRP A 553 -4.26 24.33 -26.49
CA TRP A 553 -3.64 23.01 -26.58
C TRP A 553 -3.77 22.27 -25.27
N THR A 554 -3.56 22.97 -24.15
CA THR A 554 -3.70 22.31 -22.86
C THR A 554 -5.13 21.84 -22.63
N ASN A 555 -6.12 22.65 -23.02
CA ASN A 555 -7.53 22.30 -22.87
C ASN A 555 -7.94 21.19 -23.79
N MET A 556 -7.07 20.80 -24.72
CA MET A 556 -7.32 19.57 -25.47
C MET A 556 -7.59 18.38 -24.56
N LEU A 557 -7.05 18.38 -23.33
CA LEU A 557 -7.30 17.28 -22.41
C LEU A 557 -8.75 17.18 -21.97
N TYR A 558 -9.55 18.22 -22.19
CA TYR A 558 -10.95 18.17 -21.80
C TYR A 558 -11.67 16.99 -22.44
N TYR A 559 -11.28 16.64 -23.65
CA TYR A 559 -11.99 15.62 -24.40
C TYR A 559 -11.58 14.21 -24.02
N THR A 560 -10.68 14.01 -23.07
CA THR A 560 -10.36 12.64 -22.67
C THR A 560 -11.55 11.97 -21.99
N ARG A 561 -12.50 12.74 -21.46
CA ARG A 561 -13.75 12.14 -21.05
C ARG A 561 -14.41 11.53 -22.27
N GLY A 562 -15.10 10.42 -22.07
CA GLY A 562 -15.60 9.60 -23.15
C GLY A 562 -14.67 8.48 -23.53
N PHE A 563 -13.41 8.56 -23.14
CA PHE A 563 -12.44 7.47 -23.25
C PHE A 563 -12.14 7.02 -21.83
N GLN A 564 -12.39 5.74 -21.54
CA GLN A 564 -12.32 5.24 -20.16
C GLN A 564 -10.97 5.55 -19.52
N GLN A 565 -9.91 4.95 -20.04
CA GLN A 565 -8.62 5.02 -19.35
C GLN A 565 -8.05 6.43 -19.39
N MET A 566 -8.16 7.10 -20.53
CA MET A 566 -7.65 8.46 -20.64
C MET A 566 -8.39 9.40 -19.72
N GLY A 567 -9.72 9.23 -19.61
CA GLY A 567 -10.48 10.09 -18.73
C GLY A 567 -10.14 9.91 -17.27
N ILE A 568 -10.00 8.66 -16.83
CA ILE A 568 -9.58 8.43 -15.45
C ILE A 568 -8.23 9.09 -15.20
N TYR A 569 -7.32 8.93 -16.15
CA TYR A 569 -5.98 9.49 -16.03
C TYR A 569 -6.04 11.01 -15.90
N ALA A 570 -6.83 11.66 -16.73
CA ALA A 570 -6.89 13.12 -16.71
C ALA A 570 -7.55 13.63 -15.45
N VAL A 571 -8.55 12.90 -14.95
CA VAL A 571 -9.18 13.33 -13.70
C VAL A 571 -8.19 13.24 -12.55
N MET A 572 -7.39 12.16 -12.52
CA MET A 572 -6.37 12.06 -11.48
C MET A 572 -5.38 13.21 -11.59
N ILE A 573 -5.00 13.59 -12.79
CA ILE A 573 -4.08 14.72 -12.95
C ILE A 573 -4.71 16.01 -12.42
N GLU A 574 -5.97 16.26 -12.76
CA GLU A 574 -6.59 17.50 -12.29
C GLU A 574 -6.67 17.55 -10.77
N LYS A 575 -7.08 16.45 -10.15
CA LYS A 575 -7.19 16.46 -8.70
C LYS A 575 -5.82 16.56 -8.04
N MET A 576 -4.81 15.91 -8.59
CA MET A 576 -3.47 15.98 -8.03
C MET A 576 -2.71 17.22 -8.42
N ILE A 577 -3.28 18.08 -9.26
CA ILE A 577 -2.79 19.44 -9.37
C ILE A 577 -3.38 20.30 -8.28
N LEU A 578 -4.71 20.27 -8.17
CA LEU A 578 -5.37 21.16 -7.22
C LEU A 578 -5.01 20.84 -5.77
N ARG A 579 -4.94 19.55 -5.42
CA ARG A 579 -4.64 19.21 -4.04
C ARG A 579 -3.17 19.41 -3.70
N ASP A 580 -2.27 19.30 -4.68
CA ASP A 580 -0.85 19.28 -4.39
C ASP A 580 -0.17 20.63 -4.53
N LEU A 581 -0.53 21.45 -5.52
CA LEU A 581 0.21 22.70 -5.63
C LEU A 581 -0.05 23.62 -4.44
N CYS A 582 -1.29 23.69 -3.97
CA CYS A 582 -1.59 24.60 -2.87
C CYS A 582 -0.90 24.18 -1.59
N ARG A 583 -0.50 22.91 -1.47
CA ARG A 583 0.29 22.43 -0.33
C ARG A 583 1.78 22.55 -0.57
N PHE A 584 2.24 22.25 -1.78
CA PHE A 584 3.67 22.16 -2.04
C PHE A 584 4.29 23.51 -2.26
N MET A 585 3.69 24.32 -3.13
CA MET A 585 4.37 25.53 -3.57
C MET A 585 4.59 26.51 -2.44
N PHE A 586 3.72 26.50 -1.42
CA PHE A 586 3.99 27.35 -0.27
C PHE A 586 5.30 26.94 0.40
N VAL A 587 5.45 25.65 0.69
CA VAL A 587 6.67 25.19 1.35
C VAL A 587 7.88 25.47 0.49
N TYR A 588 7.78 25.12 -0.79
CA TYR A 588 8.93 25.29 -1.66
C TYR A 588 9.31 26.75 -1.79
N LEU A 589 8.32 27.63 -1.96
CA LEU A 589 8.64 29.04 -2.13
C LEU A 589 9.18 29.64 -0.86
N VAL A 590 8.75 29.16 0.30
CA VAL A 590 9.36 29.62 1.54
C VAL A 590 10.85 29.29 1.54
N PHE A 591 11.19 28.05 1.21
CA PHE A 591 12.61 27.68 1.20
C PHE A 591 13.37 28.46 0.14
N LEU A 592 12.83 28.52 -1.08
CA LEU A 592 13.53 29.19 -2.16
C LEU A 592 13.74 30.65 -1.85
N PHE A 593 12.71 31.33 -1.38
CA PHE A 593 12.84 32.76 -1.12
C PHE A 593 13.78 33.01 0.05
N GLY A 594 13.69 32.21 1.10
CA GLY A 594 14.59 32.41 2.24
C GLY A 594 16.04 32.27 1.85
N PHE A 595 16.38 31.19 1.15
CA PHE A 595 17.78 31.01 0.79
C PHE A 595 18.21 31.97 -0.33
N SER A 596 17.30 32.36 -1.21
CA SER A 596 17.64 33.36 -2.21
C SER A 596 18.01 34.68 -1.58
N THR A 597 17.21 35.15 -0.64
CA THR A 597 17.52 36.40 0.04
C THR A 597 18.80 36.27 0.86
N ALA A 598 19.01 35.11 1.50
CA ALA A 598 20.23 34.93 2.27
C ALA A 598 21.46 35.00 1.37
N VAL A 599 21.45 34.31 0.24
CA VAL A 599 22.62 34.31 -0.61
C VAL A 599 22.82 35.69 -1.23
N VAL A 600 21.75 36.29 -1.74
CA VAL A 600 21.92 37.56 -2.45
C VAL A 600 22.37 38.66 -1.52
N THR A 601 21.95 38.63 -0.24
CA THR A 601 22.46 39.63 0.69
C THR A 601 23.81 39.27 1.26
N LEU A 602 24.26 38.03 1.11
CA LEU A 602 25.61 37.69 1.54
C LEU A 602 26.67 38.16 0.55
N ILE A 603 26.34 38.27 -0.74
CA ILE A 603 27.31 38.59 -1.78
C ILE A 603 26.94 39.93 -2.40
N GLU A 604 27.93 40.76 -2.64
CA GLU A 604 27.72 42.07 -3.25
C GLU A 604 29.07 42.67 -3.58
N ASP A 605 29.11 43.44 -4.67
CA ASP A 605 30.31 44.12 -5.11
C ASP A 605 29.95 45.49 -5.65
N GLY A 606 30.94 46.19 -6.18
CA GLY A 606 30.71 47.51 -6.74
C GLY A 606 29.90 47.47 -8.02
N SER A 630 25.51 41.65 -11.95
CA SER A 630 25.81 40.22 -11.96
C SER A 630 25.58 39.62 -10.60
N TYR A 631 24.42 38.98 -10.42
CA TYR A 631 24.02 38.32 -9.18
C TYR A 631 23.89 39.28 -8.02
N ASN A 632 23.84 40.58 -8.26
CA ASN A 632 23.46 41.53 -7.24
C ASN A 632 21.94 41.63 -7.11
N SER A 633 21.19 40.92 -7.95
CA SER A 633 19.75 41.03 -8.00
C SER A 633 19.11 39.79 -7.40
N LEU A 634 17.97 39.98 -6.77
CA LEU A 634 17.25 38.85 -6.21
C LEU A 634 16.65 37.98 -7.29
N TYR A 635 16.34 38.55 -8.45
CA TYR A 635 15.79 37.74 -9.52
C TYR A 635 16.78 36.69 -10.00
N SER A 636 18.01 37.12 -10.29
CA SER A 636 18.99 36.17 -10.80
C SER A 636 19.30 35.09 -9.78
N THR A 637 19.43 35.46 -8.51
CA THR A 637 19.72 34.44 -7.50
C THR A 637 18.54 33.50 -7.32
N CYS A 638 17.32 34.02 -7.35
CA CYS A 638 16.15 33.15 -7.29
C CYS A 638 16.20 32.16 -8.44
N LEU A 639 16.59 32.62 -9.62
CA LEU A 639 16.69 31.72 -10.76
C LEU A 639 17.76 30.66 -10.54
N GLU A 640 18.95 31.07 -10.10
CA GLU A 640 20.06 30.14 -9.95
C GLU A 640 19.76 29.09 -8.89
N LEU A 641 18.99 29.46 -7.87
CA LEU A 641 18.59 28.45 -6.90
C LEU A 641 17.40 27.65 -7.39
N PHE A 642 16.58 28.19 -8.28
CA PHE A 642 15.53 27.38 -8.87
C PHE A 642 16.12 26.26 -9.68
N LYS A 643 17.22 26.53 -10.39
CA LYS A 643 17.81 25.54 -11.26
C LYS A 643 18.15 24.25 -10.54
N PHE A 644 18.38 24.30 -9.23
CA PHE A 644 18.71 23.09 -8.50
C PHE A 644 17.57 22.08 -8.49
N THR A 645 16.36 22.49 -8.82
CA THR A 645 15.22 21.59 -8.85
C THR A 645 15.22 20.80 -10.14
N ILE A 646 15.69 21.40 -11.24
CA ILE A 646 15.67 20.74 -12.54
C ILE A 646 17.01 20.13 -12.88
N GLY A 647 17.87 19.94 -11.90
CA GLY A 647 19.11 19.26 -12.17
C GLY A 647 20.08 20.04 -13.02
N MET A 648 20.22 21.34 -12.75
CA MET A 648 21.24 22.13 -13.42
C MET A 648 21.92 23.11 -12.45
N GLY A 649 21.88 22.84 -11.16
CA GLY A 649 22.58 23.70 -10.23
C GLY A 649 24.08 23.53 -10.36
N ASP A 650 24.80 24.60 -10.08
CA ASP A 650 26.25 24.61 -10.24
C ASP A 650 26.98 24.20 -8.97
N LEU A 651 26.56 24.73 -7.82
CA LEU A 651 27.25 24.74 -6.54
C LEU A 651 28.41 25.71 -6.50
N GLU A 652 28.73 26.37 -7.62
N GLU A 652 28.77 26.33 -7.63
CA GLU A 652 29.72 27.42 -7.68
CA GLU A 652 29.66 27.48 -7.58
C GLU A 652 29.32 28.32 -8.84
C GLU A 652 29.32 28.33 -8.80
N PHE A 653 28.59 29.41 -8.56
CA PHE A 653 28.24 30.38 -9.58
C PHE A 653 28.75 31.78 -9.24
N THR A 654 29.57 31.91 -8.20
CA THR A 654 30.32 33.14 -7.94
C THR A 654 31.73 32.78 -7.49
N GLU A 655 32.62 33.76 -7.49
CA GLU A 655 33.99 33.51 -7.08
C GLU A 655 34.68 34.77 -6.57
N ASN A 656 35.62 34.57 -5.64
CA ASN A 656 36.34 35.60 -4.91
C ASN A 656 35.43 36.40 -3.97
N TYR A 657 34.25 35.90 -3.66
CA TYR A 657 33.31 36.63 -2.81
C TYR A 657 33.54 36.30 -1.35
N ASP A 658 33.20 37.26 -0.50
CA ASP A 658 33.49 37.14 0.92
C ASP A 658 32.70 35.99 1.53
N PHE A 659 33.28 35.39 2.57
CA PHE A 659 32.61 34.37 3.36
C PHE A 659 32.25 33.15 2.52
N LYS A 660 33.25 32.63 1.81
CA LYS A 660 33.05 31.48 0.93
C LYS A 660 32.47 30.29 1.69
N ALA A 661 32.93 30.06 2.91
CA ALA A 661 32.43 28.93 3.68
C ALA A 661 30.95 29.09 4.00
N VAL A 662 30.53 30.30 4.33
CA VAL A 662 29.11 30.51 4.62
C VAL A 662 28.28 30.31 3.36
N PHE A 663 28.78 30.81 2.23
CA PHE A 663 28.06 30.63 0.97
C PHE A 663 27.87 29.15 0.66
N ILE A 664 28.94 28.36 0.80
CA ILE A 664 28.83 26.93 0.50
C ILE A 664 27.89 26.26 1.47
N ILE A 665 27.94 26.64 2.74
CA ILE A 665 27.04 26.03 3.72
C ILE A 665 25.60 26.32 3.34
N LEU A 666 25.31 27.56 2.95
CA LEU A 666 23.95 27.91 2.59
C LEU A 666 23.47 27.12 1.39
N LEU A 667 24.30 27.02 0.34
CA LEU A 667 23.86 26.28 -0.82
C LEU A 667 23.65 24.80 -0.50
N LEU A 668 24.55 24.20 0.25
CA LEU A 668 24.41 22.79 0.58
C LEU A 668 23.17 22.55 1.43
N ALA A 669 22.89 23.45 2.36
CA ALA A 669 21.69 23.32 3.16
C ALA A 669 20.46 23.45 2.29
N TYR A 670 20.49 24.37 1.32
CA TYR A 670 19.36 24.50 0.41
C TYR A 670 19.16 23.23 -0.39
N VAL A 671 20.24 22.67 -0.93
CA VAL A 671 20.13 21.49 -1.78
C VAL A 671 19.58 20.33 -0.99
N ILE A 672 20.07 20.11 0.22
CA ILE A 672 19.58 19.01 1.03
C ILE A 672 18.12 19.21 1.38
N LEU A 673 17.75 20.42 1.80
CA LEU A 673 16.38 20.65 2.22
C LEU A 673 15.42 20.51 1.06
N THR A 674 15.78 21.01 -0.12
CA THR A 674 14.85 21.08 -1.25
C THR A 674 15.00 19.89 -2.18
N TYR A 675 16.19 19.71 -2.74
CA TYR A 675 16.36 18.73 -3.81
C TYR A 675 16.24 17.31 -3.28
N ILE A 676 16.91 17.02 -2.16
CA ILE A 676 17.01 15.64 -1.72
C ILE A 676 15.83 15.25 -0.84
N LEU A 677 15.33 16.17 -0.03
CA LEU A 677 14.24 15.85 0.89
C LEU A 677 12.88 16.25 0.34
N LEU A 678 12.73 17.47 -0.14
CA LEU A 678 11.38 17.95 -0.42
C LEU A 678 10.78 17.29 -1.65
N LEU A 679 11.53 17.19 -2.74
CA LEU A 679 10.97 16.58 -3.96
C LEU A 679 10.65 15.11 -3.75
N ASN A 680 11.48 14.40 -3.00
CA ASN A 680 11.17 13.00 -2.73
C ASN A 680 9.93 12.88 -1.86
N MET A 681 9.73 13.80 -0.92
CA MET A 681 8.51 13.80 -0.15
C MET A 681 7.31 14.09 -1.04
N LEU A 682 7.47 14.97 -2.03
CA LEU A 682 6.39 15.21 -2.97
C LEU A 682 6.01 13.93 -3.68
N ILE A 683 7.01 13.17 -4.12
CA ILE A 683 6.73 11.92 -4.83
C ILE A 683 5.99 10.95 -3.92
N ALA A 684 6.46 10.83 -2.68
CA ALA A 684 5.84 9.88 -1.76
C ALA A 684 4.39 10.28 -1.44
N LEU A 685 4.16 11.56 -1.19
CA LEU A 685 2.81 12.00 -0.88
C LEU A 685 1.88 11.85 -2.09
N MET A 686 2.39 12.11 -3.29
CA MET A 686 1.59 11.86 -4.47
C MET A 686 1.25 10.38 -4.58
N GLY A 687 2.17 9.51 -4.18
CA GLY A 687 1.85 8.09 -4.13
C GLY A 687 0.69 7.79 -3.20
N GLU A 688 0.71 8.38 -2.00
CA GLU A 688 -0.38 8.15 -1.06
C GLU A 688 -1.71 8.66 -1.62
N THR A 689 -1.70 9.87 -2.17
CA THR A 689 -2.92 10.45 -2.72
C THR A 689 -3.46 9.59 -3.86
N VAL A 690 -2.57 9.09 -4.72
CA VAL A 690 -2.99 8.20 -5.79
C VAL A 690 -3.66 6.96 -5.22
N ASN A 691 -3.08 6.39 -4.16
CA ASN A 691 -3.71 5.22 -3.55
C ASN A 691 -5.11 5.53 -3.05
N LYS A 692 -5.36 6.77 -2.62
CA LYS A 692 -6.63 7.11 -2.01
C LYS A 692 -7.68 7.68 -2.96
N ILE A 693 -7.42 7.75 -4.27
CA ILE A 693 -8.37 8.30 -5.24
C ILE A 693 -8.66 7.33 -6.37
N ALA A 694 -8.42 6.04 -6.18
CA ALA A 694 -8.73 5.09 -7.24
C ALA A 694 -10.22 5.08 -7.58
N GLN A 695 -11.07 5.25 -6.57
CA GLN A 695 -12.51 5.16 -6.75
C GLN A 695 -13.16 6.50 -7.06
N GLU A 696 -12.68 7.56 -6.41
CA GLU A 696 -13.22 8.88 -6.67
C GLU A 696 -13.00 9.30 -8.12
N SER A 697 -11.88 8.88 -8.71
CA SER A 697 -11.66 9.14 -10.12
C SER A 697 -12.70 8.47 -10.99
N LYS A 698 -13.04 7.21 -10.72
CA LYS A 698 -14.05 6.54 -11.53
C LYS A 698 -15.39 7.23 -11.39
N ASN A 699 -15.77 7.57 -10.16
CA ASN A 699 -17.05 8.23 -9.98
C ASN A 699 -17.08 9.58 -10.68
N ILE A 700 -15.99 10.34 -10.59
CA ILE A 700 -15.97 11.67 -11.20
C ILE A 700 -16.00 11.54 -12.72
N TRP A 701 -15.32 10.55 -13.27
CA TRP A 701 -15.38 10.37 -14.72
C TRP A 701 -16.79 10.04 -15.17
N LYS A 702 -17.48 9.17 -14.43
CA LYS A 702 -18.85 8.86 -14.79
C LYS A 702 -19.71 10.12 -14.73
N LEU A 703 -19.46 10.96 -13.73
CA LEU A 703 -20.20 12.21 -13.63
C LEU A 703 -19.90 13.13 -14.81
N GLN A 704 -18.64 13.19 -15.23
CA GLN A 704 -18.28 14.04 -16.37
C GLN A 704 -18.97 13.55 -17.64
N ARG A 705 -19.01 12.23 -17.83
CA ARG A 705 -19.74 11.70 -18.97
C ARG A 705 -21.21 12.03 -18.86
N ALA A 706 -21.76 12.01 -17.64
CA ALA A 706 -23.16 12.36 -17.46
C ALA A 706 -23.42 13.81 -17.85
N ILE A 707 -22.52 14.71 -17.48
CA ILE A 707 -22.66 16.11 -17.87
C ILE A 707 -22.60 16.23 -19.39
N THR A 708 -21.67 15.51 -20.01
CA THR A 708 -21.56 15.58 -21.47
C THR A 708 -22.85 15.12 -22.13
N ILE A 709 -23.39 14.00 -21.68
CA ILE A 709 -24.61 13.46 -22.27
C ILE A 709 -25.76 14.44 -22.11
N LEU A 710 -25.93 14.97 -20.89
CA LEU A 710 -27.05 15.86 -20.65
C LEU A 710 -26.93 17.13 -21.48
N ASP A 711 -25.74 17.70 -21.58
CA ASP A 711 -25.60 18.92 -22.37
C ASP A 711 -25.87 18.64 -23.84
N THR A 712 -25.35 17.52 -24.37
CA THR A 712 -25.53 17.21 -25.78
C THR A 712 -27.00 17.00 -26.11
N GLU A 713 -27.72 16.24 -25.28
CA GLU A 713 -29.13 16.02 -25.58
C GLU A 713 -29.95 17.27 -25.35
N LYS A 714 -29.57 18.11 -24.37
CA LYS A 714 -30.33 19.32 -24.11
C LYS A 714 -30.25 20.27 -25.30
N SER A 715 -29.06 20.47 -25.86
CA SER A 715 -28.94 21.37 -27.01
C SER A 715 -29.30 20.65 -28.30
N PHE A 716 -28.43 19.74 -28.75
CA PHE A 716 -28.60 18.89 -29.92
C PHE A 716 -28.59 19.60 -31.27
N LEU A 717 -28.69 20.93 -31.30
CA LEU A 717 -28.48 21.76 -32.48
C LEU A 717 -29.48 21.53 -33.61
N LYS A 718 -30.52 20.70 -33.41
CA LYS A 718 -31.51 20.44 -34.44
C LYS A 718 -32.95 20.56 -33.95
N CYS A 719 -33.17 20.74 -32.65
CA CYS A 719 -34.51 20.84 -32.07
C CYS A 719 -35.32 19.56 -32.35
N MET A 720 -34.69 18.41 -32.14
CA MET A 720 -35.31 17.11 -32.30
C MET A 720 -35.29 16.36 -30.98
N ARG A 721 -36.29 15.51 -30.76
CA ARG A 721 -36.44 14.72 -29.55
C ARG A 721 -35.91 13.32 -29.81
N LYS A 722 -34.63 13.11 -29.53
CA LYS A 722 -33.98 11.82 -29.63
C LYS A 722 -33.70 11.18 -28.27
N ALA A 723 -34.12 11.80 -27.17
CA ALA A 723 -33.82 11.30 -25.84
C ALA A 723 -34.77 10.21 -25.38
N PHE A 724 -35.82 9.89 -26.14
CA PHE A 724 -36.76 8.87 -25.71
C PHE A 724 -36.09 7.50 -25.70
N ARG A 725 -36.60 6.63 -24.84
CA ARG A 725 -35.99 5.32 -24.61
C ARG A 725 -36.57 4.23 -25.52
N SER A 726 -37.88 3.94 -25.37
CA SER A 726 -38.48 2.78 -26.01
C SER A 726 -39.86 3.01 -26.60
N GLY A 727 -40.44 4.19 -26.46
CA GLY A 727 -41.79 4.45 -26.93
C GLY A 727 -42.82 4.16 -25.85
N LYS A 728 -44.06 4.50 -26.16
CA LYS A 728 -45.18 4.30 -25.23
C LYS A 728 -45.53 2.82 -25.22
N LEU A 729 -44.73 2.04 -24.50
CA LEU A 729 -44.98 0.60 -24.38
C LEU A 729 -46.01 0.32 -23.30
N LEU A 730 -46.89 -0.64 -23.59
CA LEU A 730 -48.00 -0.99 -22.68
C LEU A 730 -47.44 -1.82 -21.53
N GLN A 731 -46.87 -1.11 -20.56
CA GLN A 731 -46.24 -1.81 -19.44
C GLN A 731 -47.29 -2.49 -18.56
N VAL A 732 -48.30 -1.74 -18.13
CA VAL A 732 -49.20 -2.17 -17.07
C VAL A 732 -50.55 -2.59 -17.61
N GLY A 733 -51.16 -1.76 -18.45
CA GLY A 733 -52.50 -2.07 -18.93
C GLY A 733 -53.57 -1.98 -17.87
N PHE A 734 -53.31 -1.27 -16.77
CA PHE A 734 -54.28 -1.19 -15.69
C PHE A 734 -54.04 0.06 -14.87
N THR A 735 -55.13 0.68 -14.43
CA THR A 735 -55.14 1.76 -13.46
C THR A 735 -56.33 1.54 -12.54
N PRO A 736 -56.43 2.31 -11.45
CA PRO A 736 -57.65 2.24 -10.64
C PRO A 736 -58.92 2.51 -11.44
N ASP A 737 -58.87 3.43 -12.39
CA ASP A 737 -59.92 3.57 -13.37
C ASP A 737 -59.81 2.45 -14.41
N GLY A 738 -60.90 2.20 -15.11
CA GLY A 738 -60.94 1.11 -16.07
C GLY A 738 -60.18 1.38 -17.37
N LYS A 739 -58.92 1.81 -17.26
CA LYS A 739 -58.12 2.22 -18.41
C LYS A 739 -56.78 1.50 -18.37
N ASP A 740 -56.11 1.51 -19.51
CA ASP A 740 -54.77 0.97 -19.65
C ASP A 740 -53.75 2.05 -19.26
N ASP A 741 -52.46 1.77 -19.48
CA ASP A 741 -51.43 2.75 -19.20
C ASP A 741 -50.17 2.43 -19.97
N TYR A 742 -49.60 3.44 -20.61
CA TYR A 742 -48.32 3.37 -21.29
C TYR A 742 -47.32 4.24 -20.53
N ARG A 743 -46.14 3.67 -20.22
CA ARG A 743 -45.25 4.25 -19.22
C ARG A 743 -43.79 4.32 -19.66
N TRP A 744 -43.50 4.23 -20.96
CA TRP A 744 -42.14 4.37 -21.49
C TRP A 744 -41.16 3.43 -20.81
N CYS A 745 -41.54 2.16 -20.73
CA CYS A 745 -40.72 1.20 -19.99
C CYS A 745 -39.44 0.89 -20.75
N PHE A 746 -38.34 0.82 -20.01
CA PHE A 746 -37.02 0.47 -20.53
C PHE A 746 -36.68 -0.94 -20.05
N ARG A 747 -36.23 -1.78 -20.98
CA ARG A 747 -36.00 -3.19 -20.70
C ARG A 747 -34.56 -3.46 -20.31
N VAL A 748 -34.38 -4.37 -19.36
CA VAL A 748 -33.06 -4.81 -18.91
C VAL A 748 -33.12 -6.33 -18.75
N ASP A 749 -32.22 -7.05 -19.42
CA ASP A 749 -32.18 -8.50 -19.35
C ASP A 749 -31.16 -8.92 -18.30
N GLU A 750 -31.56 -9.83 -17.41
CA GLU A 750 -30.65 -10.40 -16.43
C GLU A 750 -30.90 -11.91 -16.37
N VAL A 751 -29.92 -12.64 -15.83
CA VAL A 751 -29.97 -14.09 -15.76
C VAL A 751 -29.62 -14.52 -14.34
N ASN A 752 -30.46 -15.36 -13.74
CA ASN A 752 -30.23 -15.81 -12.37
C ASN A 752 -31.10 -17.02 -12.09
N TRP A 753 -30.45 -18.18 -11.91
CA TRP A 753 -31.10 -19.44 -11.51
C TRP A 753 -32.38 -19.79 -12.26
N TYR B 202 11.42 -5.45 52.29
CA TYR B 202 10.73 -5.78 53.52
C TYR B 202 9.23 -5.57 53.35
N TYR B 203 8.43 -6.18 54.23
CA TYR B 203 6.98 -6.22 54.13
C TYR B 203 6.34 -5.58 55.35
N LYS B 204 6.83 -4.39 55.74
CA LYS B 204 6.38 -3.74 56.97
C LYS B 204 4.87 -3.50 56.95
N GLY B 205 4.22 -3.86 58.06
CA GLY B 205 2.81 -3.60 58.23
C GLY B 205 1.87 -4.51 57.46
N GLN B 206 2.40 -5.53 56.78
CA GLN B 206 1.56 -6.43 55.98
C GLN B 206 0.91 -7.44 56.92
N THR B 207 -0.16 -6.99 57.58
CA THR B 207 -0.85 -7.84 58.54
C THR B 207 -1.62 -8.93 57.81
N ALA B 208 -2.29 -9.78 58.59
CA ALA B 208 -3.06 -10.87 58.01
C ALA B 208 -4.17 -10.37 57.11
N LEU B 209 -4.69 -9.16 57.36
CA LEU B 209 -5.76 -8.64 56.52
C LEU B 209 -5.29 -8.45 55.09
N HIS B 210 -4.05 -7.99 54.90
CA HIS B 210 -3.51 -7.84 53.56
C HIS B 210 -3.46 -9.17 52.84
N ILE B 211 -3.03 -10.22 53.53
CA ILE B 211 -2.91 -11.53 52.91
C ILE B 211 -4.29 -12.11 52.61
N ALA B 212 -5.24 -11.91 53.52
CA ALA B 212 -6.60 -12.40 53.30
C ALA B 212 -7.22 -11.74 52.07
N ILE B 213 -7.02 -10.43 51.92
CA ILE B 213 -7.56 -9.74 50.75
C ILE B 213 -6.82 -10.19 49.50
N GLU B 214 -5.50 -10.28 49.57
CA GLU B 214 -4.69 -10.59 48.40
C GLU B 214 -5.03 -11.96 47.83
N ARG B 215 -5.20 -12.94 48.71
CA ARG B 215 -5.54 -14.29 48.27
C ARG B 215 -7.00 -14.47 47.92
N ARG B 216 -7.81 -13.40 47.99
CA ARG B 216 -9.23 -13.46 47.62
C ARG B 216 -9.98 -14.45 48.49
N ASN B 217 -9.64 -14.48 49.78
CA ASN B 217 -10.29 -15.33 50.76
C ASN B 217 -11.23 -14.45 51.58
N MET B 218 -12.51 -14.40 51.18
CA MET B 218 -13.46 -13.51 51.83
C MET B 218 -13.70 -13.93 53.28
N THR B 219 -13.66 -15.23 53.57
CA THR B 219 -13.91 -15.70 54.93
C THR B 219 -12.88 -15.15 55.90
N LEU B 220 -11.60 -15.18 55.53
CA LEU B 220 -10.57 -14.64 56.40
C LEU B 220 -10.73 -13.14 56.57
N VAL B 221 -11.09 -12.43 55.51
CA VAL B 221 -11.28 -10.99 55.62
C VAL B 221 -12.39 -10.67 56.61
N THR B 222 -13.52 -11.35 56.49
CA THR B 222 -14.63 -11.09 57.40
C THR B 222 -14.26 -11.44 58.83
N LEU B 223 -13.59 -12.58 59.04
CA LEU B 223 -13.21 -12.96 60.39
C LEU B 223 -12.23 -11.97 61.01
N LEU B 224 -11.21 -11.57 60.24
CA LEU B 224 -10.20 -10.65 60.77
C LEU B 224 -10.80 -9.30 61.09
N VAL B 225 -11.67 -8.78 60.22
CA VAL B 225 -12.28 -7.48 60.48
C VAL B 225 -13.19 -7.56 61.69
N GLU B 226 -14.02 -8.60 61.77
CA GLU B 226 -14.92 -8.73 62.91
C GLU B 226 -14.16 -8.93 64.21
N ASN B 227 -12.98 -9.56 64.16
CA ASN B 227 -12.18 -9.76 65.36
C ASN B 227 -11.49 -8.49 65.84
N GLY B 228 -11.57 -7.40 65.09
CA GLY B 228 -11.00 -6.13 65.52
C GLY B 228 -9.73 -5.72 64.81
N ALA B 229 -9.42 -6.29 63.66
CA ALA B 229 -8.25 -5.86 62.91
C ALA B 229 -8.42 -4.42 62.45
N ASP B 230 -7.36 -3.63 62.63
CA ASP B 230 -7.40 -2.22 62.28
C ASP B 230 -7.31 -2.02 60.78
N VAL B 231 -7.93 -0.95 60.30
CA VAL B 231 -7.92 -0.60 58.89
C VAL B 231 -6.74 0.30 58.55
N GLN B 232 -6.47 1.32 59.39
CA GLN B 232 -5.43 2.31 59.10
C GLN B 232 -4.06 1.72 59.44
N ALA B 233 -3.66 0.72 58.67
CA ALA B 233 -2.40 0.03 58.89
C ALA B 233 -1.27 0.75 58.15
N ALA B 234 -0.13 0.87 58.83
CA ALA B 234 1.05 1.55 58.28
C ALA B 234 1.85 0.56 57.43
N ALA B 235 1.25 0.14 56.32
CA ALA B 235 1.85 -0.85 55.42
C ALA B 235 2.84 -0.15 54.49
N ASN B 236 3.96 0.29 55.08
CA ASN B 236 5.00 1.03 54.39
C ASN B 236 6.21 0.17 54.06
N GLY B 237 6.01 -1.13 53.83
CA GLY B 237 7.11 -2.00 53.44
C GLY B 237 7.64 -1.62 52.07
N ASP B 238 8.97 -1.74 51.92
CA ASP B 238 9.63 -1.33 50.69
C ASP B 238 9.10 -2.10 49.49
N PHE B 239 8.73 -3.37 49.67
CA PHE B 239 8.07 -4.10 48.59
C PHE B 239 6.71 -3.48 48.27
N PHE B 240 5.89 -3.28 49.30
CA PHE B 240 4.49 -2.93 49.10
C PHE B 240 4.28 -1.49 48.64
N LYS B 241 5.32 -0.66 48.68
CA LYS B 241 5.21 0.74 48.27
C LYS B 241 5.34 0.80 46.74
N LYS B 242 5.49 2.02 46.21
CA LYS B 242 5.53 2.28 44.78
C LYS B 242 6.84 1.76 44.18
N THR B 243 7.20 2.24 42.98
CA THR B 243 8.30 1.73 42.18
C THR B 243 8.02 0.32 41.67
N LYS B 244 7.00 0.22 40.81
CA LYS B 244 6.54 -1.05 40.25
C LYS B 244 7.59 -1.78 39.42
N GLY B 245 8.64 -1.09 38.98
CA GLY B 245 9.65 -1.76 38.17
C GLY B 245 10.27 -2.94 38.88
N ARG B 246 10.70 -2.73 40.11
CA ARG B 246 11.05 -3.84 40.98
C ARG B 246 9.78 -4.51 41.47
N PRO B 247 9.86 -5.73 42.01
CA PRO B 247 8.66 -6.36 42.57
C PRO B 247 8.03 -5.49 43.64
N GLY B 248 6.72 -5.30 43.53
CA GLY B 248 6.02 -4.49 44.50
C GLY B 248 4.56 -4.32 44.12
N PHE B 249 3.89 -3.45 44.88
CA PHE B 249 2.48 -3.15 44.70
C PHE B 249 2.32 -1.65 44.56
N TYR B 250 1.54 -1.23 43.56
CA TYR B 250 1.58 0.14 43.10
C TYR B 250 0.97 1.14 44.09
N PHE B 251 -0.02 0.74 44.90
CA PHE B 251 -0.61 1.62 45.91
C PHE B 251 -0.70 0.88 47.24
N GLY B 252 0.37 0.96 48.02
CA GLY B 252 0.41 0.37 49.35
C GLY B 252 -0.03 1.34 50.43
N GLU B 253 0.45 1.09 51.65
CA GLU B 253 0.24 1.94 52.80
C GLU B 253 -1.22 2.00 53.27
N LEU B 254 -2.08 1.12 52.75
CA LEU B 254 -3.46 1.04 53.22
C LEU B 254 -4.08 -0.28 52.77
N PRO B 255 -4.66 -1.09 53.67
CA PRO B 255 -5.30 -2.34 53.20
C PRO B 255 -6.54 -2.10 52.37
N LEU B 256 -7.27 -1.00 52.60
CA LEU B 256 -8.41 -0.67 51.76
C LEU B 256 -8.02 -0.55 50.30
N SER B 257 -6.78 -0.15 50.02
CA SER B 257 -6.26 -0.14 48.65
C SER B 257 -6.49 -1.49 47.99
N LEU B 258 -6.10 -2.57 48.68
CA LEU B 258 -6.29 -3.89 48.09
C LEU B 258 -7.76 -4.17 47.85
N ALA B 259 -8.63 -3.76 48.78
CA ALA B 259 -10.05 -3.97 48.59
C ALA B 259 -10.53 -3.31 47.31
N ALA B 260 -9.99 -2.12 47.00
CA ALA B 260 -10.30 -1.51 45.72
C ALA B 260 -9.46 -2.11 44.59
N CYS B 261 -8.20 -2.41 44.88
CA CYS B 261 -7.26 -2.72 43.82
C CYS B 261 -7.44 -4.11 43.24
N THR B 262 -8.05 -5.03 43.98
CA THR B 262 -8.27 -6.39 43.51
C THR B 262 -9.58 -6.58 42.76
N ASN B 263 -10.36 -5.52 42.56
CA ASN B 263 -11.62 -5.57 41.82
C ASN B 263 -12.64 -6.48 42.49
N GLN B 264 -12.57 -6.64 43.80
CA GLN B 264 -13.53 -7.42 44.58
C GLN B 264 -14.49 -6.45 45.26
N LEU B 265 -15.70 -6.35 44.73
CA LEU B 265 -16.70 -5.46 45.30
C LEU B 265 -17.14 -5.92 46.69
N ALA B 266 -17.08 -7.21 46.96
CA ALA B 266 -17.60 -7.73 48.23
C ALA B 266 -16.86 -7.15 49.42
N ILE B 267 -15.53 -7.07 49.32
CA ILE B 267 -14.75 -6.55 50.44
C ILE B 267 -15.02 -5.06 50.63
N VAL B 268 -15.07 -4.30 49.53
CA VAL B 268 -15.30 -2.87 49.61
C VAL B 268 -16.66 -2.58 50.23
N LYS B 269 -17.70 -3.30 49.78
CA LYS B 269 -19.02 -3.11 50.37
C LYS B 269 -19.05 -3.60 51.81
N PHE B 270 -18.18 -4.54 52.18
CA PHE B 270 -18.14 -5.03 53.54
C PHE B 270 -17.50 -4.02 54.48
N LEU B 271 -16.46 -3.31 54.02
CA LEU B 271 -15.72 -2.40 54.86
C LEU B 271 -16.41 -1.05 55.05
N LEU B 272 -17.62 -0.87 54.52
CA LEU B 272 -18.32 0.39 54.64
C LEU B 272 -18.61 0.74 56.10
N GLN B 273 -19.05 -0.24 56.88
CA GLN B 273 -19.39 -0.04 58.29
C GLN B 273 -18.87 -1.26 59.05
N ASN B 274 -17.66 -1.14 59.58
CA ASN B 274 -17.06 -2.21 60.35
C ASN B 274 -17.46 -2.11 61.82
N SER B 275 -17.41 -3.25 62.49
CA SER B 275 -17.70 -3.29 63.92
C SER B 275 -16.61 -2.61 64.75
N TRP B 276 -15.40 -2.49 64.21
CA TRP B 276 -14.26 -1.95 64.95
C TRP B 276 -13.79 -0.62 64.38
N GLN B 277 -13.50 -0.55 63.08
CA GLN B 277 -12.96 0.65 62.45
C GLN B 277 -13.51 0.75 61.03
N PRO B 278 -14.50 1.62 60.78
CA PRO B 278 -15.00 1.74 59.41
C PRO B 278 -13.92 2.26 58.46
N ALA B 279 -14.00 1.81 57.22
CA ALA B 279 -13.06 2.27 56.20
C ALA B 279 -13.33 3.74 55.86
N ASP B 280 -12.27 4.43 55.47
CA ASP B 280 -12.32 5.84 55.07
C ASP B 280 -11.70 5.95 53.69
N ILE B 281 -12.51 6.31 52.69
CA ILE B 281 -12.01 6.44 51.33
C ILE B 281 -10.97 7.55 51.25
N SER B 282 -11.15 8.62 52.02
CA SER B 282 -10.28 9.79 51.93
C SER B 282 -8.93 9.60 52.61
N ALA B 283 -8.64 8.42 53.16
CA ALA B 283 -7.33 8.17 53.71
C ALA B 283 -6.24 8.37 52.67
N ARG B 284 -5.14 8.98 53.08
CA ARG B 284 -4.06 9.36 52.18
C ARG B 284 -2.77 8.66 52.58
N ASP B 285 -2.03 8.21 51.57
CA ASP B 285 -0.76 7.54 51.78
C ASP B 285 0.33 8.59 51.98
N SER B 286 1.60 8.14 51.92
CA SER B 286 2.72 9.05 52.14
C SER B 286 2.78 10.15 51.08
N VAL B 287 2.33 9.87 49.86
CA VAL B 287 2.36 10.83 48.77
C VAL B 287 0.99 11.47 48.55
N GLY B 288 0.07 11.31 49.50
CA GLY B 288 -1.23 11.93 49.43
C GLY B 288 -2.27 11.20 48.62
N ASN B 289 -1.92 10.07 47.99
CA ASN B 289 -2.85 9.39 47.11
C ASN B 289 -3.94 8.66 47.89
N THR B 290 -5.16 8.75 47.40
CA THR B 290 -6.33 8.07 47.94
C THR B 290 -6.70 6.91 47.04
N VAL B 291 -7.79 6.23 47.40
CA VAL B 291 -8.24 5.07 46.62
C VAL B 291 -8.54 5.49 45.19
N LEU B 292 -9.18 6.64 45.02
CA LEU B 292 -9.56 7.09 43.68
C LEU B 292 -8.33 7.31 42.81
N HIS B 293 -7.23 7.79 43.40
CA HIS B 293 -5.97 7.83 42.67
C HIS B 293 -5.49 6.43 42.34
N ALA B 294 -5.74 5.48 43.24
CA ALA B 294 -5.34 4.10 42.99
C ALA B 294 -6.06 3.54 41.77
N LEU B 295 -7.35 3.84 41.65
CA LEU B 295 -8.12 3.36 40.50
C LEU B 295 -7.57 3.91 39.20
N VAL B 296 -6.96 5.08 39.23
CA VAL B 296 -6.29 5.61 38.06
C VAL B 296 -5.00 4.85 37.81
N GLU B 297 -4.18 4.69 38.85
CA GLU B 297 -2.85 4.11 38.67
C GLU B 297 -2.92 2.66 38.21
N VAL B 298 -3.99 1.95 38.58
CA VAL B 298 -4.08 0.54 38.22
C VAL B 298 -4.34 0.34 36.72
N ALA B 299 -4.85 1.34 36.02
CA ALA B 299 -5.27 1.16 34.64
C ALA B 299 -4.06 0.91 33.74
N ASP B 300 -4.32 0.21 32.62
CA ASP B 300 -3.31 -0.03 31.59
C ASP B 300 -3.82 0.25 30.19
N ASN B 301 -4.98 0.92 30.04
CA ASN B 301 -5.54 1.26 28.73
C ASN B 301 -5.86 0.01 27.93
N THR B 302 -6.63 -0.90 28.53
CA THR B 302 -7.19 -2.05 27.85
C THR B 302 -8.68 -2.13 28.12
N VAL B 303 -9.39 -2.84 27.24
CA VAL B 303 -10.85 -2.87 27.31
C VAL B 303 -11.31 -3.51 28.61
N ASP B 304 -10.76 -4.68 28.94
CA ASP B 304 -11.20 -5.37 30.15
C ASP B 304 -10.80 -4.59 31.40
N ASN B 305 -9.56 -4.11 31.44
CA ASN B 305 -9.11 -3.29 32.57
C ASN B 305 -9.94 -2.03 32.68
N THR B 306 -10.27 -1.42 31.54
CA THR B 306 -11.15 -0.26 31.56
C THR B 306 -12.50 -0.60 32.17
N LYS B 307 -13.07 -1.76 31.81
CA LYS B 307 -14.35 -2.15 32.39
C LYS B 307 -14.25 -2.32 33.89
N PHE B 308 -13.21 -3.02 34.36
CA PHE B 308 -13.06 -3.26 35.79
C PHE B 308 -12.85 -1.95 36.54
N VAL B 309 -11.99 -1.07 36.01
CA VAL B 309 -11.70 0.18 36.69
C VAL B 309 -12.92 1.07 36.70
N THR B 310 -13.67 1.13 35.60
CA THR B 310 -14.87 1.94 35.56
C THR B 310 -15.87 1.45 36.59
N SER B 311 -16.11 0.15 36.64
CA SER B 311 -17.08 -0.38 37.60
C SER B 311 -16.66 -0.08 39.03
N MET B 312 -15.43 -0.43 39.38
CA MET B 312 -14.98 -0.27 40.76
C MET B 312 -14.93 1.20 41.15
N TYR B 313 -14.49 2.06 40.23
CA TYR B 313 -14.43 3.49 40.51
C TYR B 313 -15.81 4.05 40.78
N ASN B 314 -16.79 3.71 39.93
CA ASN B 314 -18.14 4.20 40.12
C ASN B 314 -18.72 3.73 41.45
N GLU B 315 -18.52 2.44 41.77
CA GLU B 315 -19.06 1.91 43.01
C GLU B 315 -18.42 2.60 44.22
N ILE B 316 -17.11 2.80 44.18
CA ILE B 316 -16.44 3.44 45.31
C ILE B 316 -16.95 4.86 45.49
N LEU B 317 -17.05 5.61 44.39
CA LEU B 317 -17.45 7.00 44.52
C LEU B 317 -18.88 7.11 45.04
N ILE B 318 -19.80 6.29 44.53
CA ILE B 318 -21.19 6.43 44.96
C ILE B 318 -21.33 5.99 46.40
N LEU B 319 -20.60 4.94 46.82
CA LEU B 319 -20.69 4.52 48.21
C LEU B 319 -20.11 5.58 49.14
N GLY B 320 -19.01 6.22 48.74
CA GLY B 320 -18.48 7.31 49.53
C GLY B 320 -19.46 8.47 49.64
N ALA B 321 -20.18 8.74 48.56
CA ALA B 321 -21.23 9.75 48.62
C ALA B 321 -22.34 9.34 49.57
N LYS B 322 -22.70 8.06 49.60
CA LYS B 322 -23.74 7.60 50.51
C LYS B 322 -23.30 7.75 51.96
N LEU B 323 -22.05 7.41 52.27
CA LEU B 323 -21.57 7.51 53.65
C LEU B 323 -21.31 8.95 54.05
N HIS B 324 -20.73 9.75 53.15
CA HIS B 324 -20.33 11.12 53.44
C HIS B 324 -20.80 12.00 52.29
N PRO B 325 -22.10 12.28 52.20
CA PRO B 325 -22.59 13.12 51.09
C PRO B 325 -22.03 14.53 51.10
N THR B 326 -21.56 15.03 52.24
CA THR B 326 -20.98 16.36 52.29
C THR B 326 -19.55 16.40 51.76
N LEU B 327 -18.88 15.26 51.66
CA LEU B 327 -17.48 15.21 51.25
C LEU B 327 -17.38 14.97 49.74
N LYS B 328 -16.64 15.84 49.05
CA LYS B 328 -16.38 15.70 47.62
C LYS B 328 -15.04 15.00 47.48
N LEU B 329 -15.09 13.67 47.34
CA LEU B 329 -13.87 12.89 47.28
C LEU B 329 -13.05 13.21 46.04
N GLU B 330 -13.72 13.43 44.91
CA GLU B 330 -13.01 13.60 43.65
C GLU B 330 -12.14 14.85 43.62
N GLU B 331 -12.33 15.79 44.53
CA GLU B 331 -11.56 17.03 44.58
C GLU B 331 -10.28 16.90 45.39
N ILE B 332 -10.04 15.76 46.04
CA ILE B 332 -8.89 15.63 46.93
C ILE B 332 -7.63 15.44 46.09
N THR B 333 -6.59 16.21 46.41
CA THR B 333 -5.32 16.17 45.69
C THR B 333 -4.28 15.40 46.48
N ASN B 334 -3.34 14.80 45.74
CA ASN B 334 -2.21 14.11 46.32
C ASN B 334 -1.07 15.10 46.53
N ARG B 335 0.11 14.58 46.92
CA ARG B 335 1.24 15.45 47.24
C ARG B 335 1.67 16.28 46.04
N LYS B 336 1.49 15.77 44.84
CA LYS B 336 1.88 16.50 43.63
C LYS B 336 0.87 17.58 43.24
N GLY B 337 -0.25 17.70 43.96
CA GLY B 337 -1.25 18.67 43.59
C GLY B 337 -2.14 18.25 42.45
N LEU B 338 -2.37 16.94 42.29
CA LEU B 338 -3.17 16.39 41.21
C LEU B 338 -4.43 15.75 41.78
N THR B 339 -5.56 16.06 41.17
CA THR B 339 -6.77 15.30 41.38
C THR B 339 -6.68 14.00 40.60
N PRO B 340 -7.53 13.01 40.91
CA PRO B 340 -7.51 11.78 40.11
C PRO B 340 -7.75 12.02 38.64
N LEU B 341 -8.55 13.02 38.29
CA LEU B 341 -8.72 13.38 36.89
C LEU B 341 -7.40 13.88 36.31
N ALA B 342 -6.75 14.83 37.00
CA ALA B 342 -5.48 15.34 36.51
C ALA B 342 -4.43 14.25 36.49
N LEU B 343 -4.46 13.35 37.47
CA LEU B 343 -3.52 12.23 37.47
C LEU B 343 -3.72 11.35 36.25
N ALA B 344 -4.98 11.01 35.94
CA ALA B 344 -5.26 10.19 34.76
C ALA B 344 -4.78 10.89 33.51
N ALA B 345 -5.01 12.20 33.41
CA ALA B 345 -4.60 12.93 32.22
C ALA B 345 -3.09 12.98 32.10
N SER B 346 -2.39 13.25 33.20
CA SER B 346 -0.94 13.41 33.12
C SER B 346 -0.24 12.08 32.90
N SER B 347 -0.65 11.05 33.61
CA SER B 347 0.07 9.79 33.59
C SER B 347 -0.09 9.04 32.28
N GLY B 348 -1.20 9.23 31.57
CA GLY B 348 -1.45 8.54 30.33
C GLY B 348 -2.54 7.49 30.35
N LYS B 349 -3.47 7.55 31.31
CA LYS B 349 -4.55 6.57 31.42
C LYS B 349 -5.76 7.11 30.65
N ILE B 350 -5.75 6.88 29.34
CA ILE B 350 -6.79 7.48 28.49
C ILE B 350 -8.15 6.86 28.77
N GLY B 351 -8.22 5.56 29.04
CA GLY B 351 -9.50 4.91 29.21
C GLY B 351 -10.29 5.47 30.38
N VAL B 352 -9.65 5.55 31.54
CA VAL B 352 -10.34 6.06 32.71
C VAL B 352 -10.65 7.54 32.54
N LEU B 353 -9.78 8.27 31.85
CA LEU B 353 -10.06 9.67 31.57
C LEU B 353 -11.33 9.79 30.73
N ALA B 354 -11.44 8.96 29.68
CA ALA B 354 -12.60 8.98 28.83
C ALA B 354 -13.86 8.65 29.62
N TYR B 355 -13.76 7.73 30.57
CA TYR B 355 -14.92 7.46 31.42
C TYR B 355 -15.27 8.68 32.27
N ILE B 356 -14.29 9.22 33.00
CA ILE B 356 -14.56 10.22 34.02
C ILE B 356 -15.13 11.49 33.39
N LEU B 357 -14.61 11.88 32.24
CA LEU B 357 -15.01 13.16 31.67
C LEU B 357 -16.48 13.22 31.28
N GLN B 358 -17.13 12.06 31.09
CA GLN B 358 -18.50 12.04 30.59
C GLN B 358 -19.37 11.00 31.31
N ARG B 359 -19.07 10.69 32.56
CA ARG B 359 -19.91 9.78 33.33
C ARG B 359 -21.20 10.49 33.75
N GLU B 360 -22.26 9.70 33.93
CA GLU B 360 -23.54 10.22 34.40
C GLU B 360 -24.23 9.16 35.26
N ILE B 361 -25.03 9.63 36.21
CA ILE B 361 -25.82 8.78 37.09
C ILE B 361 -27.24 9.31 37.11
N HIS B 362 -28.20 8.46 36.70
CA HIS B 362 -29.62 8.81 36.67
C HIS B 362 -30.33 8.27 37.91
N GLU B 363 -30.02 8.85 39.06
CA GLU B 363 -30.62 8.47 40.33
C GLU B 363 -30.82 9.72 41.18
N PRO B 364 -31.81 9.72 42.08
CA PRO B 364 -31.94 10.86 42.99
C PRO B 364 -30.80 10.88 44.00
N GLU B 365 -30.38 12.10 44.35
CA GLU B 365 -29.28 12.32 45.30
C GLU B 365 -27.96 11.69 44.85
N CYS B 366 -27.83 11.38 43.56
CA CYS B 366 -26.57 10.91 42.97
C CYS B 366 -26.30 11.64 41.67
N ARG B 367 -27.35 12.10 40.98
CA ARG B 367 -27.17 12.83 39.72
C ARG B 367 -26.32 14.07 39.91
N HIS B 368 -26.28 14.64 41.12
CA HIS B 368 -25.43 15.79 41.37
C HIS B 368 -23.94 15.46 41.25
N LEU B 369 -23.58 14.18 41.20
CA LEU B 369 -22.22 13.75 40.97
C LEU B 369 -21.88 13.60 39.49
N SER B 370 -22.85 13.71 38.60
CA SER B 370 -22.61 13.46 37.19
C SER B 370 -21.80 14.57 36.55
N ARG B 371 -20.96 14.19 35.58
CA ARG B 371 -20.35 15.16 34.69
C ARG B 371 -21.23 15.45 33.49
N LYS B 372 -21.77 14.41 32.86
CA LYS B 372 -22.65 14.57 31.70
C LYS B 372 -24.09 14.63 32.16
N PHE B 373 -24.87 15.44 31.47
CA PHE B 373 -26.30 15.57 31.73
C PHE B 373 -27.02 15.60 30.38
N THR B 374 -28.34 15.50 30.44
CA THR B 374 -29.20 15.66 29.27
C THR B 374 -30.35 16.55 29.69
N GLU B 375 -30.24 17.86 29.41
CA GLU B 375 -31.26 18.78 29.87
C GLU B 375 -32.54 18.67 29.06
N TRP B 376 -32.43 18.55 27.73
CA TRP B 376 -33.58 18.60 26.84
C TRP B 376 -33.48 17.50 25.80
N ALA B 377 -34.65 17.02 25.38
CA ALA B 377 -34.76 16.08 24.29
C ALA B 377 -36.04 16.34 23.52
N TYR B 378 -35.93 16.30 22.19
CA TYR B 378 -37.06 16.49 21.26
C TYR B 378 -36.95 15.39 20.21
N GLY B 379 -37.62 14.26 20.46
CA GLY B 379 -37.57 13.13 19.56
C GLY B 379 -36.15 12.61 19.42
N PRO B 380 -35.54 12.74 18.22
CA PRO B 380 -34.14 12.29 18.09
C PRO B 380 -33.12 13.28 18.66
N VAL B 381 -33.51 14.51 18.97
CA VAL B 381 -32.57 15.55 19.35
C VAL B 381 -32.32 15.46 20.84
N HIS B 382 -31.05 15.54 21.24
CA HIS B 382 -30.63 15.51 22.64
C HIS B 382 -29.62 16.63 22.87
N SER B 383 -29.83 17.42 23.92
CA SER B 383 -28.96 18.55 24.25
C SER B 383 -28.14 18.18 25.49
N SER B 384 -26.98 17.57 25.26
CA SER B 384 -26.12 17.16 26.36
C SER B 384 -25.40 18.35 26.96
N LEU B 385 -25.05 18.23 28.24
CA LEU B 385 -24.29 19.24 28.96
C LEU B 385 -23.10 18.59 29.65
N TYR B 386 -21.96 19.27 29.60
CA TYR B 386 -20.75 18.82 30.29
C TYR B 386 -20.26 19.93 31.21
N ASP B 387 -20.03 19.61 32.48
CA ASP B 387 -19.65 20.65 33.43
C ASP B 387 -18.28 21.25 33.12
N LEU B 388 -17.31 20.43 32.74
CA LEU B 388 -15.98 20.90 32.35
C LEU B 388 -15.29 21.70 33.45
N SER B 389 -15.57 21.40 34.72
CA SER B 389 -14.76 22.01 35.76
C SER B 389 -13.35 21.48 35.68
N CYS B 390 -12.37 22.34 35.97
CA CYS B 390 -10.96 21.99 35.98
C CYS B 390 -10.43 21.55 34.62
N ILE B 391 -11.15 21.84 33.54
CA ILE B 391 -10.61 21.72 32.18
C ILE B 391 -10.15 23.08 31.67
N ASP B 392 -11.01 24.10 31.78
CA ASP B 392 -10.58 25.45 31.43
C ASP B 392 -9.57 25.95 32.44
N THR B 393 -9.78 25.66 33.72
CA THR B 393 -8.85 26.03 34.77
C THR B 393 -9.21 25.31 36.05
N CYS B 394 -8.21 24.75 36.72
CA CYS B 394 -8.32 24.18 38.05
C CYS B 394 -7.47 24.94 39.06
N GLU B 395 -6.97 26.11 38.68
CA GLU B 395 -6.18 27.03 39.50
C GLU B 395 -4.75 26.57 39.73
N LYS B 396 -4.41 25.32 39.43
CA LYS B 396 -3.01 24.89 39.37
C LYS B 396 -2.72 24.13 38.09
N ASN B 397 -3.54 23.11 37.80
CA ASN B 397 -3.28 22.16 36.70
C ASN B 397 -4.62 21.69 36.16
N SER B 398 -5.02 22.23 35.02
CA SER B 398 -6.19 21.74 34.32
C SER B 398 -5.82 20.53 33.47
N VAL B 399 -6.84 19.85 32.95
CA VAL B 399 -6.58 18.70 32.10
C VAL B 399 -5.82 19.11 30.84
N LEU B 400 -6.22 20.22 30.23
CA LEU B 400 -5.53 20.65 29.01
C LEU B 400 -4.10 21.06 29.30
N GLU B 401 -3.86 21.71 30.43
CA GLU B 401 -2.50 22.12 30.78
C GLU B 401 -1.58 20.91 30.92
N VAL B 402 -2.05 19.87 31.61
CA VAL B 402 -1.20 18.70 31.82
C VAL B 402 -1.04 17.89 30.56
N ILE B 403 -2.08 17.80 29.72
CA ILE B 403 -1.93 17.04 28.49
C ILE B 403 -0.96 17.74 27.56
N ALA B 404 -1.14 19.05 27.37
CA ALA B 404 -0.34 19.76 26.38
C ALA B 404 1.12 19.87 26.80
N TYR B 405 1.36 20.20 28.07
CA TYR B 405 2.71 20.46 28.56
C TYR B 405 3.33 19.24 29.23
N SER B 406 2.99 18.04 28.78
CA SER B 406 3.59 16.85 29.33
C SER B 406 5.08 16.77 28.95
N SER B 407 5.77 15.80 29.52
CA SER B 407 7.19 15.60 29.29
C SER B 407 7.50 14.80 28.03
N SER B 408 6.50 14.46 27.21
CA SER B 408 6.58 13.70 25.98
C SER B 408 6.69 12.19 26.23
N GLU B 409 6.79 11.75 27.48
CA GLU B 409 6.79 10.32 27.79
C GLU B 409 5.40 9.77 28.01
N THR B 410 4.40 10.62 28.13
CA THR B 410 3.04 10.15 28.31
C THR B 410 2.59 9.42 27.05
N PRO B 411 2.26 8.13 27.10
CA PRO B 411 1.98 7.41 25.85
C PRO B 411 0.81 7.94 25.05
N ASN B 412 -0.17 8.59 25.68
CA ASN B 412 -1.43 8.91 25.04
C ASN B 412 -1.70 10.42 24.94
N ARG B 413 -0.67 11.25 25.07
CA ARG B 413 -0.89 12.69 25.01
C ARG B 413 -1.42 13.12 23.65
N HIS B 414 -1.15 12.35 22.59
CA HIS B 414 -1.72 12.65 21.30
C HIS B 414 -3.18 12.26 21.19
N ASP B 415 -3.59 11.17 21.86
CA ASP B 415 -4.92 10.62 21.70
C ASP B 415 -5.94 11.19 22.67
N MET B 416 -5.49 11.78 23.79
CA MET B 416 -6.43 12.24 24.80
C MET B 416 -7.33 13.35 24.27
N LEU B 417 -6.81 14.22 23.42
CA LEU B 417 -7.59 15.36 22.94
C LEU B 417 -8.65 14.98 21.91
N LEU B 418 -8.77 13.70 21.55
CA LEU B 418 -9.81 13.28 20.62
C LEU B 418 -11.16 13.07 21.28
N VAL B 419 -11.23 13.02 22.61
CA VAL B 419 -12.50 12.77 23.28
C VAL B 419 -13.45 13.93 23.07
N GLU B 420 -14.75 13.68 23.33
CA GLU B 420 -15.78 14.65 22.95
C GLU B 420 -15.63 16.00 23.63
N PRO B 421 -15.60 16.10 24.96
CA PRO B 421 -15.64 17.45 25.56
C PRO B 421 -14.38 18.25 25.30
N LEU B 422 -13.22 17.62 25.28
CA LEU B 422 -12.00 18.39 25.01
C LEU B 422 -11.97 18.86 23.57
N ASN B 423 -12.33 17.99 22.62
CA ASN B 423 -12.35 18.40 21.22
C ASN B 423 -13.34 19.54 20.99
N ARG B 424 -14.52 19.44 21.58
CA ARG B 424 -15.51 20.50 21.42
C ARG B 424 -15.04 21.80 22.05
N LEU B 425 -14.45 21.73 23.25
CA LEU B 425 -13.98 22.95 23.90
C LEU B 425 -12.88 23.61 23.07
N LEU B 426 -11.93 22.82 22.57
CA LEU B 426 -10.86 23.41 21.80
C LEU B 426 -11.38 24.04 20.51
N GLN B 427 -12.33 23.38 19.86
CA GLN B 427 -12.89 23.97 18.65
C GLN B 427 -13.64 25.25 18.97
N ASP B 428 -14.37 25.29 20.09
CA ASP B 428 -15.07 26.50 20.48
C ASP B 428 -14.09 27.63 20.74
N LYS B 429 -13.00 27.34 21.45
CA LYS B 429 -12.03 28.38 21.74
C LYS B 429 -11.32 28.85 20.47
N TRP B 430 -11.08 27.93 19.55
CA TRP B 430 -10.49 28.31 18.27
C TRP B 430 -11.40 29.27 17.53
N ASP B 431 -12.67 28.89 17.38
CA ASP B 431 -13.60 29.72 16.63
C ASP B 431 -13.90 31.03 17.33
N ARG B 432 -13.81 31.06 18.66
CA ARG B 432 -14.27 32.24 19.39
C ARG B 432 -13.35 33.42 19.15
N PHE B 433 -12.12 33.34 19.65
CA PHE B 433 -11.19 34.46 19.59
C PHE B 433 -9.78 34.08 19.18
N VAL B 434 -9.40 32.80 19.34
CA VAL B 434 -8.01 32.43 19.08
C VAL B 434 -7.69 32.49 17.60
N LYS B 435 -8.65 32.14 16.74
CA LYS B 435 -8.41 32.17 15.31
C LYS B 435 -7.95 33.53 14.84
N ARG B 436 -8.64 34.58 15.28
CA ARG B 436 -8.28 35.93 14.85
C ARG B 436 -6.91 36.32 15.36
N ILE B 437 -6.62 36.04 16.63
CA ILE B 437 -5.33 36.45 17.18
C ILE B 437 -4.21 35.69 16.49
N PHE B 438 -4.41 34.41 16.20
CA PHE B 438 -3.36 33.65 15.54
C PHE B 438 -3.09 34.16 14.15
N TYR B 439 -4.15 34.40 13.36
CA TYR B 439 -3.93 34.94 12.03
C TYR B 439 -3.29 36.31 12.09
N PHE B 440 -3.66 37.12 13.07
CA PHE B 440 -3.03 38.42 13.23
C PHE B 440 -1.55 38.28 13.52
N ASN B 441 -1.19 37.35 14.40
CA ASN B 441 0.22 37.13 14.70
C ASN B 441 0.97 36.69 13.46
N PHE B 442 0.36 35.83 12.65
CA PHE B 442 0.98 35.38 11.41
C PHE B 442 1.24 36.57 10.49
N PHE B 443 0.25 37.45 10.36
CA PHE B 443 0.40 38.63 9.52
C PHE B 443 1.52 39.53 10.04
N VAL B 444 1.56 39.75 11.35
CA VAL B 444 2.59 40.62 11.92
C VAL B 444 3.96 40.02 11.68
N TYR B 445 4.10 38.72 11.89
CA TYR B 445 5.39 38.07 11.67
C TYR B 445 5.81 38.20 10.21
N CYS B 446 4.87 38.02 9.28
CA CYS B 446 5.21 38.20 7.87
C CYS B 446 5.73 39.60 7.60
N LEU B 447 5.07 40.61 8.17
CA LEU B 447 5.55 41.97 7.97
C LEU B 447 6.93 42.15 8.58
N TYR B 448 7.18 41.52 9.72
CA TYR B 448 8.48 41.60 10.36
C TYR B 448 9.55 41.02 9.46
N MET B 449 9.28 39.85 8.90
CA MET B 449 10.27 39.21 8.04
C MET B 449 10.51 40.03 6.78
N ILE B 450 9.46 40.64 6.23
CA ILE B 450 9.65 41.47 5.04
C ILE B 450 10.53 42.66 5.37
N ILE B 451 10.28 43.31 6.51
CA ILE B 451 11.10 44.45 6.90
C ILE B 451 12.54 44.01 7.11
N PHE B 452 12.74 42.86 7.74
CA PHE B 452 14.08 42.37 7.98
C PHE B 452 14.79 42.11 6.66
N THR B 453 14.10 41.46 5.71
CA THR B 453 14.71 41.16 4.43
C THR B 453 15.11 42.43 3.71
N ALA B 454 14.21 43.41 3.70
CA ALA B 454 14.50 44.66 3.03
C ALA B 454 15.68 45.36 3.68
N ALA B 455 15.75 45.34 5.01
CA ALA B 455 16.87 45.96 5.70
C ALA B 455 18.18 45.25 5.36
N ALA B 456 18.15 43.93 5.30
CA ALA B 456 19.37 43.19 5.03
C ALA B 456 19.85 43.41 3.61
N TYR B 457 18.95 43.30 2.63
CA TYR B 457 19.35 43.33 1.23
C TYR B 457 19.99 44.65 0.86
N TYR B 458 19.50 45.76 1.43
CA TYR B 458 20.05 47.09 1.17
C TYR B 458 21.12 47.49 2.17
N ARG B 459 21.81 46.54 2.78
CA ARG B 459 22.85 46.91 3.72
C ARG B 459 23.96 47.67 3.00
N PRO B 460 24.75 48.46 3.70
CA PRO B 460 25.86 49.16 3.05
C PRO B 460 26.99 48.20 2.68
N VAL B 461 27.85 48.66 1.80
CA VAL B 461 28.94 47.87 1.23
C VAL B 461 30.31 48.48 1.54
N GLU B 462 30.39 49.31 2.58
CA GLU B 462 31.68 49.82 3.05
C GLU B 462 32.28 48.83 4.05
N GLY B 463 33.47 49.17 4.57
CA GLY B 463 34.14 48.35 5.55
C GLY B 463 34.06 48.92 6.96
N LEU B 464 34.23 48.03 7.95
CA LEU B 464 34.37 48.43 9.35
C LEU B 464 33.14 49.18 9.87
N PRO B 465 32.02 48.49 10.12
CA PRO B 465 30.86 49.17 10.71
C PRO B 465 31.17 49.73 12.08
N PRO B 466 30.29 50.56 12.66
CA PRO B 466 29.01 51.07 12.17
C PRO B 466 29.18 52.14 11.11
N TYR B 467 28.08 52.50 10.45
CA TYR B 467 28.07 53.48 9.38
C TYR B 467 27.05 54.56 9.70
N LYS B 468 27.43 55.81 9.42
CA LYS B 468 26.66 56.96 9.89
C LYS B 468 25.54 57.31 8.92
N LEU B 469 24.50 57.93 9.46
CA LEU B 469 23.39 58.40 8.65
C LEU B 469 23.80 59.65 7.90
N LYS B 470 23.12 59.89 6.79
CA LYS B 470 23.35 61.05 5.93
C LYS B 470 22.06 61.87 5.87
N ASN B 471 22.09 62.92 5.03
CA ASN B 471 20.95 63.81 4.87
C ASN B 471 19.92 63.28 3.88
N THR B 472 20.10 62.08 3.37
CA THR B 472 19.13 61.49 2.46
C THR B 472 18.01 60.84 3.27
N VAL B 473 17.08 60.18 2.58
CA VAL B 473 15.92 59.57 3.20
C VAL B 473 16.10 58.06 3.28
N GLY B 474 16.86 57.50 2.33
CA GLY B 474 17.05 56.07 2.30
C GLY B 474 17.69 55.54 3.57
N ASP B 475 18.67 56.26 4.11
CA ASP B 475 19.33 55.80 5.33
C ASP B 475 18.36 55.75 6.49
N TYR B 476 17.39 56.66 6.55
CA TYR B 476 16.43 56.63 7.64
C TYR B 476 15.51 55.42 7.52
N PHE B 477 15.07 55.09 6.30
CA PHE B 477 14.29 53.87 6.13
C PHE B 477 15.10 52.64 6.49
N ARG B 478 16.36 52.61 6.08
CA ARG B 478 17.20 51.44 6.35
C ARG B 478 17.41 51.25 7.85
N VAL B 479 17.78 52.33 8.55
CA VAL B 479 18.04 52.19 9.99
C VAL B 479 16.75 51.91 10.73
N THR B 480 15.61 52.42 10.24
CA THR B 480 14.33 52.06 10.84
C THR B 480 14.08 50.57 10.71
N GLY B 481 14.34 50.02 9.52
CA GLY B 481 14.17 48.59 9.34
C GLY B 481 15.09 47.78 10.23
N GLU B 482 16.35 48.24 10.37
CA GLU B 482 17.28 47.55 11.25
C GLU B 482 16.80 47.55 12.69
N ILE B 483 16.29 48.69 13.15
CA ILE B 483 15.84 48.80 14.53
C ILE B 483 14.63 47.90 14.76
N LEU B 484 13.68 47.91 13.82
CA LEU B 484 12.52 47.01 13.96
C LEU B 484 12.96 45.55 13.96
N SER B 485 13.91 45.21 13.09
CA SER B 485 14.39 43.84 13.01
C SER B 485 15.03 43.41 14.32
N VAL B 486 15.91 44.25 14.88
CA VAL B 486 16.58 43.90 16.12
C VAL B 486 15.58 43.83 17.26
N SER B 487 14.58 44.72 17.26
CA SER B 487 13.54 44.65 18.27
C SER B 487 12.81 43.32 18.20
N GLY B 488 12.50 42.86 16.99
CA GLY B 488 11.89 41.55 16.86
C GLY B 488 12.77 40.45 17.37
N GLY B 489 14.07 40.53 17.07
CA GLY B 489 14.99 39.53 17.58
C GLY B 489 15.01 39.48 19.10
N VAL B 490 15.02 40.65 19.73
CA VAL B 490 15.02 40.70 21.19
C VAL B 490 13.72 40.12 21.74
N TYR B 491 12.58 40.44 21.10
CA TYR B 491 11.31 39.89 21.55
C TYR B 491 11.35 38.37 21.53
N PHE B 492 11.83 37.79 20.43
CA PHE B 492 11.88 36.33 20.38
C PHE B 492 12.88 35.77 21.38
N PHE B 493 13.97 36.48 21.64
CA PHE B 493 14.91 36.04 22.67
C PHE B 493 14.21 35.90 24.01
N PHE B 494 13.49 36.94 24.42
CA PHE B 494 12.84 36.89 25.72
C PHE B 494 11.68 35.89 25.72
N ARG B 495 11.01 35.70 24.58
CA ARG B 495 9.99 34.66 24.54
C ARG B 495 10.60 33.28 24.75
N GLY B 496 11.77 33.04 24.16
CA GLY B 496 12.42 31.76 24.38
C GLY B 496 12.78 31.54 25.83
N ILE B 497 13.32 32.58 26.47
CA ILE B 497 13.66 32.44 27.90
C ILE B 497 12.40 32.18 28.72
N GLN B 498 11.34 32.95 28.46
CA GLN B 498 10.11 32.77 29.22
C GLN B 498 9.56 31.36 29.02
N TYR B 499 9.67 30.83 27.81
CA TYR B 499 9.22 29.46 27.59
C TYR B 499 10.05 28.49 28.42
N PHE B 500 11.37 28.66 28.44
CA PHE B 500 12.21 27.72 29.17
C PHE B 500 11.90 27.75 30.66
N LEU B 501 11.85 28.95 31.23
CA LEU B 501 11.71 29.08 32.68
C LEU B 501 10.38 28.50 33.16
N GLN B 502 9.32 28.69 32.40
CA GLN B 502 8.01 28.21 32.81
C GLN B 502 7.81 26.72 32.59
N ARG B 503 8.81 26.01 32.05
CA ARG B 503 8.73 24.58 31.80
C ARG B 503 9.85 23.78 32.43
N ARG B 504 11.09 24.27 32.34
CA ARG B 504 12.30 23.57 32.80
C ARG B 504 12.35 22.11 32.35
N PRO B 505 12.26 21.84 31.06
CA PRO B 505 12.38 20.45 30.60
C PRO B 505 13.82 19.98 30.61
N SER B 506 13.98 18.67 30.68
CA SER B 506 15.30 18.05 30.68
C SER B 506 15.81 17.86 29.26
N LEU B 507 17.07 17.44 29.16
CA LEU B 507 17.67 17.17 27.85
C LEU B 507 16.90 16.10 27.09
N LYS B 508 16.45 15.05 27.79
CA LYS B 508 15.71 13.98 27.13
C LYS B 508 14.33 14.43 26.69
N SER B 509 13.84 15.57 27.18
CA SER B 509 12.60 16.17 26.73
C SER B 509 12.79 17.44 25.93
N LEU B 510 13.94 18.12 26.09
CA LEU B 510 14.13 19.41 25.43
C LEU B 510 14.38 19.24 23.94
N PHE B 511 15.23 18.29 23.55
CA PHE B 511 15.62 18.10 22.16
C PHE B 511 14.78 17.06 21.43
N VAL B 512 13.77 16.50 22.08
CA VAL B 512 12.77 15.67 21.41
C VAL B 512 11.42 16.36 21.32
N ASP B 513 11.28 17.57 21.87
CA ASP B 513 10.01 18.30 21.85
C ASP B 513 10.33 19.78 21.82
N SER B 514 9.31 20.58 21.53
CA SER B 514 9.44 22.04 21.51
C SER B 514 10.48 22.50 20.49
N TYR B 515 10.39 21.95 19.29
CA TYR B 515 11.37 22.36 18.29
C TYR B 515 11.17 23.81 17.86
N SER B 516 9.96 24.20 17.72
CA SER B 516 9.73 25.53 17.20
C SER B 516 10.28 26.61 18.13
N GLU B 517 10.11 26.42 19.44
CA GLU B 517 10.64 27.40 20.38
C GLU B 517 12.15 27.44 20.31
N ILE B 518 12.79 26.28 20.17
CA ILE B 518 14.24 26.23 20.03
C ILE B 518 14.68 26.98 18.78
N LEU B 519 13.98 26.74 17.67
CA LEU B 519 14.37 27.38 16.42
C LEU B 519 14.20 28.89 16.48
N PHE B 520 13.09 29.36 17.04
CA PHE B 520 12.91 30.81 17.18
C PHE B 520 13.97 31.40 18.10
N PHE B 521 14.29 30.69 19.19
CA PHE B 521 15.34 31.19 20.07
C PHE B 521 16.67 31.26 19.35
N VAL B 522 16.97 30.23 18.55
CA VAL B 522 18.24 30.21 17.81
C VAL B 522 18.30 31.37 16.83
N GLN B 523 17.18 31.65 16.16
CA GLN B 523 17.12 32.82 15.28
C GLN B 523 17.49 34.08 16.03
N SER B 524 16.89 34.27 17.21
CA SER B 524 17.18 35.49 17.94
C SER B 524 18.63 35.53 18.40
N LEU B 525 19.21 34.37 18.72
CA LEU B 525 20.61 34.35 19.09
C LEU B 525 21.49 34.83 17.95
N PHE B 526 21.20 34.35 16.74
CA PHE B 526 21.98 34.79 15.58
C PHE B 526 21.84 36.28 15.36
N MET B 527 20.62 36.80 15.51
CA MET B 527 20.42 38.23 15.33
C MET B 527 21.22 39.03 16.35
N LEU B 528 21.23 38.57 17.60
CA LEU B 528 21.96 39.32 18.63
C LEU B 528 23.46 39.26 18.40
N VAL B 529 23.98 38.10 17.99
CA VAL B 529 25.40 38.00 17.66
C VAL B 529 25.73 38.96 16.53
N SER B 530 24.81 39.07 15.56
CA SER B 530 25.02 40.03 14.48
C SER B 530 25.09 41.46 15.01
N VAL B 531 24.23 41.81 15.96
CA VAL B 531 24.28 43.15 16.52
C VAL B 531 25.62 43.39 17.21
N VAL B 532 26.07 42.40 17.97
CA VAL B 532 27.34 42.52 18.69
C VAL B 532 28.48 42.77 17.71
N LEU B 533 28.52 41.99 16.63
CA LEU B 533 29.57 42.18 15.65
C LEU B 533 29.43 43.51 14.92
N TYR B 534 28.19 43.95 14.66
CA TYR B 534 28.00 45.21 13.98
C TYR B 534 28.59 46.36 14.76
N PHE B 535 28.35 46.39 16.07
CA PHE B 535 28.97 47.43 16.89
C PHE B 535 30.43 47.13 17.21
N SER B 536 30.87 45.88 17.08
CA SER B 536 32.25 45.51 17.41
C SER B 536 33.22 45.79 16.28
N GLN B 537 32.84 46.51 15.24
CA GLN B 537 33.73 46.87 14.15
C GLN B 537 34.25 45.62 13.43
N ARG B 538 33.31 44.78 12.99
CA ARG B 538 33.61 43.59 12.23
C ARG B 538 32.69 43.49 11.02
N LYS B 539 33.21 42.85 9.98
CA LYS B 539 32.41 42.54 8.81
C LYS B 539 31.55 41.29 9.01
N GLU B 540 31.98 40.38 9.88
CA GLU B 540 31.31 39.10 10.02
C GLU B 540 29.89 39.21 10.55
N TYR B 541 29.44 40.41 10.93
CA TYR B 541 28.03 40.58 11.26
C TYR B 541 27.15 40.18 10.09
N VAL B 542 27.66 40.28 8.86
CA VAL B 542 26.88 39.79 7.73
C VAL B 542 26.65 38.30 7.86
N ALA B 543 27.71 37.56 8.19
CA ALA B 543 27.64 36.10 8.19
C ALA B 543 26.61 35.61 9.19
N SER B 544 26.55 36.21 10.36
CA SER B 544 25.51 35.82 11.29
C SER B 544 24.14 36.24 10.79
N MET B 545 24.03 37.48 10.28
CA MET B 545 22.71 38.03 9.98
C MET B 545 21.97 37.18 8.97
N VAL B 546 22.66 36.77 7.90
CA VAL B 546 22.01 36.00 6.86
C VAL B 546 21.50 34.70 7.40
N PHE B 547 22.24 34.07 8.32
CA PHE B 547 21.75 32.82 8.88
C PHE B 547 20.42 33.05 9.55
N SER B 548 20.33 34.11 10.35
CA SER B 548 19.07 34.42 10.99
C SER B 548 18.00 34.64 9.94
N LEU B 549 18.33 35.40 8.89
CA LEU B 549 17.36 35.66 7.84
C LEU B 549 16.87 34.37 7.23
N ALA B 550 17.79 33.45 6.93
CA ALA B 550 17.37 32.17 6.36
C ALA B 550 16.45 31.44 7.33
N MET B 551 16.85 31.34 8.60
CA MET B 551 16.01 30.64 9.55
C MET B 551 14.68 31.35 9.71
N GLY B 552 14.71 32.69 9.65
CA GLY B 552 13.48 33.43 9.81
C GLY B 552 12.47 33.01 8.76
N TRP B 553 12.89 32.97 7.50
CA TRP B 553 11.95 32.61 6.46
C TRP B 553 11.50 31.17 6.64
N THR B 554 12.43 30.30 6.98
CA THR B 554 12.06 28.91 7.18
C THR B 554 11.07 28.79 8.33
N ASN B 555 11.25 29.59 9.38
CA ASN B 555 10.36 29.48 10.51
C ASN B 555 8.96 29.94 10.19
N MET B 556 8.75 30.53 9.01
CA MET B 556 7.40 30.82 8.57
C MET B 556 6.53 29.57 8.59
N LEU B 557 7.13 28.39 8.35
CA LEU B 557 6.34 27.17 8.34
C LEU B 557 5.70 26.88 9.69
N TYR B 558 6.22 27.46 10.77
CA TYR B 558 5.59 27.29 12.08
C TYR B 558 4.13 27.68 12.04
N TYR B 559 3.79 28.68 11.24
CA TYR B 559 2.42 29.16 11.22
C TYR B 559 1.49 28.31 10.38
N THR B 560 1.95 27.22 9.77
CA THR B 560 1.01 26.38 9.02
C THR B 560 0.02 25.70 9.95
N ARG B 561 0.36 25.55 11.23
CA ARG B 561 -0.64 25.11 12.17
C ARG B 561 -1.77 26.12 12.22
N GLY B 562 -2.98 25.64 12.43
CA GLY B 562 -4.18 26.44 12.30
C GLY B 562 -4.82 26.36 10.92
N PHE B 563 -4.09 25.86 9.93
CA PHE B 563 -4.62 25.54 8.62
C PHE B 563 -4.55 24.03 8.48
N GLN B 564 -5.70 23.38 8.28
CA GLN B 564 -5.78 21.92 8.35
C GLN B 564 -4.78 21.26 7.40
N GLN B 565 -4.94 21.47 6.10
CA GLN B 565 -4.15 20.73 5.13
C GLN B 565 -2.68 21.14 5.19
N MET B 566 -2.42 22.44 5.30
CA MET B 566 -1.05 22.90 5.36
C MET B 566 -0.35 22.39 6.62
N GLY B 567 -1.06 22.37 7.74
CA GLY B 567 -0.45 21.89 8.97
C GLY B 567 -0.12 20.42 8.92
N ILE B 568 -1.03 19.60 8.39
CA ILE B 568 -0.73 18.18 8.25
C ILE B 568 0.48 17.99 7.35
N TYR B 569 0.52 18.74 6.25
CA TYR B 569 1.64 18.65 5.33
C TYR B 569 2.95 19.01 6.02
N ALA B 570 2.96 20.10 6.77
CA ALA B 570 4.20 20.57 7.37
C ALA B 570 4.68 19.64 8.47
N VAL B 571 3.75 19.08 9.26
CA VAL B 571 4.22 18.19 10.31
C VAL B 571 4.72 16.89 9.71
N MET B 572 4.11 16.43 8.61
CA MET B 572 4.65 15.26 7.94
C MET B 572 6.07 15.52 7.46
N ILE B 573 6.31 16.71 6.92
CA ILE B 573 7.66 17.03 6.47
C ILE B 573 8.63 17.05 7.64
N GLU B 574 8.22 17.63 8.77
CA GLU B 574 9.11 17.66 9.93
C GLU B 574 9.46 16.25 10.39
N LYS B 575 8.46 15.37 10.47
CA LYS B 575 8.73 14.02 10.92
C LYS B 575 9.59 13.25 9.92
N MET B 576 9.40 13.48 8.62
CA MET B 576 10.27 12.84 7.62
C MET B 576 11.61 13.53 7.48
N ILE B 577 11.87 14.61 8.19
CA ILE B 577 13.22 15.13 8.35
C ILE B 577 13.92 14.49 9.53
N LEU B 578 13.24 14.42 10.67
CA LEU B 578 13.90 13.88 11.85
C LEU B 578 14.19 12.39 11.73
N ARG B 579 13.23 11.62 11.22
CA ARG B 579 13.41 10.17 11.14
C ARG B 579 14.27 9.75 9.97
N ASP B 580 14.64 10.67 9.06
CA ASP B 580 15.28 10.32 7.80
C ASP B 580 16.76 10.63 7.80
N LEU B 581 17.16 11.87 8.04
CA LEU B 581 18.54 12.26 7.84
C LEU B 581 19.46 11.48 8.77
N CYS B 582 19.03 11.22 10.00
CA CYS B 582 19.87 10.45 10.93
C CYS B 582 20.12 9.04 10.41
N ARG B 583 19.24 8.53 9.53
CA ARG B 583 19.45 7.25 8.87
C ARG B 583 20.12 7.40 7.51
N PHE B 584 19.65 8.33 6.67
CA PHE B 584 20.17 8.38 5.31
C PHE B 584 21.58 8.94 5.27
N MET B 585 21.81 10.05 5.95
CA MET B 585 23.05 10.78 5.73
C MET B 585 24.26 10.01 6.21
N PHE B 586 24.10 9.14 7.20
CA PHE B 586 25.22 8.29 7.58
C PHE B 586 25.63 7.39 6.42
N VAL B 587 24.66 6.70 5.82
CA VAL B 587 24.96 5.80 4.72
C VAL B 587 25.58 6.57 3.57
N TYR B 588 24.96 7.69 3.22
CA TYR B 588 25.42 8.45 2.07
C TYR B 588 26.83 8.98 2.32
N LEU B 589 27.08 9.51 3.50
CA LEU B 589 28.40 10.07 3.76
C LEU B 589 29.47 8.99 3.83
N VAL B 590 29.11 7.79 4.29
CA VAL B 590 30.07 6.69 4.23
C VAL B 590 30.48 6.44 2.79
N PHE B 591 29.49 6.33 1.89
CA PHE B 591 29.82 6.07 0.49
C PHE B 591 30.61 7.22 -0.10
N LEU B 592 30.14 8.45 0.12
CA LEU B 592 30.79 9.61 -0.48
C LEU B 592 32.22 9.74 0.00
N PHE B 593 32.44 9.61 1.30
CA PHE B 593 33.79 9.78 1.82
C PHE B 593 34.70 8.66 1.37
N GLY B 594 34.20 7.42 1.38
CA GLY B 594 35.04 6.31 0.93
C GLY B 594 35.50 6.48 -0.50
N PHE B 595 34.57 6.77 -1.41
CA PHE B 595 34.97 6.91 -2.80
C PHE B 595 35.74 8.20 -3.05
N SER B 596 35.46 9.26 -2.28
CA SER B 596 36.22 10.50 -2.43
C SER B 596 37.68 10.28 -2.07
N THR B 597 37.94 9.64 -0.94
CA THR B 597 39.31 9.36 -0.55
C THR B 597 39.98 8.42 -1.53
N ALA B 598 39.23 7.43 -2.03
CA ALA B 598 39.83 6.51 -2.99
C ALA B 598 40.24 7.24 -4.26
N VAL B 599 39.36 8.07 -4.80
CA VAL B 599 39.69 8.74 -6.06
C VAL B 599 40.81 9.74 -5.84
N VAL B 600 40.76 10.51 -4.76
CA VAL B 600 41.76 11.55 -4.57
C VAL B 600 43.13 10.96 -4.31
N THR B 601 43.21 9.84 -3.59
CA THR B 601 44.51 9.21 -3.39
C THR B 601 44.95 8.42 -4.62
N LEU B 602 44.04 8.11 -5.54
CA LEU B 602 44.46 7.45 -6.77
C LEU B 602 45.13 8.41 -7.76
N ILE B 603 44.79 9.69 -7.73
CA ILE B 603 45.27 10.67 -8.70
C ILE B 603 46.10 11.71 -7.98
N GLU B 604 47.23 12.09 -8.57
CA GLU B 604 48.11 13.08 -7.98
C GLU B 604 49.17 13.45 -8.98
N ASP B 605 49.61 14.71 -8.95
CA ASP B 605 50.64 15.21 -9.84
C ASP B 605 51.53 16.18 -9.06
N GLY B 606 52.47 16.79 -9.77
CA GLY B 606 53.36 17.76 -9.17
C GLY B 606 52.66 19.04 -8.77
N SER B 630 44.55 21.33 -8.41
CA SER B 630 43.37 21.02 -9.21
C SER B 630 42.99 19.57 -9.03
N TYR B 631 41.97 19.33 -8.22
CA TYR B 631 41.44 18.01 -7.88
C TYR B 631 42.43 17.14 -7.12
N ASN B 632 43.53 17.70 -6.64
CA ASN B 632 44.43 16.99 -5.75
C ASN B 632 44.02 17.13 -4.30
N SER B 633 42.92 17.81 -4.01
CA SER B 633 42.45 18.02 -2.65
C SER B 633 41.22 17.18 -2.39
N LEU B 634 41.06 16.77 -1.13
CA LEU B 634 39.90 15.97 -0.77
C LEU B 634 38.63 16.80 -0.84
N TYR B 635 38.71 18.10 -0.62
CA TYR B 635 37.51 18.93 -0.71
C TYR B 635 36.94 18.95 -2.11
N SER B 636 37.79 19.24 -3.10
CA SER B 636 37.30 19.33 -4.46
C SER B 636 36.75 18.00 -4.95
N THR B 637 37.42 16.91 -4.61
CA THR B 637 36.92 15.61 -5.04
C THR B 637 35.61 15.25 -4.33
N CYS B 638 35.52 15.57 -3.04
CA CYS B 638 34.24 15.37 -2.35
C CYS B 638 33.14 16.14 -3.05
N LEU B 639 33.44 17.35 -3.50
CA LEU B 639 32.45 18.13 -4.22
C LEU B 639 32.08 17.48 -5.55
N GLU B 640 33.07 17.06 -6.32
CA GLU B 640 32.80 16.53 -7.65
C GLU B 640 32.00 15.25 -7.55
N LEU B 641 32.23 14.44 -6.53
CA LEU B 641 31.41 13.26 -6.34
C LEU B 641 30.08 13.59 -5.71
N PHE B 642 29.97 14.71 -5.00
CA PHE B 642 28.66 15.12 -4.53
C PHE B 642 27.76 15.47 -5.70
N LYS B 643 28.33 16.11 -6.71
CA LYS B 643 27.53 16.58 -7.84
C LYS B 643 26.73 15.45 -8.49
N PHE B 644 27.18 14.21 -8.39
CA PHE B 644 26.45 13.12 -9.02
C PHE B 644 25.07 12.92 -8.43
N THR B 645 24.80 13.50 -7.28
CA THR B 645 23.50 13.39 -6.64
C THR B 645 22.53 14.37 -7.27
N ILE B 646 23.02 15.54 -7.69
CA ILE B 646 22.15 16.56 -8.25
C ILE B 646 22.17 16.54 -9.77
N GLY B 647 22.62 15.46 -10.38
CA GLY B 647 22.55 15.39 -11.82
C GLY B 647 23.47 16.34 -12.53
N MET B 648 24.70 16.45 -12.06
CA MET B 648 25.71 17.22 -12.78
C MET B 648 27.08 16.54 -12.75
N GLY B 649 27.10 15.23 -12.57
CA GLY B 649 28.34 14.52 -12.64
C GLY B 649 28.89 14.48 -14.05
N ASP B 650 30.21 14.40 -14.17
CA ASP B 650 30.85 14.43 -15.47
C ASP B 650 31.17 13.05 -16.01
N LEU B 651 31.69 12.16 -15.14
CA LEU B 651 32.33 10.88 -15.46
C LEU B 651 33.72 11.04 -16.04
N GLU B 652 34.15 12.26 -16.32
N GLU B 652 34.15 12.25 -16.37
CA GLU B 652 35.51 12.56 -16.76
CA GLU B 652 35.55 12.49 -16.66
C GLU B 652 35.81 13.98 -16.30
C GLU B 652 35.82 13.95 -16.28
N PHE B 653 36.44 14.13 -15.13
CA PHE B 653 36.82 15.44 -14.63
C PHE B 653 38.31 15.57 -14.36
N THR B 654 39.07 14.59 -14.91
CA THR B 654 40.55 14.56 -14.84
C THR B 654 41.02 13.79 -16.12
N GLU B 655 42.21 14.16 -16.65
CA GLU B 655 42.73 13.55 -17.89
C GLU B 655 44.24 13.30 -17.89
N ASN B 656 44.72 12.23 -18.55
CA ASN B 656 46.11 11.79 -18.58
C ASN B 656 46.60 11.23 -17.24
N TYR B 657 45.68 10.92 -16.32
CA TYR B 657 46.08 10.44 -15.00
C TYR B 657 46.24 8.93 -15.00
N ASP B 658 47.10 8.46 -14.11
CA ASP B 658 47.45 7.06 -14.09
C ASP B 658 46.25 6.21 -13.71
N PHE B 659 46.28 5.07 -14.24
CA PHE B 659 45.28 4.03 -13.94
C PHE B 659 43.88 4.45 -14.34
N LYS B 660 43.68 4.76 -15.63
CA LYS B 660 42.39 5.22 -16.12
C LYS B 660 41.28 4.21 -15.83
N ALA B 661 41.56 2.93 -16.05
CA ALA B 661 40.52 1.91 -15.86
C ALA B 661 40.08 1.84 -14.41
N VAL B 662 41.02 1.97 -13.47
CA VAL B 662 40.64 1.94 -12.07
C VAL B 662 39.77 3.14 -11.72
N PHE B 663 40.15 4.32 -12.23
CA PHE B 663 39.34 5.51 -11.98
C PHE B 663 37.93 5.32 -12.47
N ILE B 664 37.77 4.82 -13.71
CA ILE B 664 36.44 4.67 -14.27
C ILE B 664 35.65 3.64 -13.48
N ILE B 665 36.30 2.57 -13.05
CA ILE B 665 35.60 1.57 -12.27
C ILE B 665 35.10 2.17 -10.96
N LEU B 666 35.95 2.97 -10.31
CA LEU B 666 35.54 3.57 -9.05
C LEU B 666 34.36 4.50 -9.24
N LEU B 667 34.41 5.37 -10.25
CA LEU B 667 33.30 6.30 -10.44
C LEU B 667 32.03 5.57 -10.79
N LEU B 668 32.10 4.57 -11.68
CA LEU B 668 30.89 3.85 -12.05
C LEU B 668 30.31 3.11 -10.86
N ALA B 669 31.17 2.53 -10.02
CA ALA B 669 30.69 1.87 -8.82
C ALA B 669 30.03 2.87 -7.89
N TYR B 670 30.62 4.07 -7.78
CA TYR B 670 30.00 5.10 -6.94
C TYR B 670 28.63 5.50 -7.47
N VAL B 671 28.53 5.70 -8.78
CA VAL B 671 27.27 6.16 -9.37
C VAL B 671 26.20 5.12 -9.17
N ILE B 672 26.53 3.86 -9.42
CA ILE B 672 25.54 2.80 -9.26
C ILE B 672 25.11 2.67 -7.81
N LEU B 673 26.07 2.72 -6.89
CA LEU B 673 25.72 2.55 -5.49
C LEU B 673 24.89 3.72 -4.98
N THR B 674 25.23 4.93 -5.36
CA THR B 674 24.61 6.12 -4.78
C THR B 674 23.45 6.63 -5.62
N TYR B 675 23.71 7.00 -6.87
CA TYR B 675 22.69 7.70 -7.65
C TYR B 675 21.56 6.76 -8.06
N ILE B 676 21.89 5.57 -8.55
CA ILE B 676 20.86 4.71 -9.11
C ILE B 676 20.17 3.90 -8.02
N LEU B 677 20.91 3.43 -7.02
CA LEU B 677 20.34 2.60 -5.96
C LEU B 677 19.93 3.42 -4.74
N LEU B 678 20.85 4.17 -4.14
CA LEU B 678 20.58 4.71 -2.81
C LEU B 678 19.46 5.75 -2.84
N LEU B 679 19.47 6.66 -3.81
CA LEU B 679 18.42 7.67 -3.84
C LEU B 679 17.05 7.04 -4.08
N ASN B 680 16.98 6.01 -4.90
CA ASN B 680 15.71 5.35 -5.10
C ASN B 680 15.29 4.61 -3.84
N MET B 681 16.24 4.07 -3.08
CA MET B 681 15.88 3.52 -1.78
C MET B 681 15.34 4.59 -0.86
N LEU B 682 15.91 5.80 -0.91
CA LEU B 682 15.39 6.89 -0.09
C LEU B 682 13.94 7.14 -0.45
N ILE B 683 13.63 7.19 -1.73
CA ILE B 683 12.26 7.45 -2.15
C ILE B 683 11.33 6.34 -1.66
N ALA B 684 11.75 5.09 -1.85
CA ALA B 684 10.88 3.97 -1.50
C ALA B 684 10.65 3.88 0.01
N LEU B 685 11.71 4.02 0.79
CA LEU B 685 11.56 3.96 2.24
C LEU B 685 10.76 5.14 2.75
N MET B 686 10.97 6.33 2.17
CA MET B 686 10.13 7.47 2.49
C MET B 686 8.67 7.17 2.19
N GLY B 687 8.40 6.48 1.09
CA GLY B 687 7.04 6.08 0.78
C GLY B 687 6.43 5.20 1.87
N GLU B 688 7.19 4.23 2.35
CA GLU B 688 6.65 3.37 3.40
C GLU B 688 6.42 4.16 4.68
N THR B 689 7.41 4.95 5.10
CA THR B 689 7.28 5.70 6.33
C THR B 689 6.13 6.68 6.27
N VAL B 690 5.96 7.37 5.13
CA VAL B 690 4.89 8.34 5.01
C VAL B 690 3.54 7.65 5.03
N ASN B 691 3.45 6.45 4.44
CA ASN B 691 2.20 5.71 4.54
C ASN B 691 1.89 5.37 5.99
N LYS B 692 2.91 5.16 6.82
CA LYS B 692 2.67 4.72 8.20
C LYS B 692 2.47 5.87 9.18
N ILE B 693 2.40 7.12 8.73
CA ILE B 693 2.15 8.27 9.61
C ILE B 693 0.97 9.10 9.15
N ALA B 694 0.07 8.54 8.35
CA ALA B 694 -1.12 9.28 7.97
C ALA B 694 -1.95 9.64 9.19
N GLN B 695 -2.06 8.74 10.15
CA GLN B 695 -2.92 8.96 11.31
C GLN B 695 -2.22 9.74 12.41
N GLU B 696 -0.93 9.48 12.62
CA GLU B 696 -0.21 10.17 13.70
C GLU B 696 -0.12 11.67 13.44
N SER B 697 0.00 12.05 12.17
CA SER B 697 0.13 13.47 11.85
C SER B 697 -1.12 14.26 12.25
N LYS B 698 -2.31 13.68 12.07
CA LYS B 698 -3.52 14.38 12.47
C LYS B 698 -3.53 14.61 13.97
N ASN B 699 -3.15 13.60 14.76
CA ASN B 699 -3.12 13.78 16.20
C ASN B 699 -2.11 14.85 16.59
N ILE B 700 -0.94 14.85 15.96
CA ILE B 700 0.07 15.84 16.33
C ILE B 700 -0.40 17.23 15.96
N TRP B 701 -1.05 17.37 14.81
CA TRP B 701 -1.55 18.69 14.44
C TRP B 701 -2.59 19.18 15.43
N LYS B 702 -3.51 18.30 15.83
CA LYS B 702 -4.50 18.69 16.83
C LYS B 702 -3.81 19.13 18.11
N LEU B 703 -2.76 18.41 18.50
CA LEU B 703 -2.02 18.80 19.69
C LEU B 703 -1.35 20.15 19.52
N GLN B 704 -0.78 20.41 18.33
CA GLN B 704 -0.14 21.69 18.10
C GLN B 704 -1.14 22.83 18.20
N ARG B 705 -2.33 22.62 17.64
CA ARG B 705 -3.38 23.62 17.77
C ARG B 705 -3.76 23.79 19.23
N ALA B 706 -3.81 22.70 19.98
CA ALA B 706 -4.14 22.79 21.41
C ALA B 706 -3.10 23.62 22.16
N ILE B 707 -1.82 23.42 21.86
CA ILE B 707 -0.78 24.20 22.52
C ILE B 707 -0.91 25.66 22.14
N THR B 708 -1.18 25.93 20.86
CA THR B 708 -1.35 27.31 20.43
C THR B 708 -2.49 27.98 21.18
N ILE B 709 -3.62 27.28 21.29
CA ILE B 709 -4.78 27.82 21.99
C ILE B 709 -4.43 28.12 23.44
N LEU B 710 -3.77 27.17 24.10
CA LEU B 710 -3.46 27.35 25.51
C LEU B 710 -2.52 28.53 25.72
N ASP B 711 -1.50 28.68 24.87
CA ASP B 711 -0.60 29.82 25.04
C ASP B 711 -1.32 31.13 24.79
N THR B 712 -2.15 31.17 23.75
CA THR B 712 -2.83 32.42 23.40
C THR B 712 -3.78 32.85 24.52
N GLU B 713 -4.50 31.90 25.10
CA GLU B 713 -5.38 32.26 26.21
C GLU B 713 -4.57 32.62 27.45
N LYS B 714 -3.49 31.88 27.72
CA LYS B 714 -2.72 32.12 28.93
C LYS B 714 -2.15 33.52 28.96
N SER B 715 -1.63 34.01 27.83
CA SER B 715 -1.15 35.39 27.81
C SER B 715 -2.30 36.36 27.58
N PHE B 716 -2.85 36.38 26.36
CA PHE B 716 -4.02 37.16 25.95
C PHE B 716 -3.84 38.68 25.94
N LEU B 717 -2.77 39.21 26.54
CA LEU B 717 -2.33 40.59 26.41
C LEU B 717 -3.31 41.63 26.92
N LYS B 718 -4.40 41.23 27.59
CA LYS B 718 -5.38 42.16 28.13
C LYS B 718 -5.76 41.88 29.59
N CYS B 719 -5.35 40.75 30.15
CA CYS B 719 -5.69 40.39 31.53
C CYS B 719 -7.20 40.33 31.72
N MET B 720 -7.87 39.64 30.79
CA MET B 720 -9.32 39.44 30.85
C MET B 720 -9.62 37.95 30.97
N ARG B 721 -10.70 37.64 31.68
CA ARG B 721 -11.13 36.26 31.94
C ARG B 721 -12.14 35.86 30.87
N LYS B 722 -11.63 35.26 29.79
CA LYS B 722 -12.46 34.77 28.70
C LYS B 722 -12.56 33.24 28.66
N ALA B 723 -12.11 32.56 29.69
CA ALA B 723 -12.06 31.10 29.68
C ALA B 723 -13.41 30.44 29.95
N PHE B 724 -14.42 31.20 30.35
CA PHE B 724 -15.73 30.61 30.61
C PHE B 724 -16.45 30.32 29.30
N ARG B 725 -17.37 29.34 29.35
CA ARG B 725 -18.12 28.89 28.18
C ARG B 725 -19.53 29.46 28.13
N SER B 726 -20.37 29.10 29.10
CA SER B 726 -21.81 29.35 29.03
C SER B 726 -22.37 30.07 30.26
N GLY B 727 -21.54 30.53 31.18
CA GLY B 727 -22.02 31.20 32.36
C GLY B 727 -22.38 30.20 33.44
N LYS B 728 -22.85 30.73 34.57
CA LYS B 728 -23.29 29.88 35.68
C LYS B 728 -24.64 29.28 35.30
N LEU B 729 -24.57 28.20 34.52
CA LEU B 729 -25.79 27.50 34.11
C LEU B 729 -26.30 26.64 35.26
N LEU B 730 -27.60 26.77 35.55
CA LEU B 730 -28.24 26.03 36.65
C LEU B 730 -28.42 24.58 36.20
N GLN B 731 -27.35 23.80 36.37
CA GLN B 731 -27.38 22.42 35.88
C GLN B 731 -28.29 21.56 36.74
N VAL B 732 -27.95 21.41 38.01
CA VAL B 732 -28.58 20.40 38.87
C VAL B 732 -29.70 21.00 39.71
N GLY B 733 -29.44 22.13 40.37
CA GLY B 733 -30.44 22.69 41.25
C GLY B 733 -30.66 21.95 42.54
N PHE B 734 -29.79 21.00 42.88
CA PHE B 734 -29.95 20.28 44.14
C PHE B 734 -28.64 19.60 44.51
N THR B 735 -28.35 19.61 45.82
CA THR B 735 -27.22 18.92 46.42
C THR B 735 -27.72 18.25 47.68
N PRO B 736 -26.89 17.45 48.38
CA PRO B 736 -27.33 16.92 49.69
C PRO B 736 -27.76 18.00 50.66
N ASP B 737 -27.06 19.14 50.67
CA ASP B 737 -27.53 20.30 51.41
C ASP B 737 -28.68 20.96 50.65
N GLY B 738 -29.48 21.74 51.36
CA GLY B 738 -30.64 22.36 50.76
C GLY B 738 -30.34 23.54 49.84
N LYS B 739 -29.43 23.35 48.89
CA LYS B 739 -28.95 24.40 48.01
C LYS B 739 -29.01 23.95 46.56
N ASP B 740 -28.95 24.93 45.66
CA ASP B 740 -28.90 24.67 44.23
C ASP B 740 -27.44 24.46 43.82
N ASP B 741 -27.17 24.43 42.52
CA ASP B 741 -25.79 24.28 42.04
C ASP B 741 -25.68 24.79 40.62
N TYR B 742 -24.62 25.55 40.37
CA TYR B 742 -24.25 26.03 39.04
C TYR B 742 -22.88 25.44 38.70
N ARG B 743 -22.74 24.90 37.48
CA ARG B 743 -21.59 24.07 37.13
C ARG B 743 -20.92 24.45 35.82
N TRP B 744 -21.18 25.65 35.28
CA TRP B 744 -20.48 26.16 34.10
C TRP B 744 -20.56 25.19 32.92
N CYS B 745 -21.73 24.59 32.73
CA CYS B 745 -21.86 23.53 31.75
C CYS B 745 -21.87 24.07 30.32
N PHE B 746 -21.22 23.34 29.44
CA PHE B 746 -21.19 23.61 28.00
C PHE B 746 -22.11 22.64 27.30
N ARG B 747 -22.93 23.16 26.39
CA ARG B 747 -23.95 22.37 25.71
C ARG B 747 -23.44 21.85 24.37
N VAL B 748 -23.85 20.62 24.04
CA VAL B 748 -23.56 19.99 22.77
C VAL B 748 -24.84 19.31 22.29
N ASP B 749 -25.28 19.65 21.09
CA ASP B 749 -26.50 19.10 20.51
C ASP B 749 -26.15 17.91 19.62
N GLU B 750 -26.82 16.78 19.84
CA GLU B 750 -26.64 15.58 19.05
C GLU B 750 -28.00 15.07 18.61
N VAL B 751 -28.02 14.29 17.53
CA VAL B 751 -29.24 13.72 16.98
C VAL B 751 -29.01 12.24 16.76
N ASN B 752 -29.86 11.40 17.37
CA ASN B 752 -29.71 9.95 17.26
C ASN B 752 -31.03 9.28 17.62
N TRP B 753 -31.73 8.77 16.60
CA TRP B 753 -32.93 7.96 16.78
C TRP B 753 -34.01 8.57 17.68
N TYR C 202 12.10 -52.01 0.00
CA TYR C 202 11.78 -53.26 0.68
C TYR C 202 11.30 -52.96 2.11
N TYR C 203 10.58 -53.92 2.69
CA TYR C 203 9.88 -53.74 3.97
C TYR C 203 10.46 -54.67 5.04
N LYS C 204 11.79 -54.73 5.12
CA LYS C 204 12.45 -55.66 6.03
C LYS C 204 12.03 -55.42 7.47
N GLY C 205 11.68 -56.51 8.16
CA GLY C 205 11.35 -56.44 9.57
C GLY C 205 9.97 -55.90 9.89
N GLN C 206 9.14 -55.64 8.89
CA GLN C 206 7.79 -55.11 9.14
C GLN C 206 6.90 -56.26 9.59
N THR C 207 6.99 -56.57 10.87
CA THR C 207 6.19 -57.65 11.43
C THR C 207 4.73 -57.22 11.52
N ALA C 208 3.89 -58.10 12.06
CA ALA C 208 2.47 -57.82 12.16
C ALA C 208 2.20 -56.60 13.04
N LEU C 209 3.06 -56.33 14.02
CA LEU C 209 2.83 -55.21 14.92
C LEU C 209 2.83 -53.89 14.17
N HIS C 210 3.77 -53.73 13.22
CA HIS C 210 3.85 -52.48 12.47
C HIS C 210 2.56 -52.24 11.69
N ILE C 211 2.04 -53.28 11.05
CA ILE C 211 0.84 -53.13 10.23
C ILE C 211 -0.39 -52.92 11.11
N ALA C 212 -0.46 -53.64 12.24
CA ALA C 212 -1.57 -53.45 13.16
C ALA C 212 -1.60 -52.02 13.70
N ILE C 213 -0.44 -51.48 14.04
CA ILE C 213 -0.38 -50.11 14.54
C ILE C 213 -0.77 -49.13 13.44
N GLU C 214 -0.20 -49.30 12.25
CA GLU C 214 -0.43 -48.34 11.19
C GLU C 214 -1.91 -48.31 10.78
N ARG C 215 -2.55 -49.47 10.78
CA ARG C 215 -3.97 -49.56 10.45
C ARG C 215 -4.89 -49.11 11.57
N ARG C 216 -4.35 -48.69 12.72
CA ARG C 216 -5.16 -48.24 13.86
C ARG C 216 -6.10 -49.36 14.32
N ASN C 217 -5.59 -50.58 14.38
CA ASN C 217 -6.33 -51.74 14.89
C ASN C 217 -5.77 -52.05 16.28
N MET C 218 -6.38 -51.45 17.31
CA MET C 218 -5.90 -51.66 18.67
C MET C 218 -6.08 -53.11 19.11
N THR C 219 -7.17 -53.75 18.68
CA THR C 219 -7.42 -55.14 19.08
C THR C 219 -6.33 -56.05 18.57
N LEU C 220 -5.95 -55.91 17.30
CA LEU C 220 -4.90 -56.75 16.74
C LEU C 220 -3.57 -56.49 17.42
N VAL C 221 -3.28 -55.23 17.74
CA VAL C 221 -2.05 -54.91 18.46
C VAL C 221 -2.00 -55.62 19.80
N THR C 222 -3.10 -55.55 20.56
CA THR C 222 -3.12 -56.18 21.87
C THR C 222 -2.99 -57.69 21.74
N LEU C 223 -3.64 -58.28 20.75
CA LEU C 223 -3.54 -59.72 20.55
C LEU C 223 -2.11 -60.12 20.19
N LEU C 224 -1.46 -59.36 19.30
CA LEU C 224 -0.10 -59.68 18.89
C LEU C 224 0.86 -59.58 20.05
N VAL C 225 0.71 -58.54 20.88
CA VAL C 225 1.57 -58.40 22.05
C VAL C 225 1.35 -59.57 23.01
N GLU C 226 0.10 -59.91 23.27
CA GLU C 226 -0.17 -61.03 24.18
C GLU C 226 0.33 -62.35 23.60
N ASN C 227 0.27 -62.51 22.28
CA ASN C 227 0.72 -63.75 21.64
C ASN C 227 2.23 -63.91 21.64
N GLY C 228 2.98 -62.88 22.02
CA GLY C 228 4.42 -62.97 22.12
C GLY C 228 5.19 -62.31 21.00
N ALA C 229 4.60 -61.37 20.28
CA ALA C 229 5.34 -60.64 19.27
C ALA C 229 6.43 -59.80 19.92
N ASP C 230 7.64 -59.88 19.36
CA ASP C 230 8.77 -59.16 19.91
C ASP C 230 8.71 -57.68 19.58
N VAL C 231 9.30 -56.87 20.46
CA VAL C 231 9.34 -55.42 20.28
C VAL C 231 10.60 -54.98 19.55
N GLN C 232 11.75 -55.56 19.88
CA GLN C 232 13.02 -55.15 19.30
C GLN C 232 13.17 -55.74 17.90
N ALA C 233 12.32 -55.26 16.99
CA ALA C 233 12.32 -55.72 15.62
C ALA C 233 13.33 -54.94 14.78
N ALA C 234 14.06 -55.67 13.94
CA ALA C 234 15.04 -55.08 13.03
C ALA C 234 14.35 -54.53 11.79
N ALA C 235 13.49 -53.54 12.00
CA ALA C 235 12.71 -52.93 10.92
C ALA C 235 13.59 -51.93 10.17
N ASN C 236 14.56 -52.49 9.43
CA ASN C 236 15.55 -51.71 8.69
C ASN C 236 15.29 -51.74 7.19
N GLY C 237 14.03 -51.91 6.78
CA GLY C 237 13.72 -51.92 5.36
C GLY C 237 13.96 -50.56 4.74
N ASP C 238 14.45 -50.58 3.49
CA ASP C 238 14.82 -49.34 2.81
C ASP C 238 13.63 -48.38 2.70
N PHE C 239 12.43 -48.92 2.53
CA PHE C 239 11.24 -48.07 2.58
C PHE C 239 11.09 -47.45 3.97
N PHE C 240 11.13 -48.28 5.00
CA PHE C 240 10.74 -47.86 6.35
C PHE C 240 11.77 -46.95 7.02
N LYS C 241 12.96 -46.80 6.43
CA LYS C 241 14.00 -45.94 6.99
C LYS C 241 13.79 -44.51 6.50
N LYS C 242 14.78 -43.66 6.70
CA LYS C 242 14.71 -42.24 6.39
C LYS C 242 14.75 -42.04 4.87
N THR C 243 15.09 -40.82 4.42
CA THR C 243 14.92 -40.36 3.03
C THR C 243 13.44 -40.24 2.67
N LYS C 244 12.77 -39.30 3.34
CA LYS C 244 11.34 -39.04 3.16
C LYS C 244 10.97 -38.63 1.74
N GLY C 245 11.92 -38.15 0.94
CA GLY C 245 11.60 -37.73 -0.42
C GLY C 245 10.97 -38.84 -1.24
N ARG C 246 11.61 -40.00 -1.26
CA ARG C 246 10.98 -41.20 -1.80
C ARG C 246 9.96 -41.71 -0.78
N PRO C 247 9.04 -42.59 -1.19
CA PRO C 247 8.10 -43.16 -0.22
C PRO C 247 8.83 -43.84 0.92
N GLY C 248 8.39 -43.56 2.14
CA GLY C 248 9.02 -44.16 3.29
C GLY C 248 8.41 -43.64 4.57
N PHE C 249 9.03 -44.05 5.68
CA PHE C 249 8.62 -43.68 7.03
C PHE C 249 9.84 -43.10 7.74
N TYR C 250 9.63 -41.94 8.36
CA TYR C 250 10.76 -41.10 8.75
C TYR C 250 11.56 -41.67 9.93
N PHE C 251 10.94 -42.45 10.84
CA PHE C 251 11.66 -43.07 11.95
C PHE C 251 11.26 -44.54 12.06
N GLY C 252 12.00 -45.39 11.35
CA GLY C 252 11.79 -46.82 11.42
C GLY C 252 12.60 -47.49 12.50
N GLU C 253 12.84 -48.79 12.32
CA GLU C 253 13.75 -49.60 13.13
C GLU C 253 13.23 -49.84 14.55
N LEU C 254 11.97 -49.49 14.84
CA LEU C 254 11.39 -49.75 16.14
C LEU C 254 9.87 -49.63 16.06
N PRO C 255 9.08 -50.61 16.52
CA PRO C 255 7.62 -50.46 16.45
C PRO C 255 7.07 -49.41 17.42
N LEU C 256 7.78 -49.13 18.51
CA LEU C 256 7.40 -48.01 19.37
C LEU C 256 7.43 -46.69 18.62
N SER C 257 8.27 -46.60 17.57
CA SER C 257 8.18 -45.46 16.66
C SER C 257 6.77 -45.31 16.11
N LEU C 258 6.21 -46.38 15.57
CA LEU C 258 4.86 -46.31 15.03
C LEU C 258 3.85 -46.07 16.14
N ALA C 259 4.10 -46.63 17.32
CA ALA C 259 3.21 -46.38 18.45
C ALA C 259 3.11 -44.89 18.76
N ALA C 260 4.25 -44.21 18.81
CA ALA C 260 4.23 -42.79 19.18
C ALA C 260 3.82 -41.90 18.02
N CYS C 261 4.26 -42.24 16.81
CA CYS C 261 4.12 -41.36 15.66
C CYS C 261 2.71 -41.32 15.10
N THR C 262 1.90 -42.34 15.36
CA THR C 262 0.53 -42.37 14.86
C THR C 262 -0.44 -41.61 15.75
N ASN C 263 0.03 -40.96 16.80
CA ASN C 263 -0.79 -40.15 17.70
C ASN C 263 -1.84 -40.99 18.44
N GLN C 264 -1.57 -42.28 18.63
CA GLN C 264 -2.44 -43.17 19.38
C GLN C 264 -1.87 -43.34 20.79
N LEU C 265 -2.49 -42.66 21.76
CA LEU C 265 -2.04 -42.75 23.13
C LEU C 265 -2.25 -44.15 23.71
N ALA C 266 -3.26 -44.87 23.21
CA ALA C 266 -3.59 -46.17 23.79
C ALA C 266 -2.44 -47.16 23.62
N ILE C 267 -1.79 -47.15 22.47
CA ILE C 267 -0.74 -48.12 22.21
C ILE C 267 0.49 -47.84 23.08
N VAL C 268 0.93 -46.58 23.12
CA VAL C 268 2.10 -46.24 23.91
C VAL C 268 1.83 -46.46 25.39
N LYS C 269 0.62 -46.19 25.85
CA LYS C 269 0.28 -46.51 27.22
C LYS C 269 0.17 -48.01 27.45
N PHE C 270 -0.13 -48.77 26.40
CA PHE C 270 -0.22 -50.23 26.50
C PHE C 270 1.16 -50.86 26.52
N LEU C 271 2.11 -50.32 25.77
CA LEU C 271 3.43 -50.90 25.67
C LEU C 271 4.32 -50.65 26.89
N LEU C 272 3.79 -49.97 27.92
CA LEU C 272 4.57 -49.69 29.11
C LEU C 272 4.99 -50.98 29.82
N GLN C 273 4.08 -51.95 29.89
CA GLN C 273 4.35 -53.22 30.56
C GLN C 273 3.71 -54.31 29.71
N ASN C 274 4.50 -54.93 28.86
CA ASN C 274 4.02 -56.03 28.04
C ASN C 274 4.14 -57.35 28.80
N SER C 275 3.33 -58.31 28.36
CA SER C 275 3.36 -59.64 28.97
C SER C 275 4.67 -60.37 28.68
N TRP C 276 5.34 -60.04 27.58
CA TRP C 276 6.54 -60.75 27.13
C TRP C 276 7.76 -59.85 27.13
N GLN C 277 7.69 -58.70 26.47
CA GLN C 277 8.85 -57.83 26.26
C GLN C 277 8.39 -56.38 26.34
N PRO C 278 8.56 -55.70 27.48
CA PRO C 278 8.13 -54.31 27.57
C PRO C 278 8.92 -53.41 26.61
N ALA C 279 8.26 -52.38 26.12
CA ALA C 279 8.91 -51.43 25.23
C ALA C 279 9.84 -50.53 26.03
N ASP C 280 10.87 -50.02 25.35
CA ASP C 280 11.88 -49.15 25.95
C ASP C 280 11.92 -47.84 25.19
N ILE C 281 11.61 -46.74 25.89
CA ILE C 281 11.64 -45.43 25.23
C ILE C 281 13.05 -45.09 24.77
N SER C 282 14.05 -45.48 25.54
CA SER C 282 15.43 -45.08 25.25
C SER C 282 16.08 -45.89 24.14
N ALA C 283 15.36 -46.82 23.52
CA ALA C 283 15.91 -47.57 22.40
C ALA C 283 16.31 -46.62 21.27
N ARG C 284 17.45 -46.90 20.65
CA ARG C 284 18.05 -46.04 19.65
C ARG C 284 18.15 -46.77 18.32
N ASP C 285 17.85 -46.06 17.25
CA ASP C 285 17.93 -46.60 15.90
C ASP C 285 19.37 -46.57 15.41
N SER C 286 19.58 -46.80 14.12
CA SER C 286 20.91 -46.81 13.55
C SER C 286 21.61 -45.46 13.68
N VAL C 287 20.87 -44.36 13.67
CA VAL C 287 21.44 -43.02 13.77
C VAL C 287 21.30 -42.47 15.19
N GLY C 288 20.98 -43.32 16.16
CA GLY C 288 20.92 -42.92 17.54
C GLY C 288 19.61 -42.28 17.97
N ASN C 289 18.67 -42.08 17.06
CA ASN C 289 17.44 -41.36 17.39
C ASN C 289 16.51 -42.23 18.23
N THR C 290 15.83 -41.58 19.18
CA THR C 290 14.84 -42.18 20.05
C THR C 290 13.46 -41.66 19.68
N VAL C 291 12.45 -42.08 20.46
CA VAL C 291 11.09 -41.67 20.20
C VAL C 291 10.97 -40.15 20.25
N LEU C 292 11.66 -39.53 21.20
CA LEU C 292 11.57 -38.08 21.33
C LEU C 292 12.16 -37.39 20.10
N HIS C 293 13.27 -37.91 19.59
CA HIS C 293 13.83 -37.37 18.36
C HIS C 293 12.86 -37.55 17.21
N ALA C 294 12.15 -38.67 17.17
CA ALA C 294 11.15 -38.87 16.13
C ALA C 294 10.02 -37.86 16.25
N LEU C 295 9.53 -37.62 17.47
CA LEU C 295 8.45 -36.67 17.67
C LEU C 295 8.87 -35.28 17.29
N VAL C 296 10.17 -34.97 17.43
CA VAL C 296 10.68 -33.72 16.91
C VAL C 296 10.64 -33.73 15.39
N GLU C 297 11.14 -34.82 14.78
CA GLU C 297 11.27 -34.89 13.33
C GLU C 297 9.93 -34.85 12.62
N VAL C 298 8.88 -35.41 13.23
CA VAL C 298 7.59 -35.50 12.54
C VAL C 298 6.96 -34.13 12.34
N ALA C 299 7.34 -33.12 13.10
CA ALA C 299 6.64 -31.85 13.07
C ALA C 299 6.81 -31.16 11.72
N ASP C 300 5.81 -30.34 11.37
CA ASP C 300 5.86 -29.50 10.17
C ASP C 300 5.52 -28.05 10.47
N ASN C 301 5.54 -27.63 11.73
CA ASN C 301 5.26 -26.24 12.11
C ASN C 301 3.85 -25.82 11.70
N THR C 302 2.87 -26.65 12.06
CA THR C 302 1.46 -26.32 11.90
C THR C 302 0.73 -26.51 13.23
N VAL C 303 -0.43 -25.86 13.34
CA VAL C 303 -1.13 -25.83 14.61
C VAL C 303 -1.57 -27.22 15.02
N ASP C 304 -2.20 -27.96 14.11
CA ASP C 304 -2.70 -29.29 14.47
C ASP C 304 -1.55 -30.24 14.74
N ASN C 305 -0.53 -30.23 13.88
CA ASN C 305 0.64 -31.07 14.10
C ASN C 305 1.34 -30.69 15.40
N THR C 306 1.41 -29.39 15.68
CA THR C 306 1.97 -28.95 16.95
C THR C 306 1.18 -29.51 18.12
N LYS C 307 -0.16 -29.50 18.04
CA LYS C 307 -0.97 -30.04 19.12
C LYS C 307 -0.69 -31.52 19.33
N PHE C 308 -0.67 -32.30 18.24
CA PHE C 308 -0.43 -33.73 18.36
C PHE C 308 0.95 -34.02 18.93
N VAL C 309 1.97 -33.34 18.40
CA VAL C 309 3.33 -33.60 18.83
C VAL C 309 3.53 -33.17 20.27
N THR C 310 2.95 -32.03 20.65
CA THR C 310 3.06 -31.58 22.03
C THR C 310 2.44 -32.59 22.98
N SER C 311 1.22 -33.04 22.67
CA SER C 311 0.55 -33.99 23.54
C SER C 311 1.36 -35.27 23.68
N MET C 312 1.75 -35.86 22.54
CA MET C 312 2.46 -37.13 22.59
C MET C 312 3.82 -36.98 23.26
N TYR C 313 4.50 -35.85 23.02
CA TYR C 313 5.81 -35.63 23.63
C TYR C 313 5.71 -35.56 25.14
N ASN C 314 4.74 -34.80 25.65
CA ASN C 314 4.56 -34.70 27.08
C ASN C 314 4.22 -36.06 27.68
N GLU C 315 3.33 -36.81 27.02
CA GLU C 315 2.94 -38.11 27.55
C GLU C 315 4.13 -39.06 27.59
N ILE C 316 4.95 -39.06 26.55
CA ILE C 316 6.12 -39.95 26.54
C ILE C 316 7.06 -39.59 27.68
N LEU C 317 7.35 -38.29 27.85
CA LEU C 317 8.29 -37.91 28.89
C LEU C 317 7.79 -38.29 30.27
N ILE C 318 6.51 -38.02 30.55
CA ILE C 318 6.02 -38.30 31.90
C ILE C 318 5.97 -39.79 32.15
N LEU C 319 5.57 -40.59 31.15
CA LEU C 319 5.52 -42.03 31.34
C LEU C 319 6.91 -42.61 31.54
N GLY C 320 7.88 -42.15 30.75
CA GLY C 320 9.24 -42.62 30.94
C GLY C 320 9.78 -42.27 32.31
N ALA C 321 9.44 -41.08 32.81
CA ALA C 321 9.83 -40.71 34.16
C ALA C 321 9.15 -41.62 35.19
N LYS C 322 7.88 -41.98 34.95
CA LYS C 322 7.19 -42.86 35.88
C LYS C 322 7.82 -44.24 35.94
N LEU C 323 8.22 -44.78 34.79
CA LEU C 323 8.84 -46.09 34.76
C LEU C 323 10.29 -46.05 35.23
N HIS C 324 11.00 -44.98 34.87
CA HIS C 324 12.43 -44.84 35.17
C HIS C 324 12.69 -43.43 35.68
N PRO C 325 12.37 -43.16 36.95
CA PRO C 325 12.62 -41.81 37.49
C PRO C 325 14.07 -41.39 37.44
N THR C 326 15.02 -42.34 37.45
CA THR C 326 16.43 -41.99 37.40
C THR C 326 16.91 -41.63 36.00
N LEU C 327 16.16 -42.00 34.96
CA LEU C 327 16.60 -41.82 33.58
C LEU C 327 16.06 -40.49 33.04
N LYS C 328 16.98 -39.66 32.54
CA LYS C 328 16.63 -38.39 31.89
C LYS C 328 16.59 -38.64 30.40
N LEU C 329 15.41 -39.04 29.90
CA LEU C 329 15.28 -39.37 28.49
C LEU C 329 15.55 -38.16 27.61
N GLU C 330 15.13 -36.97 28.04
CA GLU C 330 15.21 -35.80 27.18
C GLU C 330 16.64 -35.41 26.87
N GLU C 331 17.62 -35.85 27.67
CA GLU C 331 19.01 -35.49 27.48
C GLU C 331 19.78 -36.45 26.59
N ILE C 332 19.14 -37.51 26.09
CA ILE C 332 19.85 -38.51 25.29
C ILE C 332 20.11 -37.93 23.91
N THR C 333 21.33 -38.10 23.41
CA THR C 333 21.75 -37.59 22.12
C THR C 333 21.74 -38.69 21.07
N ASN C 334 21.53 -38.30 19.82
CA ASN C 334 21.59 -39.20 18.68
C ASN C 334 23.01 -39.21 18.13
N ARG C 335 23.21 -39.87 16.98
CA ARG C 335 24.55 -40.03 16.43
C ARG C 335 25.20 -38.68 16.12
N LYS C 336 24.41 -37.68 15.76
CA LYS C 336 24.95 -36.37 15.44
C LYS C 336 25.29 -35.54 16.67
N GLY C 337 25.04 -36.06 17.87
CA GLY C 337 25.33 -35.30 19.07
C GLY C 337 24.27 -34.25 19.39
N LEU C 338 23.03 -34.51 19.03
CA LEU C 338 21.93 -33.57 19.24
C LEU C 338 20.90 -34.19 20.18
N THR C 339 20.49 -33.40 21.17
CA THR C 339 19.30 -33.74 21.94
C THR C 339 18.08 -33.37 21.12
N PRO C 340 16.89 -33.87 21.49
CA PRO C 340 15.68 -33.49 20.75
C PRO C 340 15.44 -31.99 20.76
N LEU C 341 15.84 -31.30 21.83
CA LEU C 341 15.79 -29.84 21.82
C LEU C 341 16.72 -29.27 20.75
N ALA C 342 17.98 -29.71 20.75
CA ALA C 342 18.92 -29.23 19.76
C ALA C 342 18.52 -29.65 18.36
N LEU C 343 17.94 -30.85 18.23
CA LEU C 343 17.47 -31.29 16.91
C LEU C 343 16.33 -30.42 16.42
N ALA C 344 15.37 -30.10 17.29
CA ALA C 344 14.28 -29.22 16.91
C ALA C 344 14.80 -27.86 16.48
N ALA C 345 15.76 -27.33 17.23
CA ALA C 345 16.31 -26.02 16.89
C ALA C 345 17.06 -26.06 15.57
N SER C 346 17.89 -27.09 15.34
CA SER C 346 18.69 -27.14 14.13
C SER C 346 17.84 -27.39 12.90
N SER C 347 16.90 -28.33 12.99
CA SER C 347 16.15 -28.74 11.81
C SER C 347 15.14 -27.71 11.34
N GLY C 348 14.67 -26.84 12.24
CA GLY C 348 13.67 -25.85 11.90
C GLY C 348 12.28 -26.10 12.44
N LYS C 349 12.15 -26.89 13.50
CA LYS C 349 10.83 -27.23 14.07
C LYS C 349 10.54 -26.24 15.18
N ILE C 350 9.99 -25.08 14.80
CA ILE C 350 9.83 -23.99 15.76
C ILE C 350 8.76 -24.31 16.80
N GLY C 351 7.66 -24.96 16.39
CA GLY C 351 6.57 -25.18 17.32
C GLY C 351 6.97 -26.05 18.49
N VAL C 352 7.61 -27.18 18.21
CA VAL C 352 8.01 -28.07 19.29
C VAL C 352 9.10 -27.43 20.11
N LEU C 353 9.96 -26.62 19.49
CA LEU C 353 10.96 -25.88 20.24
C LEU C 353 10.30 -24.94 21.24
N ALA C 354 9.26 -24.22 20.79
CA ALA C 354 8.53 -23.33 21.68
C ALA C 354 7.91 -24.09 22.84
N TYR C 355 7.38 -25.29 22.57
CA TYR C 355 6.84 -26.08 23.67
C TYR C 355 7.93 -26.48 24.65
N ILE C 356 9.02 -27.06 24.15
CA ILE C 356 10.04 -27.65 25.01
C ILE C 356 10.66 -26.58 25.90
N LEU C 357 10.87 -25.39 25.35
CA LEU C 357 11.51 -24.35 26.15
C LEU C 357 10.61 -23.77 27.21
N GLN C 358 9.29 -24.04 27.17
CA GLN C 358 8.34 -23.41 28.08
C GLN C 358 7.35 -24.41 28.70
N ARG C 359 7.67 -25.69 28.71
CA ARG C 359 6.78 -26.67 29.31
C ARG C 359 6.90 -26.65 30.83
N GLU C 360 5.78 -26.91 31.51
CA GLU C 360 5.76 -27.00 32.95
C GLU C 360 4.67 -27.97 33.39
N ILE C 361 4.89 -28.60 34.54
CA ILE C 361 3.93 -29.51 35.15
C ILE C 361 3.80 -29.13 36.62
N HIS C 362 2.59 -28.75 37.04
CA HIS C 362 2.29 -28.38 38.42
C HIS C 362 1.67 -29.55 39.16
N GLU C 363 2.48 -30.57 39.41
CA GLU C 363 2.06 -31.74 40.17
C GLU C 363 3.21 -32.22 41.03
N PRO C 364 2.93 -32.84 42.18
CA PRO C 364 4.03 -33.36 43.00
C PRO C 364 4.74 -34.51 42.30
N GLU C 365 6.06 -34.58 42.50
CA GLU C 365 6.91 -35.61 41.89
C GLU C 365 6.88 -35.57 40.36
N CYS C 366 6.41 -34.47 39.77
CA CYS C 366 6.41 -34.27 38.32
C CYS C 366 7.03 -32.93 37.95
N ARG C 367 6.88 -31.93 38.83
CA ARG C 367 7.45 -30.61 38.56
C ARG C 367 8.97 -30.65 38.40
N HIS C 368 9.63 -31.67 38.96
CA HIS C 368 11.07 -31.80 38.78
C HIS C 368 11.47 -32.02 37.32
N LEU C 369 10.51 -32.38 36.47
CA LEU C 369 10.73 -32.49 35.03
C LEU C 369 10.51 -31.17 34.29
N SER C 370 9.95 -30.16 34.95
CA SER C 370 9.56 -28.95 34.24
C SER C 370 10.77 -28.12 33.85
N ARG C 371 10.65 -27.41 32.73
CA ARG C 371 11.62 -26.40 32.34
C ARG C 371 11.27 -25.03 32.91
N LYS C 372 10.01 -24.63 32.79
CA LYS C 372 9.53 -23.36 33.32
C LYS C 372 8.94 -23.58 34.71
N PHE C 373 9.17 -22.61 35.58
CA PHE C 373 8.64 -22.63 36.93
C PHE C 373 8.09 -21.26 37.26
N THR C 374 7.33 -21.19 38.34
CA THR C 374 6.83 -19.93 38.89
C THR C 374 6.95 -20.04 40.40
N GLU C 375 8.12 -19.69 40.95
CA GLU C 375 8.32 -19.88 42.38
C GLU C 375 7.53 -18.87 43.20
N TRP C 376 7.37 -17.66 42.69
CA TRP C 376 6.86 -16.53 43.45
C TRP C 376 5.85 -15.76 42.61
N ALA C 377 4.77 -15.35 43.26
CA ALA C 377 3.77 -14.53 42.60
C ALA C 377 3.03 -13.74 43.67
N TYR C 378 2.65 -12.52 43.30
CA TYR C 378 1.89 -11.62 44.17
C TYR C 378 0.78 -11.00 43.32
N GLY C 379 -0.41 -11.58 43.40
CA GLY C 379 -1.56 -11.05 42.70
C GLY C 379 -1.32 -11.05 41.20
N PRO C 380 -1.12 -9.88 40.59
CA PRO C 380 -0.85 -9.87 39.14
C PRO C 380 0.57 -10.25 38.75
N VAL C 381 1.56 -10.12 39.64
CA VAL C 381 2.97 -10.22 39.25
C VAL C 381 3.46 -11.64 39.48
N HIS C 382 4.19 -12.19 38.51
CA HIS C 382 4.72 -13.55 38.56
C HIS C 382 6.20 -13.53 38.17
N SER C 383 7.03 -14.21 38.95
CA SER C 383 8.47 -14.30 38.68
C SER C 383 8.75 -15.69 38.10
N SER C 384 8.63 -15.82 36.79
CA SER C 384 8.88 -17.07 36.12
C SER C 384 10.38 -17.37 36.12
N LEU C 385 10.71 -18.66 36.01
CA LEU C 385 12.08 -19.13 35.93
C LEU C 385 12.25 -19.99 34.69
N TYR C 386 13.46 -19.98 34.12
CA TYR C 386 13.83 -20.88 33.04
C TYR C 386 15.18 -21.51 33.35
N ASP C 387 15.26 -22.84 33.27
CA ASP C 387 16.50 -23.51 33.66
C ASP C 387 17.62 -23.21 32.69
N LEU C 388 17.33 -23.20 31.39
CA LEU C 388 18.29 -22.83 30.36
C LEU C 388 19.52 -23.73 30.34
N SER C 389 19.40 -24.98 30.77
CA SER C 389 20.47 -25.92 30.51
C SER C 389 20.58 -26.14 29.02
N CYS C 390 21.81 -26.13 28.51
CA CYS C 390 22.11 -26.37 27.10
C CYS C 390 21.52 -25.30 26.17
N ILE C 391 21.13 -24.15 26.71
CA ILE C 391 20.80 -22.99 25.88
C ILE C 391 22.03 -22.11 25.69
N ASP C 392 22.68 -21.73 26.79
CA ASP C 392 23.93 -21.00 26.70
C ASP C 392 25.08 -21.90 26.31
N THR C 393 25.10 -23.14 26.81
CA THR C 393 26.16 -24.06 26.47
C THR C 393 25.74 -25.49 26.83
N CYS C 394 25.92 -26.40 25.87
CA CYS C 394 25.72 -27.83 26.06
C CYS C 394 27.01 -28.60 25.82
N GLU C 395 28.15 -27.90 25.72
CA GLU C 395 29.49 -28.44 25.54
C GLU C 395 29.77 -28.93 24.12
N LYS C 396 28.74 -29.07 23.28
CA LYS C 396 28.95 -29.28 21.85
C LYS C 396 28.02 -28.43 21.00
N ASN C 397 26.75 -28.37 21.39
CA ASN C 397 25.69 -27.81 20.55
C ASN C 397 24.61 -27.23 21.46
N SER C 398 24.66 -25.93 21.68
CA SER C 398 23.59 -25.24 22.38
C SER C 398 22.55 -24.75 21.38
N VAL C 399 21.38 -24.36 21.89
CA VAL C 399 20.30 -23.92 21.01
C VAL C 399 20.69 -22.67 20.23
N LEU C 400 21.34 -21.71 20.91
CA LEU C 400 21.74 -20.50 20.22
C LEU C 400 22.81 -20.77 19.19
N GLU C 401 23.74 -21.68 19.49
CA GLU C 401 24.79 -22.03 18.54
C GLU C 401 24.21 -22.59 17.26
N VAL C 402 23.27 -23.53 17.39
CA VAL C 402 22.72 -24.17 16.20
C VAL C 402 21.77 -23.24 15.45
N ILE C 403 21.03 -22.39 16.15
CA ILE C 403 20.15 -21.46 15.43
C ILE C 403 20.98 -20.46 14.66
N ALA C 404 22.01 -19.89 15.30
CA ALA C 404 22.75 -18.82 14.67
C ALA C 404 23.62 -19.33 13.53
N TYR C 405 24.34 -20.42 13.75
CA TYR C 405 25.30 -20.93 12.79
C TYR C 405 24.71 -22.01 11.88
N SER C 406 23.43 -21.92 11.57
CA SER C 406 22.83 -22.89 10.68
C SER C 406 23.39 -22.73 9.27
N SER C 407 23.02 -23.67 8.39
CA SER C 407 23.50 -23.69 7.02
C SER C 407 22.69 -22.81 6.08
N SER C 408 21.76 -22.01 6.59
CA SER C 408 20.87 -21.11 5.87
C SER C 408 19.71 -21.82 5.20
N GLU C 409 19.63 -23.15 5.28
CA GLU C 409 18.49 -23.90 4.78
C GLU C 409 17.42 -24.10 5.85
N THR C 410 17.73 -23.82 7.10
CA THR C 410 16.76 -23.96 8.17
C THR C 410 15.63 -22.96 7.93
N PRO C 411 14.39 -23.40 7.70
CA PRO C 411 13.36 -22.42 7.31
C PRO C 411 13.05 -21.36 8.34
N ASN C 412 13.28 -21.63 9.63
CA ASN C 412 12.83 -20.77 10.71
C ASN C 412 13.97 -20.18 11.53
N ARG C 413 15.19 -20.12 10.98
CA ARG C 413 16.31 -19.57 11.74
C ARG C 413 16.07 -18.11 12.08
N HIS C 414 15.26 -17.41 11.29
CA HIS C 414 14.91 -16.03 11.61
C HIS C 414 13.89 -15.93 12.73
N ASP C 415 12.93 -16.86 12.78
CA ASP C 415 11.81 -16.76 13.69
C ASP C 415 12.07 -17.41 15.04
N MET C 416 13.04 -18.32 15.12
CA MET C 416 13.26 -19.04 16.37
C MET C 416 13.69 -18.12 17.50
N LEU C 417 14.45 -17.07 17.19
CA LEU C 417 14.97 -16.19 18.23
C LEU C 417 13.91 -15.25 18.80
N LEU C 418 12.69 -15.26 18.28
CA LEU C 418 11.61 -14.43 18.82
C LEU C 418 10.95 -15.04 20.05
N VAL C 419 11.25 -16.31 20.37
CA VAL C 419 10.55 -16.98 21.47
C VAL C 419 10.86 -16.30 22.79
N GLU C 420 10.09 -16.68 23.82
CA GLU C 420 10.08 -15.93 25.06
C GLU C 420 11.44 -15.90 25.78
N PRO C 421 12.12 -17.02 26.03
CA PRO C 421 13.36 -16.95 26.80
C PRO C 421 14.57 -16.48 26.00
N LEU C 422 14.66 -16.87 24.73
CA LEU C 422 15.88 -16.56 23.98
C LEU C 422 15.99 -15.08 23.69
N ASN C 423 14.89 -14.42 23.34
CA ASN C 423 14.96 -12.99 23.05
C ASN C 423 15.40 -12.21 24.26
N ARG C 424 14.86 -12.52 25.43
CA ARG C 424 15.27 -11.83 26.64
C ARG C 424 16.73 -12.14 26.98
N LEU C 425 17.17 -13.39 26.78
CA LEU C 425 18.57 -13.70 27.07
C LEU C 425 19.52 -12.91 26.18
N LEU C 426 19.22 -12.84 24.89
CA LEU C 426 20.09 -12.09 23.99
C LEU C 426 20.08 -10.61 24.35
N GLN C 427 18.91 -10.07 24.69
CA GLN C 427 18.85 -8.67 25.08
C GLN C 427 19.66 -8.43 26.35
N ASP C 428 19.58 -9.36 27.31
CA ASP C 428 20.33 -9.17 28.54
C ASP C 428 21.83 -9.27 28.29
N LYS C 429 22.25 -10.22 27.47
CA LYS C 429 23.68 -10.30 27.15
C LYS C 429 24.15 -9.06 26.43
N TRP C 430 23.30 -8.49 25.57
CA TRP C 430 23.64 -7.22 24.94
C TRP C 430 23.84 -6.15 25.98
N ASP C 431 22.84 -5.96 26.85
CA ASP C 431 22.90 -4.89 27.83
C ASP C 431 23.98 -5.10 28.87
N ARG C 432 24.40 -6.33 29.09
CA ARG C 432 25.30 -6.60 30.21
C ARG C 432 26.72 -6.16 29.89
N PHE C 433 27.36 -6.83 28.92
CA PHE C 433 28.75 -6.56 28.61
C PHE C 433 29.03 -6.48 27.12
N VAL C 434 28.18 -7.08 26.29
CA VAL C 434 28.49 -7.13 24.86
C VAL C 434 28.36 -5.75 24.23
N LYS C 435 27.41 -4.94 24.71
CA LYS C 435 27.24 -3.60 24.16
C LYS C 435 28.53 -2.80 24.20
N ARG C 436 29.20 -2.82 25.35
CA ARG C 436 30.43 -2.04 25.48
C ARG C 436 31.53 -2.58 24.58
N ILE C 437 31.69 -3.89 24.52
CA ILE C 437 32.76 -4.45 23.69
C ILE C 437 32.49 -4.16 22.23
N PHE C 438 31.24 -4.26 21.79
CA PHE C 438 30.93 -4.01 20.39
C PHE C 438 31.19 -2.56 20.03
N TYR C 439 30.74 -1.62 20.87
CA TYR C 439 30.99 -0.21 20.57
C TYR C 439 32.48 0.07 20.59
N PHE C 440 33.22 -0.57 21.49
CA PHE C 440 34.66 -0.37 21.50
C PHE C 440 35.29 -0.86 20.21
N ASN C 441 34.85 -2.02 19.72
CA ASN C 441 35.39 -2.52 18.47
C ASN C 441 35.07 -1.57 17.33
N PHE C 442 33.86 -1.01 17.34
CA PHE C 442 33.49 -0.05 16.30
C PHE C 442 34.39 1.16 16.34
N PHE C 443 34.66 1.68 17.54
CA PHE C 443 35.55 2.83 17.68
C PHE C 443 36.95 2.51 17.19
N VAL C 444 37.46 1.32 17.54
CA VAL C 444 38.81 0.95 17.13
C VAL C 444 38.87 0.84 15.61
N TYR C 445 37.86 0.22 15.00
CA TYR C 445 37.84 0.10 13.56
C TYR C 445 37.81 1.47 12.90
N CYS C 446 37.01 2.40 13.44
CA CYS C 446 36.99 3.75 12.88
C CYS C 446 38.36 4.38 12.93
N LEU C 447 39.06 4.24 14.05
CA LEU C 447 40.41 4.79 14.13
C LEU C 447 41.33 4.12 13.12
N TYR C 448 41.16 2.82 12.93
CA TYR C 448 41.97 2.11 11.95
C TYR C 448 41.75 2.66 10.55
N MET C 449 40.50 2.85 10.17
CA MET C 449 40.21 3.38 8.84
C MET C 449 40.75 4.79 8.68
N ILE C 450 40.65 5.61 9.74
CA ILE C 450 41.17 6.96 9.64
C ILE C 450 42.67 6.94 9.43
N ILE C 451 43.38 6.09 10.18
CA ILE C 451 44.82 6.00 10.00
C ILE C 451 45.15 5.52 8.61
N PHE C 452 44.42 4.53 8.12
CA PHE C 452 44.67 4.02 6.79
C PHE C 452 44.44 5.10 5.74
N THR C 453 43.35 5.85 5.86
CA THR C 453 43.07 6.90 4.89
C THR C 453 44.16 7.96 4.90
N ALA C 454 44.60 8.35 6.09
CA ALA C 454 45.65 9.35 6.19
C ALA C 454 46.95 8.84 5.58
N ALA C 455 47.28 7.57 5.82
CA ALA C 455 48.48 7.00 5.22
C ALA C 455 48.38 6.95 3.72
N ALA C 456 47.21 6.62 3.20
CA ALA C 456 47.04 6.54 1.76
C ALA C 456 47.16 7.90 1.10
N TYR C 457 46.43 8.89 1.64
CA TYR C 457 46.33 10.18 0.97
C TYR C 457 47.69 10.86 0.87
N TYR C 458 48.55 10.70 1.88
CA TYR C 458 49.88 11.30 1.88
C TYR C 458 50.94 10.35 1.35
N ARG C 459 50.58 9.41 0.48
CA ARG C 459 51.57 8.51 -0.05
C ARG C 459 52.59 9.29 -0.87
N PRO C 460 53.79 8.75 -1.06
CA PRO C 460 54.77 9.45 -1.91
C PRO C 460 54.38 9.39 -3.37
N VAL C 461 55.01 10.28 -4.14
CA VAL C 461 54.68 10.51 -5.54
C VAL C 461 55.89 10.29 -6.45
N GLU C 462 56.90 9.56 -5.98
CA GLU C 462 58.04 9.18 -6.79
C GLU C 462 57.71 7.86 -7.50
N GLY C 463 58.67 7.34 -8.27
CA GLY C 463 58.50 6.08 -8.98
C GLY C 463 59.23 4.92 -8.35
N LEU C 464 58.77 3.69 -8.64
CA LEU C 464 59.48 2.47 -8.28
C LEU C 464 59.68 2.32 -6.78
N PRO C 465 58.65 1.98 -6.01
CA PRO C 465 58.83 1.74 -4.56
C PRO C 465 59.79 0.58 -4.32
N PRO C 466 60.24 0.38 -3.08
CA PRO C 466 59.98 1.13 -1.84
C PRO C 466 60.69 2.46 -1.79
N TYR C 467 60.36 3.28 -0.80
CA TYR C 467 60.93 4.61 -0.64
C TYR C 467 61.48 4.75 0.77
N LYS C 468 62.66 5.35 0.88
CA LYS C 468 63.41 5.36 2.12
C LYS C 468 62.96 6.51 3.03
N LEU C 469 63.18 6.32 4.32
CA LEU C 469 62.91 7.35 5.29
C LEU C 469 64.00 8.42 5.24
N LYS C 470 63.64 9.62 5.67
CA LYS C 470 64.53 10.76 5.71
C LYS C 470 64.67 11.24 7.16
N ASN C 471 65.37 12.35 7.35
CA ASN C 471 65.60 12.91 8.67
C ASN C 471 64.46 13.77 9.15
N THR C 472 63.36 13.85 8.39
CA THR C 472 62.20 14.63 8.81
C THR C 472 61.33 13.77 9.71
N VAL C 473 60.20 14.34 10.14
CA VAL C 473 59.28 13.66 11.03
C VAL C 473 58.05 13.13 10.29
N GLY C 474 57.65 13.76 9.19
CA GLY C 474 56.48 13.30 8.47
C GLY C 474 56.62 11.88 7.98
N ASP C 475 57.81 11.49 7.53
CA ASP C 475 58.01 10.13 7.04
C ASP C 475 57.78 9.11 8.15
N TYR C 476 58.13 9.45 9.38
CA TYR C 476 57.91 8.51 10.48
C TYR C 476 56.42 8.33 10.75
N PHE C 477 55.64 9.42 10.71
CA PHE C 477 54.20 9.29 10.85
C PHE C 477 53.62 8.47 9.70
N ARG C 478 54.08 8.71 8.47
CA ARG C 478 53.54 8.00 7.32
C ARG C 478 53.83 6.51 7.42
N VAL C 479 55.07 6.14 7.70
CA VAL C 479 55.41 4.72 7.76
C VAL C 479 54.73 4.06 8.95
N THR C 480 54.53 4.80 10.04
CA THR C 480 53.76 4.27 11.16
C THR C 480 52.34 3.95 10.73
N GLY C 481 51.72 4.87 9.99
CA GLY C 481 50.38 4.61 9.50
C GLY C 481 50.33 3.42 8.56
N GLU C 482 51.33 3.29 7.69
CA GLU C 482 51.36 2.16 6.78
C GLU C 482 51.48 0.84 7.55
N ILE C 483 52.34 0.82 8.58
CA ILE C 483 52.53 -0.39 9.34
C ILE C 483 51.25 -0.76 10.08
N LEU C 484 50.59 0.23 10.69
CA LEU C 484 49.32 -0.06 11.36
C LEU C 484 48.28 -0.55 10.38
N SER C 485 48.24 0.04 9.18
CA SER C 485 47.28 -0.38 8.18
C SER C 485 47.50 -1.83 7.78
N VAL C 486 48.75 -2.18 7.48
CA VAL C 486 49.05 -3.54 7.05
C VAL C 486 48.79 -4.52 8.19
N SER C 487 49.08 -4.12 9.42
CA SER C 487 48.77 -4.96 10.56
C SER C 487 47.28 -5.23 10.65
N GLY C 488 46.47 -4.20 10.46
CA GLY C 488 45.03 -4.41 10.44
C GLY C 488 44.61 -5.34 9.32
N GLY C 489 45.21 -5.18 8.14
CA GLY C 489 44.88 -6.07 7.04
C GLY C 489 45.20 -7.52 7.37
N VAL C 490 46.34 -7.76 7.99
CA VAL C 490 46.70 -9.12 8.34
C VAL C 490 45.74 -9.67 9.40
N TYR C 491 45.37 -8.83 10.37
CA TYR C 491 44.43 -9.29 11.38
C TYR C 491 43.13 -9.74 10.74
N PHE C 492 42.58 -8.93 9.83
CA PHE C 492 41.34 -9.33 9.19
C PHE C 492 41.53 -10.56 8.30
N PHE C 493 42.71 -10.70 7.69
CA PHE C 493 43.00 -11.91 6.94
C PHE C 493 42.85 -13.16 7.81
N PHE C 494 43.51 -13.15 8.96
CA PHE C 494 43.45 -14.32 9.81
C PHE C 494 42.07 -14.50 10.44
N ARG C 495 41.35 -13.40 10.68
CA ARG C 495 39.98 -13.56 11.14
C ARG C 495 39.13 -14.26 10.09
N GLY C 496 39.31 -13.89 8.82
CA GLY C 496 38.55 -14.57 7.77
C GLY C 496 38.86 -16.04 7.70
N ILE C 497 40.13 -16.40 7.80
CA ILE C 497 40.50 -17.81 7.77
C ILE C 497 39.90 -18.54 8.97
N GLN C 498 40.03 -17.95 10.16
CA GLN C 498 39.49 -18.59 11.36
C GLN C 498 37.99 -18.77 11.24
N TYR C 499 37.30 -17.81 10.64
CA TYR C 499 35.87 -17.97 10.42
C TYR C 499 35.59 -19.14 9.50
N PHE C 500 36.35 -19.25 8.41
CA PHE C 500 36.08 -20.34 7.46
C PHE C 500 36.31 -21.70 8.11
N LEU C 501 37.44 -21.85 8.81
CA LEU C 501 37.80 -23.16 9.35
C LEU C 501 36.79 -23.65 10.36
N GLN C 502 36.27 -22.76 11.21
CA GLN C 502 35.33 -23.17 12.23
C GLN C 502 33.94 -23.45 11.70
N ARG C 503 33.69 -23.21 10.42
CA ARG C 503 32.39 -23.44 9.80
C ARG C 503 32.43 -24.37 8.60
N ARG C 504 33.40 -24.20 7.72
CA ARG C 504 33.54 -24.94 6.46
C ARG C 504 32.22 -25.04 5.68
N PRO C 505 31.56 -23.93 5.38
CA PRO C 505 30.33 -24.01 4.59
C PRO C 505 30.61 -24.26 3.12
N SER C 506 29.60 -24.77 2.44
CA SER C 506 29.69 -25.06 1.02
C SER C 506 29.39 -23.81 0.18
N LEU C 507 29.57 -23.95 -1.13
CA LEU C 507 29.30 -22.84 -2.04
C LEU C 507 27.85 -22.41 -1.97
N LYS C 508 26.91 -23.36 -1.86
CA LYS C 508 25.50 -23.01 -1.77
C LYS C 508 25.15 -22.33 -0.46
N SER C 509 26.03 -22.42 0.55
CA SER C 509 25.87 -21.70 1.80
C SER C 509 26.85 -20.57 1.99
N LEU C 510 27.97 -20.58 1.26
CA LEU C 510 29.00 -19.57 1.46
C LEU C 510 28.58 -18.21 0.91
N PHE C 511 28.01 -18.18 -0.29
CA PHE C 511 27.69 -16.95 -0.99
C PHE C 511 26.24 -16.50 -0.78
N VAL C 512 25.48 -17.21 0.05
CA VAL C 512 24.15 -16.78 0.45
C VAL C 512 24.09 -16.36 1.91
N ASP C 513 25.15 -16.58 2.68
CA ASP C 513 25.23 -16.19 4.08
C ASP C 513 26.65 -15.73 4.36
N SER C 514 26.86 -15.13 5.52
CA SER C 514 28.18 -14.72 5.96
C SER C 514 28.85 -13.80 4.96
N TYR C 515 28.09 -12.85 4.42
CA TYR C 515 28.64 -11.92 3.42
C TYR C 515 29.81 -11.13 3.97
N SER C 516 29.50 -10.27 4.92
CA SER C 516 30.39 -9.40 5.66
C SER C 516 31.73 -10.05 5.94
N GLU C 517 31.74 -11.29 6.40
CA GLU C 517 33.06 -11.89 6.58
C GLU C 517 33.78 -11.99 5.24
N ILE C 518 33.05 -12.32 4.18
CA ILE C 518 33.64 -12.37 2.85
C ILE C 518 34.16 -11.00 2.46
N LEU C 519 33.37 -9.96 2.73
CA LEU C 519 33.80 -8.61 2.37
C LEU C 519 35.05 -8.20 3.13
N PHE C 520 35.10 -8.48 4.43
CA PHE C 520 36.29 -8.14 5.18
C PHE C 520 37.49 -8.94 4.70
N PHE C 521 37.30 -10.21 4.36
CA PHE C 521 38.40 -10.99 3.83
C PHE C 521 38.89 -10.41 2.51
N VAL C 522 37.96 -9.99 1.65
CA VAL C 522 38.35 -9.43 0.37
C VAL C 522 39.17 -8.15 0.57
N GLN C 523 38.75 -7.32 1.52
CA GLN C 523 39.56 -6.16 1.88
C GLN C 523 40.97 -6.58 2.25
N SER C 524 41.09 -7.63 3.07
CA SER C 524 42.42 -8.08 3.45
C SER C 524 43.22 -8.52 2.23
N LEU C 525 42.58 -9.23 1.30
CA LEU C 525 43.27 -9.69 0.12
C LEU C 525 43.82 -8.51 -0.68
N PHE C 526 43.00 -7.47 -0.85
CA PHE C 526 43.46 -6.33 -1.62
C PHE C 526 44.64 -5.65 -0.95
N MET C 527 44.59 -5.49 0.37
CA MET C 527 45.71 -4.86 1.04
C MET C 527 46.98 -5.70 0.91
N LEU C 528 46.85 -7.02 1.02
CA LEU C 528 48.05 -7.86 0.92
C LEU C 528 48.64 -7.82 -0.48
N VAL C 529 47.78 -7.84 -1.51
CA VAL C 529 48.28 -7.69 -2.87
C VAL C 529 49.00 -6.35 -3.02
N SER C 530 48.47 -5.31 -2.37
CA SER C 530 49.15 -4.02 -2.40
C SER C 530 50.53 -4.12 -1.77
N VAL C 531 50.64 -4.83 -0.65
CA VAL C 531 51.96 -4.96 -0.02
C VAL C 531 52.92 -5.67 -0.95
N VAL C 532 52.46 -6.75 -1.59
CA VAL C 532 53.29 -7.52 -2.49
C VAL C 532 53.80 -6.63 -3.62
N LEU C 533 52.91 -5.84 -4.21
CA LEU C 533 53.32 -4.96 -5.28
C LEU C 533 54.25 -3.86 -4.77
N TYR C 534 54.02 -3.38 -3.55
CA TYR C 534 54.86 -2.32 -3.01
C TYR C 534 56.30 -2.78 -2.89
N PHE C 535 56.50 -3.99 -2.38
CA PHE C 535 57.86 -4.50 -2.31
C PHE C 535 58.35 -5.03 -3.65
N SER C 536 57.46 -5.33 -4.58
CA SER C 536 57.87 -5.88 -5.87
C SER C 536 58.31 -4.83 -6.88
N GLN C 537 58.52 -3.58 -6.44
CA GLN C 537 58.99 -2.53 -7.33
C GLN C 537 58.00 -2.29 -8.47
N ARG C 538 56.75 -2.06 -8.11
CA ARG C 538 55.69 -1.77 -9.06
C ARG C 538 54.92 -0.54 -8.62
N LYS C 539 54.40 0.19 -9.62
CA LYS C 539 53.53 1.33 -9.36
C LYS C 539 52.11 0.91 -9.05
N GLU C 540 51.70 -0.30 -9.44
CA GLU C 540 50.31 -0.70 -9.35
C GLU C 540 49.85 -0.97 -7.93
N TYR C 541 50.75 -0.87 -6.94
CA TYR C 541 50.30 -1.07 -5.57
C TYR C 541 49.25 -0.05 -5.16
N VAL C 542 49.26 1.12 -5.80
CA VAL C 542 48.21 2.10 -5.55
C VAL C 542 46.86 1.53 -5.96
N ALA C 543 46.80 0.91 -7.13
CA ALA C 543 45.52 0.46 -7.67
C ALA C 543 44.87 -0.56 -6.74
N SER C 544 45.64 -1.50 -6.20
CA SER C 544 45.06 -2.41 -5.25
C SER C 544 44.68 -1.69 -3.96
N MET C 545 45.54 -0.78 -3.49
CA MET C 545 45.33 -0.16 -2.18
C MET C 545 44.00 0.58 -2.14
N VAL C 546 43.72 1.38 -3.18
CA VAL C 546 42.46 2.13 -3.18
C VAL C 546 41.28 1.19 -3.15
N PHE C 547 41.37 0.05 -3.80
CA PHE C 547 40.23 -0.87 -3.76
C PHE C 547 39.99 -1.35 -2.35
N SER C 548 41.06 -1.52 -1.58
CA SER C 548 40.86 -1.80 -0.17
C SER C 548 40.20 -0.62 0.51
N LEU C 549 40.72 0.59 0.28
CA LEU C 549 40.27 1.77 1.00
C LEU C 549 38.80 2.06 0.70
N ALA C 550 38.45 2.10 -0.58
CA ALA C 550 37.05 2.29 -0.96
C ALA C 550 36.18 1.19 -0.38
N MET C 551 36.70 -0.03 -0.30
CA MET C 551 35.92 -1.09 0.31
C MET C 551 35.87 -0.92 1.81
N GLY C 552 36.98 -0.51 2.42
CA GLY C 552 37.04 -0.48 3.87
C GLY C 552 36.04 0.48 4.47
N TRP C 553 35.97 1.69 3.94
CA TRP C 553 34.97 2.65 4.41
C TRP C 553 33.57 2.09 4.23
N THR C 554 33.32 1.44 3.10
CA THR C 554 31.99 0.87 2.89
C THR C 554 31.68 -0.16 3.95
N ASN C 555 32.67 -0.95 4.33
CA ASN C 555 32.42 -1.97 5.34
C ASN C 555 32.13 -1.38 6.70
N MET C 556 32.29 -0.07 6.87
CA MET C 556 31.82 0.58 8.08
C MET C 556 30.35 0.29 8.32
N LEU C 557 29.56 0.10 7.26
CA LEU C 557 28.13 -0.17 7.46
C LEU C 557 27.89 -1.47 8.21
N TYR C 558 28.87 -2.38 8.24
CA TYR C 558 28.73 -3.59 9.03
C TYR C 558 28.38 -3.28 10.47
N TYR C 559 28.91 -2.18 11.00
CA TYR C 559 28.69 -1.89 12.40
C TYR C 559 27.34 -1.24 12.67
N THR C 560 26.47 -1.06 11.67
CA THR C 560 25.15 -0.50 11.99
C THR C 560 24.32 -1.48 12.80
N ARG C 561 24.64 -2.77 12.76
CA ARG C 561 24.03 -3.69 13.69
C ARG C 561 24.42 -3.28 15.10
N GLY C 562 23.51 -3.50 16.05
CA GLY C 562 23.65 -2.98 17.39
C GLY C 562 22.96 -1.66 17.60
N PHE C 563 22.63 -0.96 16.51
CA PHE C 563 21.79 0.24 16.55
C PHE C 563 20.51 -0.12 15.83
N GLN C 564 19.38 0.01 16.52
CA GLN C 564 18.11 -0.51 16.01
C GLN C 564 17.80 0.04 14.63
N GLN C 565 17.58 1.35 14.54
CA GLN C 565 17.07 1.91 13.29
C GLN C 565 18.12 1.82 12.18
N MET C 566 19.37 2.09 12.50
CA MET C 566 20.42 2.01 11.49
C MET C 566 20.58 0.58 10.99
N GLY C 567 20.50 -0.39 11.88
CA GLY C 567 20.62 -1.78 11.45
C GLY C 567 19.49 -2.22 10.54
N ILE C 568 18.24 -1.85 10.88
CA ILE C 568 17.13 -2.19 10.01
C ILE C 568 17.34 -1.56 8.64
N TYR C 569 17.79 -0.30 8.63
CA TYR C 569 18.05 0.41 7.38
C TYR C 569 19.10 -0.31 6.55
N ALA C 570 20.20 -0.70 7.17
CA ALA C 570 21.28 -1.33 6.41
C ALA C 570 20.85 -2.69 5.88
N VAL C 571 20.03 -3.42 6.63
CA VAL C 571 19.54 -4.70 6.11
C VAL C 571 18.66 -4.47 4.91
N MET C 572 17.78 -3.46 4.96
CA MET C 572 16.97 -3.17 3.79
C MET C 572 17.82 -2.80 2.59
N ILE C 573 18.90 -2.06 2.82
CA ILE C 573 19.80 -1.72 1.70
C ILE C 573 20.41 -2.99 1.10
N GLU C 574 20.86 -3.90 1.96
CA GLU C 574 21.48 -5.12 1.43
C GLU C 574 20.48 -5.92 0.61
N LYS C 575 19.24 -6.02 1.09
CA LYS C 575 18.24 -6.77 0.32
C LYS C 575 17.92 -6.08 -0.99
N MET C 576 17.80 -4.75 -0.99
CA MET C 576 17.49 -4.01 -2.20
C MET C 576 18.71 -3.82 -3.10
N ILE C 577 19.87 -4.35 -2.72
CA ILE C 577 20.96 -4.54 -3.65
C ILE C 577 20.91 -5.92 -4.27
N LEU C 578 20.83 -6.95 -3.43
CA LEU C 578 20.91 -8.32 -3.93
C LEU C 578 19.71 -8.67 -4.81
N ARG C 579 18.50 -8.31 -4.39
CA ARG C 579 17.34 -8.67 -5.19
C ARG C 579 17.20 -7.82 -6.43
N ASP C 580 17.72 -6.59 -6.41
CA ASP C 580 17.45 -5.64 -7.47
C ASP C 580 18.49 -5.61 -8.56
N LEU C 581 19.78 -5.68 -8.23
CA LEU C 581 20.75 -5.56 -9.31
C LEU C 581 20.68 -6.73 -10.27
N CYS C 582 20.53 -7.96 -9.76
CA CYS C 582 20.51 -9.12 -10.63
C CYS C 582 19.31 -9.11 -11.57
N ARG C 583 18.25 -8.38 -11.21
CA ARG C 583 17.08 -8.21 -12.07
C ARG C 583 17.20 -7.00 -12.98
N PHE C 584 17.74 -5.90 -12.47
CA PHE C 584 17.72 -4.64 -13.20
C PHE C 584 18.84 -4.58 -14.21
N MET C 585 20.08 -4.87 -13.79
CA MET C 585 21.21 -4.59 -14.64
C MET C 585 21.19 -5.41 -15.91
N PHE C 586 20.60 -6.60 -15.89
CA PHE C 586 20.45 -7.33 -17.13
C PHE C 586 19.60 -6.56 -18.13
N VAL C 587 18.43 -6.09 -17.70
CA VAL C 587 17.56 -5.35 -18.60
C VAL C 587 18.23 -4.08 -19.07
N TYR C 588 18.82 -3.34 -18.14
CA TYR C 588 19.42 -2.08 -18.50
C TYR C 588 20.58 -2.28 -19.46
N LEU C 589 21.43 -3.27 -19.20
CA LEU C 589 22.57 -3.49 -20.07
C LEU C 589 22.15 -3.99 -21.42
N VAL C 590 21.05 -4.75 -21.50
CA VAL C 590 20.54 -5.13 -22.81
C VAL C 590 20.18 -3.88 -23.61
N PHE C 591 19.44 -2.97 -22.99
CA PHE C 591 19.05 -1.75 -23.72
C PHE C 591 20.28 -0.92 -24.07
N LEU C 592 21.16 -0.70 -23.09
CA LEU C 592 22.32 0.15 -23.32
C LEU C 592 23.21 -0.42 -24.41
N PHE C 593 23.49 -1.71 -24.37
CA PHE C 593 24.36 -2.29 -25.37
C PHE C 593 23.71 -2.31 -26.74
N GLY C 594 22.41 -2.64 -26.81
CA GLY C 594 21.74 -2.65 -28.09
C GLY C 594 21.78 -1.30 -28.76
N PHE C 595 21.39 -0.25 -28.04
CA PHE C 595 21.37 1.07 -28.66
C PHE C 595 22.76 1.63 -28.86
N SER C 596 23.72 1.29 -27.99
CA SER C 596 25.10 1.72 -28.19
C SER C 596 25.66 1.17 -29.48
N THR C 597 25.47 -0.12 -29.72
CA THR C 597 25.98 -0.71 -30.95
C THR C 597 25.23 -0.19 -32.17
N ALA C 598 23.92 0.04 -32.04
CA ALA C 598 23.18 0.61 -33.15
C ALA C 598 23.71 1.98 -33.53
N VAL C 599 23.93 2.84 -32.54
CA VAL C 599 24.38 4.20 -32.85
C VAL C 599 25.81 4.16 -33.39
N VAL C 600 26.68 3.38 -32.78
CA VAL C 600 28.08 3.41 -33.17
C VAL C 600 28.27 2.84 -34.57
N THR C 601 27.47 1.83 -34.95
CA THR C 601 27.56 1.32 -36.32
C THR C 601 26.79 2.17 -37.30
N LEU C 602 25.91 3.06 -36.83
CA LEU C 602 25.26 3.99 -37.75
C LEU C 602 26.16 5.14 -38.17
N ILE C 603 27.12 5.53 -37.34
CA ILE C 603 27.96 6.71 -37.59
C ILE C 603 29.40 6.26 -37.72
N GLU C 604 30.11 6.82 -38.69
CA GLU C 604 31.50 6.47 -38.92
C GLU C 604 32.07 7.43 -39.96
N ASP C 605 33.35 7.73 -39.81
CA ASP C 605 34.06 8.62 -40.73
C ASP C 605 35.47 8.09 -40.94
N GLY C 606 36.27 8.86 -41.68
CA GLY C 606 37.65 8.48 -41.93
C GLY C 606 38.52 8.57 -40.69
N SER C 630 36.64 10.23 -32.40
CA SER C 630 35.65 10.95 -31.62
C SER C 630 34.28 10.33 -31.81
N TYR C 631 33.83 9.58 -30.80
CA TYR C 631 32.56 8.88 -30.78
C TYR C 631 32.46 7.80 -31.84
N ASN C 632 33.57 7.41 -32.47
CA ASN C 632 33.59 6.31 -33.41
C ASN C 632 33.88 4.97 -32.74
N SER C 633 34.02 4.94 -31.42
CA SER C 633 34.32 3.72 -30.68
C SER C 633 33.12 3.31 -29.85
N LEU C 634 33.03 2.01 -29.57
CA LEU C 634 31.91 1.53 -28.77
C LEU C 634 32.02 1.98 -27.32
N TYR C 635 33.23 2.17 -26.80
CA TYR C 635 33.35 2.61 -25.41
C TYR C 635 32.80 4.02 -25.24
N SER C 636 33.21 4.95 -26.10
CA SER C 636 32.75 6.32 -25.95
C SER C 636 31.24 6.41 -26.13
N THR C 637 30.70 5.69 -27.11
CA THR C 637 29.25 5.73 -27.29
C THR C 637 28.53 5.10 -26.11
N CYS C 638 29.10 4.03 -25.54
CA CYS C 638 28.50 3.47 -24.34
C CYS C 638 28.45 4.49 -23.22
N LEU C 639 29.51 5.27 -23.04
CA LEU C 639 29.46 6.33 -22.04
C LEU C 639 28.39 7.36 -22.39
N GLU C 640 28.33 7.78 -23.65
CA GLU C 640 27.42 8.87 -24.00
C GLU C 640 25.98 8.44 -23.84
N LEU C 641 25.68 7.16 -24.03
CA LEU C 641 24.34 6.68 -23.75
C LEU C 641 24.14 6.38 -22.28
N PHE C 642 25.21 6.09 -21.54
CA PHE C 642 25.07 5.94 -20.11
C PHE C 642 24.66 7.24 -19.46
N LYS C 643 25.23 8.35 -19.93
CA LYS C 643 25.01 9.65 -19.30
C LYS C 643 23.54 10.01 -19.22
N PHE C 644 22.70 9.47 -20.10
CA PHE C 644 21.29 9.79 -20.04
C PHE C 644 20.63 9.30 -18.77
N THR C 645 21.28 8.41 -18.04
CA THR C 645 20.74 7.91 -16.78
C THR C 645 20.99 8.92 -15.68
N ILE C 646 22.13 9.61 -15.72
CA ILE C 646 22.49 10.54 -14.67
C ILE C 646 22.16 11.97 -15.05
N GLY C 647 21.29 12.18 -16.03
CA GLY C 647 20.87 13.52 -16.32
C GLY C 647 21.94 14.38 -16.93
N MET C 648 22.71 13.86 -17.86
CA MET C 648 23.66 14.66 -18.61
C MET C 648 23.70 14.27 -20.08
N GLY C 649 22.60 13.72 -20.59
CA GLY C 649 22.55 13.39 -22.01
C GLY C 649 22.46 14.66 -22.84
N ASP C 650 23.07 14.63 -24.01
CA ASP C 650 23.09 15.81 -24.87
C ASP C 650 21.91 15.84 -25.83
N LEU C 651 21.59 14.70 -26.45
CA LEU C 651 20.70 14.53 -27.59
C LEU C 651 21.31 14.99 -28.90
N GLU C 652 22.49 15.60 -28.86
N GLU C 652 22.45 15.65 -28.87
CA GLU C 652 23.24 15.97 -30.06
CA GLU C 652 23.23 15.84 -30.09
C GLU C 652 24.71 15.94 -29.66
C GLU C 652 24.69 15.92 -29.67
N PHE C 653 25.41 14.84 -29.92
CA PHE C 653 26.83 14.72 -29.61
C PHE C 653 27.66 14.34 -30.82
N THR C 654 27.03 14.42 -32.00
CA THR C 654 27.69 14.16 -33.29
C THR C 654 26.94 15.07 -34.30
N GLU C 655 27.69 15.61 -35.28
CA GLU C 655 27.11 16.53 -36.29
C GLU C 655 27.60 16.30 -37.71
N ASN C 656 26.76 16.54 -38.73
CA ASN C 656 27.00 16.30 -40.15
C ASN C 656 27.06 14.80 -40.48
N TYR C 657 26.58 13.93 -39.61
CA TYR C 657 26.65 12.50 -39.84
C TYR C 657 25.43 12.02 -40.60
N ASP C 658 25.63 10.94 -41.34
CA ASP C 658 24.59 10.44 -42.23
C ASP C 658 23.39 9.96 -41.43
N PHE C 659 22.33 10.10 -42.04
CA PHE C 659 21.08 9.57 -41.51
C PHE C 659 20.70 10.22 -40.18
N LYS C 660 20.59 11.56 -40.20
CA LYS C 660 20.27 12.31 -39.00
C LYS C 660 18.95 11.86 -38.38
N ALA C 661 17.94 11.62 -39.21
CA ALA C 661 16.63 11.24 -38.69
C ALA C 661 16.69 9.90 -37.96
N VAL C 662 17.45 8.96 -38.51
CA VAL C 662 17.56 7.66 -37.85
C VAL C 662 18.28 7.81 -36.52
N PHE C 663 19.34 8.61 -36.49
CA PHE C 663 20.07 8.84 -35.25
C PHE C 663 19.15 9.41 -34.18
N ILE C 664 18.38 10.44 -34.53
CA ILE C 664 17.50 11.05 -33.55
C ILE C 664 16.44 10.08 -33.09
N ILE C 665 15.90 9.29 -34.02
CA ILE C 665 14.88 8.31 -33.62
C ILE C 665 15.47 7.31 -32.65
N LEU C 666 16.69 6.86 -32.90
CA LEU C 666 17.30 5.88 -32.01
C LEU C 666 17.52 6.47 -30.63
N LEU C 667 18.08 7.68 -30.55
CA LEU C 667 18.33 8.25 -29.23
C LEU C 667 17.03 8.51 -28.50
N LEU C 668 16.01 9.03 -29.17
CA LEU C 668 14.74 9.29 -28.50
C LEU C 668 14.10 8.00 -28.01
N ALA C 669 14.19 6.95 -28.82
CA ALA C 669 13.66 5.66 -28.38
C ALA C 669 14.43 5.16 -27.17
N TYR C 670 15.75 5.35 -27.17
CA TYR C 670 16.54 4.93 -26.02
C TYR C 670 16.13 5.69 -24.78
N VAL C 671 15.97 7.01 -24.90
CA VAL C 671 15.65 7.82 -23.72
C VAL C 671 14.30 7.43 -23.17
N ILE C 672 13.31 7.25 -24.04
CA ILE C 672 11.97 6.90 -23.58
C ILE C 672 11.98 5.52 -22.94
N LEU C 673 12.67 4.57 -23.54
CA LEU C 673 12.67 3.23 -22.98
C LEU C 673 13.39 3.18 -21.64
N THR C 674 14.53 3.85 -21.54
CA THR C 674 15.39 3.73 -20.36
C THR C 674 15.09 4.80 -19.32
N TYR C 675 15.24 6.07 -19.69
CA TYR C 675 15.20 7.12 -18.69
C TYR C 675 13.80 7.31 -18.13
N ILE C 676 12.79 7.30 -18.98
CA ILE C 676 11.45 7.68 -18.54
C ILE C 676 10.69 6.48 -18.01
N LEU C 677 10.86 5.31 -18.61
CA LEU C 677 10.13 4.11 -18.19
C LEU C 677 10.92 3.24 -17.23
N LEU C 678 12.16 2.90 -17.59
CA LEU C 678 12.85 1.87 -16.82
C LEU C 678 13.23 2.36 -15.43
N LEU C 679 13.76 3.58 -15.31
CA LEU C 679 14.17 4.05 -13.99
C LEU C 679 12.98 4.26 -13.08
N ASN C 680 11.89 4.81 -13.62
CA ASN C 680 10.70 4.96 -12.80
C ASN C 680 10.13 3.60 -12.43
N MET C 681 10.27 2.63 -13.33
CA MET C 681 9.86 1.27 -13.00
C MET C 681 10.69 0.72 -11.87
N LEU C 682 12.00 1.02 -11.86
CA LEU C 682 12.86 0.58 -10.77
C LEU C 682 12.38 1.16 -9.45
N ILE C 683 12.02 2.45 -9.46
CA ILE C 683 11.56 3.08 -8.23
C ILE C 683 10.29 2.40 -7.73
N ALA C 684 9.35 2.14 -8.65
CA ALA C 684 8.10 1.52 -8.25
C ALA C 684 8.33 0.12 -7.68
N LEU C 685 9.18 -0.67 -8.33
CA LEU C 685 9.43 -2.02 -7.85
C LEU C 685 10.15 -2.00 -6.51
N MET C 686 11.08 -1.06 -6.33
CA MET C 686 11.72 -0.96 -5.03
C MET C 686 10.72 -0.60 -3.96
N GLY C 687 9.73 0.22 -4.30
CA GLY C 687 8.65 0.48 -3.34
C GLY C 687 7.91 -0.80 -2.97
N GLU C 688 7.59 -1.62 -3.97
CA GLU C 688 6.91 -2.88 -3.69
C GLU C 688 7.75 -3.78 -2.80
N THR C 689 9.03 -3.90 -3.10
CA THR C 689 9.91 -4.74 -2.29
C THR C 689 9.99 -4.22 -0.86
N VAL C 690 10.10 -2.91 -0.70
CA VAL C 690 10.18 -2.32 0.63
C VAL C 690 8.95 -2.66 1.45
N ASN C 691 7.78 -2.58 0.83
CA ASN C 691 6.55 -2.87 1.57
C ASN C 691 6.55 -4.28 2.14
N LYS C 692 7.19 -5.24 1.46
CA LYS C 692 7.11 -6.65 1.82
C LYS C 692 8.27 -7.14 2.67
N ILE C 693 9.20 -6.26 3.08
CA ILE C 693 10.31 -6.65 3.94
C ILE C 693 10.34 -5.85 5.23
N ALA C 694 9.25 -5.22 5.60
CA ALA C 694 9.22 -4.53 6.89
C ALA C 694 9.43 -5.51 8.03
N GLN C 695 8.85 -6.70 7.93
CA GLN C 695 8.94 -7.68 9.01
C GLN C 695 10.19 -8.52 8.91
N GLU C 696 10.60 -8.89 7.69
CA GLU C 696 11.76 -9.75 7.52
C GLU C 696 13.02 -9.05 8.01
N SER C 697 13.13 -7.75 7.77
CA SER C 697 14.33 -7.02 8.17
C SER C 697 14.51 -7.04 9.68
N LYS C 698 13.43 -6.93 10.44
CA LYS C 698 13.57 -6.98 11.91
C LYS C 698 14.12 -8.32 12.35
N ASN C 699 13.63 -9.41 11.78
CA ASN C 699 14.14 -10.71 12.16
C ASN C 699 15.60 -10.86 11.78
N ILE C 700 15.97 -10.37 10.60
CA ILE C 700 17.38 -10.50 10.18
C ILE C 700 18.27 -9.68 11.09
N TRP C 701 17.83 -8.49 11.47
CA TRP C 701 18.65 -7.69 12.38
C TRP C 701 18.81 -8.38 13.71
N LYS C 702 17.72 -8.95 14.25
CA LYS C 702 17.83 -9.67 15.52
C LYS C 702 18.81 -10.82 15.39
N LEU C 703 18.77 -11.51 14.25
CA LEU C 703 19.73 -12.60 14.02
C LEU C 703 21.15 -12.09 13.95
N GLN C 704 21.37 -10.95 13.29
CA GLN C 704 22.72 -10.40 13.21
C GLN C 704 23.24 -10.04 14.59
N ARG C 705 22.38 -9.43 15.41
CA ARG C 705 22.79 -9.14 16.77
C ARG C 705 23.07 -10.43 17.53
N ALA C 706 22.28 -11.48 17.29
CA ALA C 706 22.51 -12.75 17.96
C ALA C 706 23.88 -13.31 17.60
N ILE C 707 24.24 -13.25 16.32
CA ILE C 707 25.55 -13.75 15.91
C ILE C 707 26.65 -12.92 16.54
N THR C 708 26.47 -11.60 16.58
CA THR C 708 27.48 -10.75 17.20
C THR C 708 27.67 -11.11 18.67
N ILE C 709 26.57 -11.30 19.39
CA ILE C 709 26.64 -11.65 20.80
C ILE C 709 27.37 -12.97 20.97
N LEU C 710 27.00 -13.96 20.17
CA LEU C 710 27.60 -15.28 20.33
C LEU C 710 29.09 -15.24 20.05
N ASP C 711 29.52 -14.53 19.01
CA ASP C 711 30.95 -14.44 18.75
C ASP C 711 31.68 -13.73 19.87
N THR C 712 31.10 -12.63 20.37
CA THR C 712 31.78 -11.84 21.37
C THR C 712 31.97 -12.64 22.66
N GLU C 713 30.92 -13.34 23.10
CA GLU C 713 31.06 -14.11 24.33
C GLU C 713 31.86 -15.39 24.10
N LYS C 714 31.83 -15.94 22.88
CA LYS C 714 32.60 -17.14 22.61
C LYS C 714 34.09 -16.85 22.70
N SER C 715 34.53 -15.72 22.15
CA SER C 715 35.95 -15.39 22.22
C SER C 715 36.29 -14.75 23.57
N PHE C 716 35.85 -13.51 23.78
CA PHE C 716 35.96 -12.77 25.03
C PHE C 716 37.38 -12.33 25.40
N LEU C 717 38.41 -12.85 24.72
CA LEU C 717 39.78 -12.36 24.77
C LEU C 717 40.45 -12.46 26.14
N LYS C 718 39.82 -13.10 27.12
CA LYS C 718 40.39 -13.27 28.46
C LYS C 718 40.38 -14.70 28.96
N CYS C 719 39.70 -15.62 28.26
CA CYS C 719 39.59 -17.01 28.70
C CYS C 719 38.92 -17.10 30.08
N MET C 720 37.83 -16.34 30.23
CA MET C 720 37.04 -16.33 31.46
C MET C 720 35.61 -16.76 31.14
N ARG C 721 34.99 -17.43 32.12
CA ARG C 721 33.63 -17.94 32.00
C ARG C 721 32.66 -16.94 32.63
N LYS C 722 32.30 -15.93 31.84
CA LYS C 722 31.38 -14.88 32.26
C LYS C 722 30.00 -14.99 31.61
N ALA C 723 29.72 -16.06 30.86
CA ALA C 723 28.44 -16.23 30.22
C ALA C 723 27.35 -16.73 31.17
N PHE C 724 27.70 -17.15 32.39
CA PHE C 724 26.71 -17.68 33.31
C PHE C 724 25.69 -16.60 33.67
N ARG C 725 24.48 -17.06 34.03
CA ARG C 725 23.32 -16.20 34.15
C ARG C 725 23.05 -15.74 35.58
N SER C 726 22.77 -16.69 36.48
CA SER C 726 22.34 -16.37 37.84
C SER C 726 22.98 -17.22 38.92
N GLY C 727 23.83 -18.18 38.58
CA GLY C 727 24.41 -19.05 39.56
C GLY C 727 23.55 -20.27 39.80
N LYS C 728 24.10 -21.20 40.59
CA LYS C 728 23.40 -22.44 40.92
C LYS C 728 22.29 -22.12 41.91
N LEU C 729 21.18 -21.60 41.39
CA LEU C 729 20.03 -21.28 42.22
C LEU C 729 19.17 -22.51 42.44
N LEU C 730 18.62 -22.62 43.66
CA LEU C 730 17.84 -23.79 44.06
C LEU C 730 16.45 -23.68 43.44
N GLN C 731 16.36 -24.06 42.17
CA GLN C 731 15.11 -23.94 41.44
C GLN C 731 14.06 -24.91 41.98
N VAL C 732 14.43 -26.18 42.11
CA VAL C 732 13.47 -27.26 42.37
C VAL C 732 13.51 -27.71 43.83
N GLY C 733 14.69 -28.07 44.32
CA GLY C 733 14.79 -28.59 45.68
C GLY C 733 14.22 -29.97 45.88
N PHE C 734 13.98 -30.72 44.81
CA PHE C 734 13.39 -32.05 44.94
C PHE C 734 13.68 -32.86 43.69
N THR C 735 14.02 -34.12 43.90
CA THR C 735 14.21 -35.11 42.85
C THR C 735 13.59 -36.41 43.32
N PRO C 736 13.36 -37.37 42.41
CA PRO C 736 12.93 -38.70 42.87
C PRO C 736 13.92 -39.34 43.83
N ASP C 737 15.21 -39.09 43.65
CA ASP C 737 16.19 -39.44 44.65
C ASP C 737 16.10 -38.45 45.81
N GLY C 738 16.66 -38.82 46.96
CA GLY C 738 16.61 -37.96 48.13
C GLY C 738 17.54 -36.76 48.08
N LYS C 739 17.52 -36.01 46.99
CA LYS C 739 18.45 -34.92 46.75
C LYS C 739 17.70 -33.69 46.26
N ASP C 740 18.35 -32.54 46.40
CA ASP C 740 17.85 -31.27 45.87
C ASP C 740 18.37 -31.11 44.45
N ASP C 741 18.23 -29.91 43.87
CA ASP C 741 18.76 -29.66 42.53
C ASP C 741 18.92 -28.17 42.30
N TYR C 742 20.07 -27.80 41.73
CA TYR C 742 20.37 -26.44 41.31
C TYR C 742 20.53 -26.44 39.79
N ARG C 743 19.87 -25.49 39.12
CA ARG C 743 19.64 -25.59 37.67
C ARG C 743 19.88 -24.29 36.91
N TRP C 744 20.66 -23.36 37.45
CA TRP C 744 21.04 -22.12 36.75
C TRP C 744 19.82 -21.37 36.23
N CYS C 745 18.79 -21.29 37.05
CA CYS C 745 17.53 -20.70 36.59
C CYS C 745 17.68 -19.18 36.42
N PHE C 746 17.11 -18.68 35.33
CA PHE C 746 17.07 -17.26 35.04
C PHE C 746 15.65 -16.74 35.24
N ARG C 747 15.52 -15.61 35.93
CA ARG C 747 14.24 -15.06 36.34
C ARG C 747 13.71 -14.07 35.32
N VAL C 748 12.40 -14.08 35.11
CA VAL C 748 11.70 -13.14 34.24
C VAL C 748 10.42 -12.73 34.95
N ASP C 749 10.24 -11.42 35.14
CA ASP C 749 9.07 -10.90 35.82
C ASP C 749 8.04 -10.48 34.77
N GLU C 750 6.81 -10.94 34.94
CA GLU C 750 5.71 -10.55 34.07
C GLU C 750 4.50 -10.21 34.94
N VAL C 751 3.61 -9.39 34.40
CA VAL C 751 2.45 -8.87 35.13
C VAL C 751 1.23 -9.06 34.28
N ASN C 752 0.22 -9.77 34.80
CA ASN C 752 -1.02 -9.99 34.07
C ASN C 752 -2.11 -10.45 35.04
N TRP C 753 -3.02 -9.54 35.38
CA TRP C 753 -4.21 -9.83 36.21
C TRP C 753 -3.93 -10.62 37.49
N TYR D 202 -39.18 -17.12 -32.80
CA TYR D 202 -40.19 -18.18 -32.74
C TYR D 202 -39.74 -19.27 -31.77
N TYR D 203 -40.69 -20.08 -31.32
CA TYR D 203 -40.47 -21.08 -30.27
C TYR D 203 -40.78 -22.48 -30.79
N LYS D 204 -40.25 -22.82 -31.96
CA LYS D 204 -40.56 -24.08 -32.61
C LYS D 204 -40.20 -25.27 -31.72
N GLY D 205 -41.13 -26.22 -31.62
CA GLY D 205 -40.90 -27.45 -30.88
C GLY D 205 -41.03 -27.32 -29.38
N GLN D 206 -41.46 -26.17 -28.87
CA GLN D 206 -41.60 -25.97 -27.43
C GLN D 206 -42.87 -26.66 -26.95
N THR D 207 -42.79 -27.99 -26.87
CA THR D 207 -43.96 -28.77 -26.49
C THR D 207 -44.22 -28.61 -24.99
N ALA D 208 -45.29 -29.26 -24.52
CA ALA D 208 -45.67 -29.16 -23.12
C ALA D 208 -44.59 -29.74 -22.21
N LEU D 209 -43.85 -30.73 -22.68
CA LEU D 209 -42.80 -31.31 -21.85
C LEU D 209 -41.71 -30.29 -21.54
N HIS D 210 -41.33 -29.49 -22.54
CA HIS D 210 -40.36 -28.42 -22.32
C HIS D 210 -40.87 -27.45 -21.26
N ILE D 211 -42.15 -27.11 -21.32
CA ILE D 211 -42.69 -26.12 -20.39
C ILE D 211 -42.76 -26.70 -18.98
N ALA D 212 -43.18 -27.96 -18.87
CA ALA D 212 -43.25 -28.60 -17.56
C ALA D 212 -41.86 -28.70 -16.92
N ILE D 213 -40.85 -29.08 -17.71
CA ILE D 213 -39.50 -29.14 -17.19
C ILE D 213 -39.01 -27.74 -16.82
N GLU D 214 -39.27 -26.77 -17.70
CA GLU D 214 -38.76 -25.42 -17.51
C GLU D 214 -39.31 -24.80 -16.24
N ARG D 215 -40.59 -25.03 -15.96
CA ARG D 215 -41.21 -24.53 -14.74
C ARG D 215 -40.90 -25.37 -13.51
N ARG D 216 -40.13 -26.47 -13.66
CA ARG D 216 -39.81 -27.36 -12.54
C ARG D 216 -41.07 -27.89 -11.88
N ASN D 217 -42.05 -28.26 -12.70
CA ASN D 217 -43.31 -28.86 -12.24
C ASN D 217 -43.23 -30.36 -12.50
N MET D 218 -42.88 -31.13 -11.47
CA MET D 218 -42.65 -32.56 -11.66
C MET D 218 -43.94 -33.30 -11.99
N THR D 219 -45.07 -32.84 -11.47
CA THR D 219 -46.34 -33.52 -11.72
C THR D 219 -46.67 -33.52 -13.22
N LEU D 220 -46.51 -32.37 -13.86
CA LEU D 220 -46.77 -32.29 -15.30
C LEU D 220 -45.79 -33.16 -16.07
N VAL D 221 -44.53 -33.19 -15.63
CA VAL D 221 -43.53 -34.01 -16.33
C VAL D 221 -43.94 -35.48 -16.29
N THR D 222 -44.32 -35.97 -15.10
CA THR D 222 -44.72 -37.37 -15.00
C THR D 222 -45.95 -37.66 -15.83
N LEU D 223 -46.95 -36.77 -15.79
CA LEU D 223 -48.17 -37.01 -16.54
C LEU D 223 -47.90 -37.01 -18.04
N LEU D 224 -47.12 -36.05 -18.53
CA LEU D 224 -46.84 -35.98 -19.97
C LEU D 224 -46.02 -37.17 -20.42
N VAL D 225 -45.03 -37.58 -19.63
CA VAL D 225 -44.21 -38.72 -20.01
C VAL D 225 -45.06 -39.99 -20.09
N GLU D 226 -45.90 -40.21 -19.08
CA GLU D 226 -46.76 -41.40 -19.12
C GLU D 226 -47.74 -41.33 -20.28
N ASN D 227 -48.20 -40.13 -20.64
CA ASN D 227 -49.14 -39.98 -21.74
C ASN D 227 -48.50 -40.18 -23.12
N GLY D 228 -47.18 -40.28 -23.20
CA GLY D 228 -46.51 -40.54 -24.45
C GLY D 228 -45.82 -39.34 -25.08
N ALA D 229 -45.49 -38.32 -24.30
CA ALA D 229 -44.72 -37.21 -24.85
C ALA D 229 -43.34 -37.67 -25.29
N ASP D 230 -42.93 -37.24 -26.47
CA ASP D 230 -41.65 -37.66 -27.02
C ASP D 230 -40.50 -36.93 -26.35
N VAL D 231 -39.34 -37.59 -26.31
CA VAL D 231 -38.12 -37.00 -25.76
C VAL D 231 -37.29 -36.31 -26.84
N GLN D 232 -37.17 -36.93 -28.02
CA GLN D 232 -36.33 -36.39 -29.08
C GLN D 232 -37.09 -35.30 -29.83
N ALA D 233 -37.34 -34.19 -29.13
CA ALA D 233 -38.08 -33.07 -29.68
C ALA D 233 -37.14 -32.14 -30.45
N ALA D 234 -37.60 -31.71 -31.63
CA ALA D 234 -36.84 -30.80 -32.48
C ALA D 234 -37.07 -29.35 -32.08
N ALA D 235 -36.69 -29.04 -30.84
CA ALA D 235 -36.91 -27.70 -30.28
C ALA D 235 -35.87 -26.74 -30.85
N ASN D 236 -36.06 -26.41 -32.12
CA ASN D 236 -35.13 -25.61 -32.90
C ASN D 236 -35.67 -24.20 -33.16
N GLY D 237 -36.46 -23.67 -32.23
CA GLY D 237 -36.97 -22.32 -32.39
C GLY D 237 -35.85 -21.29 -32.34
N ASP D 238 -35.99 -20.26 -33.17
CA ASP D 238 -34.95 -19.23 -33.27
C ASP D 238 -34.71 -18.56 -31.93
N PHE D 239 -35.75 -18.38 -31.12
CA PHE D 239 -35.55 -17.92 -29.76
C PHE D 239 -34.85 -18.99 -28.92
N PHE D 240 -35.32 -20.22 -29.00
CA PHE D 240 -34.92 -21.26 -28.06
C PHE D 240 -33.52 -21.81 -28.32
N LYS D 241 -32.91 -21.45 -29.44
CA LYS D 241 -31.56 -21.91 -29.76
C LYS D 241 -30.54 -20.97 -29.12
N LYS D 242 -29.28 -21.11 -29.51
CA LYS D 242 -28.16 -20.33 -29.00
C LYS D 242 -28.17 -18.94 -29.62
N THR D 243 -27.02 -18.24 -29.61
CA THR D 243 -26.91 -16.80 -29.87
C THR D 243 -27.51 -15.98 -28.73
N LYS D 244 -26.84 -16.06 -27.58
CA LYS D 244 -27.26 -15.36 -26.36
C LYS D 244 -27.33 -13.85 -26.52
N GLY D 245 -26.64 -13.27 -27.51
CA GLY D 245 -26.60 -11.82 -27.63
C GLY D 245 -27.98 -11.22 -27.79
N ARG D 246 -28.77 -11.77 -28.70
CA ARG D 246 -30.19 -11.47 -28.76
C ARG D 246 -30.91 -12.29 -27.69
N PRO D 247 -32.16 -11.92 -27.33
CA PRO D 247 -32.92 -12.74 -26.38
C PRO D 247 -33.03 -14.17 -26.87
N GLY D 248 -32.77 -15.12 -25.97
CA GLY D 248 -32.78 -16.51 -26.37
C GLY D 248 -32.49 -17.43 -25.21
N PHE D 249 -32.30 -18.70 -25.56
CA PHE D 249 -32.21 -19.79 -24.59
C PHE D 249 -31.03 -20.66 -25.02
N TYR D 250 -29.90 -20.52 -24.33
CA TYR D 250 -28.62 -20.99 -24.84
C TYR D 250 -28.37 -22.47 -24.59
N PHE D 251 -29.23 -23.16 -23.85
CA PHE D 251 -29.07 -24.58 -23.53
C PHE D 251 -30.33 -25.37 -23.87
N GLY D 252 -30.91 -25.11 -25.03
CA GLY D 252 -32.11 -25.79 -25.50
C GLY D 252 -31.81 -26.89 -26.48
N GLU D 253 -32.76 -27.12 -27.40
CA GLU D 253 -32.72 -28.13 -28.45
C GLU D 253 -32.74 -29.56 -27.93
N LEU D 254 -32.99 -29.78 -26.65
CA LEU D 254 -33.14 -31.13 -26.11
C LEU D 254 -33.81 -31.05 -24.75
N PRO D 255 -34.90 -31.78 -24.48
CA PRO D 255 -35.49 -31.69 -23.14
C PRO D 255 -34.63 -32.32 -22.05
N LEU D 256 -33.77 -33.28 -22.40
CA LEU D 256 -32.83 -33.79 -21.42
C LEU D 256 -31.82 -32.72 -21.01
N SER D 257 -31.47 -31.83 -21.94
CA SER D 257 -30.63 -30.69 -21.57
C SER D 257 -31.33 -29.82 -20.55
N LEU D 258 -32.64 -29.63 -20.70
CA LEU D 258 -33.40 -28.90 -19.70
C LEU D 258 -33.43 -29.65 -18.39
N ALA D 259 -33.61 -30.97 -18.44
CA ALA D 259 -33.66 -31.77 -17.22
C ALA D 259 -32.36 -31.66 -16.44
N ALA D 260 -31.22 -31.70 -17.14
CA ALA D 260 -29.94 -31.57 -16.47
C ALA D 260 -29.66 -30.13 -16.04
N CYS D 261 -29.94 -29.16 -16.91
CA CYS D 261 -29.55 -27.79 -16.66
C CYS D 261 -30.38 -27.12 -15.57
N THR D 262 -31.58 -27.61 -15.31
CA THR D 262 -32.45 -27.03 -14.30
C THR D 262 -32.16 -27.54 -12.89
N ASN D 263 -31.16 -28.40 -12.72
CA ASN D 263 -30.72 -28.88 -11.42
C ASN D 263 -31.78 -29.71 -10.71
N GLN D 264 -32.73 -30.30 -11.45
CA GLN D 264 -33.75 -31.17 -10.89
C GLN D 264 -33.35 -32.61 -11.15
N LEU D 265 -32.83 -33.27 -10.11
CA LEU D 265 -32.45 -34.67 -10.25
C LEU D 265 -33.64 -35.57 -10.53
N ALA D 266 -34.83 -35.18 -10.05
CA ALA D 266 -36.00 -36.05 -10.18
C ALA D 266 -36.34 -36.31 -11.64
N ILE D 267 -36.29 -35.27 -12.48
CA ILE D 267 -36.65 -35.44 -13.88
C ILE D 267 -35.61 -36.29 -14.58
N VAL D 268 -34.32 -36.05 -14.30
CA VAL D 268 -33.26 -36.79 -14.95
C VAL D 268 -33.33 -38.27 -14.58
N LYS D 269 -33.56 -38.57 -13.30
CA LYS D 269 -33.67 -39.95 -12.89
C LYS D 269 -34.97 -40.58 -13.39
N PHE D 270 -36.00 -39.77 -13.61
CA PHE D 270 -37.28 -40.28 -14.08
C PHE D 270 -37.24 -40.63 -15.56
N LEU D 271 -36.59 -39.80 -16.37
CA LEU D 271 -36.54 -40.03 -17.80
C LEU D 271 -35.55 -41.13 -18.18
N LEU D 272 -34.79 -41.67 -17.22
CA LEU D 272 -33.82 -42.72 -17.53
C LEU D 272 -34.50 -43.95 -18.10
N GLN D 273 -35.63 -44.34 -17.53
CA GLN D 273 -36.43 -45.47 -18.01
C GLN D 273 -37.83 -44.94 -18.30
N ASN D 274 -38.09 -44.67 -19.56
CA ASN D 274 -39.37 -44.15 -19.99
C ASN D 274 -40.35 -45.29 -20.23
N SER D 275 -41.63 -44.95 -20.17
CA SER D 275 -42.67 -45.90 -20.55
C SER D 275 -42.78 -46.04 -22.06
N TRP D 276 -42.45 -44.99 -22.81
CA TRP D 276 -42.62 -44.95 -24.26
C TRP D 276 -41.31 -44.81 -25.01
N GLN D 277 -40.51 -43.79 -24.69
CA GLN D 277 -39.29 -43.47 -25.42
C GLN D 277 -38.19 -43.21 -24.41
N PRO D 278 -37.29 -44.18 -24.16
CA PRO D 278 -36.24 -43.97 -23.16
C PRO D 278 -35.32 -42.81 -23.53
N ALA D 279 -34.86 -42.11 -22.50
CA ALA D 279 -33.92 -41.01 -22.71
C ALA D 279 -32.59 -41.55 -23.21
N ASP D 280 -31.91 -40.73 -24.01
CA ASP D 280 -30.59 -41.05 -24.55
C ASP D 280 -29.67 -39.87 -24.26
N ILE D 281 -28.65 -40.10 -23.43
CA ILE D 281 -27.72 -39.03 -23.10
C ILE D 281 -26.98 -38.55 -24.32
N SER D 282 -26.65 -39.47 -25.25
CA SER D 282 -25.86 -39.12 -26.41
C SER D 282 -26.63 -38.39 -27.50
N ALA D 283 -27.91 -38.08 -27.28
CA ALA D 283 -28.66 -37.30 -28.25
C ALA D 283 -27.99 -35.95 -28.47
N ARG D 284 -27.93 -35.54 -29.73
CA ARG D 284 -27.16 -34.37 -30.15
C ARG D 284 -28.08 -33.31 -30.74
N ASP D 285 -27.80 -32.06 -30.40
CA ASP D 285 -28.56 -30.93 -30.93
C ASP D 285 -28.03 -30.57 -32.31
N SER D 286 -28.41 -29.39 -32.82
CA SER D 286 -28.02 -28.99 -34.16
C SER D 286 -26.51 -28.83 -34.30
N VAL D 287 -25.80 -28.52 -33.21
CA VAL D 287 -24.35 -28.30 -33.24
C VAL D 287 -23.59 -29.45 -32.60
N GLY D 288 -24.25 -30.59 -32.43
CA GLY D 288 -23.59 -31.78 -31.91
C GLY D 288 -23.50 -31.88 -30.40
N ASN D 289 -23.96 -30.87 -29.67
CA ASN D 289 -23.83 -30.88 -28.21
C ASN D 289 -24.77 -31.89 -27.59
N THR D 290 -24.26 -32.61 -26.60
CA THR D 290 -25.02 -33.59 -25.83
C THR D 290 -25.43 -32.98 -24.50
N VAL D 291 -26.03 -33.80 -23.64
CA VAL D 291 -26.43 -33.33 -22.31
C VAL D 291 -25.23 -32.82 -21.55
N LEU D 292 -24.10 -33.52 -21.66
CA LEU D 292 -22.90 -33.12 -20.93
C LEU D 292 -22.35 -31.80 -21.45
N HIS D 293 -22.36 -31.59 -22.76
CA HIS D 293 -21.89 -30.33 -23.31
C HIS D 293 -22.74 -29.17 -22.81
N ALA D 294 -24.06 -29.33 -22.84
CA ALA D 294 -24.94 -28.29 -22.33
C ALA D 294 -24.71 -28.05 -20.85
N LEU D 295 -24.52 -29.13 -20.08
CA LEU D 295 -24.32 -29.00 -18.65
C LEU D 295 -23.03 -28.26 -18.35
N VAL D 296 -22.03 -28.39 -19.24
CA VAL D 296 -20.84 -27.57 -19.12
C VAL D 296 -21.15 -26.12 -19.44
N GLU D 297 -21.92 -25.89 -20.51
CA GLU D 297 -22.13 -24.54 -21.01
C GLU D 297 -22.83 -23.65 -19.99
N VAL D 298 -23.74 -24.22 -19.19
CA VAL D 298 -24.46 -23.41 -18.20
C VAL D 298 -23.57 -22.91 -17.08
N ALA D 299 -22.35 -23.42 -16.94
CA ALA D 299 -21.48 -22.99 -15.85
C ALA D 299 -21.13 -21.51 -15.99
N ASP D 300 -20.90 -20.86 -14.84
CA ASP D 300 -20.50 -19.46 -14.80
C ASP D 300 -19.32 -19.20 -13.87
N ASN D 301 -18.63 -20.25 -13.42
CA ASN D 301 -17.47 -20.10 -12.54
C ASN D 301 -17.86 -19.44 -11.22
N THR D 302 -18.89 -19.97 -10.57
CA THR D 302 -19.27 -19.58 -9.22
C THR D 302 -19.40 -20.83 -8.34
N VAL D 303 -19.31 -20.62 -7.03
CA VAL D 303 -19.25 -21.74 -6.10
C VAL D 303 -20.55 -22.54 -6.14
N ASP D 304 -21.69 -21.87 -6.05
CA ASP D 304 -22.97 -22.58 -6.03
C ASP D 304 -23.24 -23.26 -7.36
N ASN D 305 -23.00 -22.55 -8.46
CA ASN D 305 -23.16 -23.14 -9.78
C ASN D 305 -22.22 -24.32 -9.96
N THR D 306 -20.99 -24.19 -9.47
CA THR D 306 -20.05 -25.30 -9.53
C THR D 306 -20.59 -26.50 -8.77
N LYS D 307 -21.17 -26.27 -7.59
CA LYS D 307 -21.73 -27.38 -6.81
C LYS D 307 -22.85 -28.07 -7.58
N PHE D 308 -23.79 -27.29 -8.12
CA PHE D 308 -24.92 -27.87 -8.84
C PHE D 308 -24.46 -28.63 -10.07
N VAL D 309 -23.56 -28.03 -10.85
CA VAL D 309 -23.10 -28.64 -12.08
C VAL D 309 -22.30 -29.90 -11.77
N THR D 310 -21.46 -29.86 -10.73
CA THR D 310 -20.69 -31.02 -10.37
C THR D 310 -21.59 -32.19 -9.98
N SER D 311 -22.58 -31.91 -9.12
CA SER D 311 -23.47 -32.98 -8.69
C SER D 311 -24.24 -33.55 -9.86
N MET D 312 -24.82 -32.68 -10.69
CA MET D 312 -25.62 -33.16 -11.81
C MET D 312 -24.75 -33.93 -12.81
N TYR D 313 -23.53 -33.46 -13.05
CA TYR D 313 -22.65 -34.12 -14.00
C TYR D 313 -22.29 -35.51 -13.51
N ASN D 314 -21.92 -35.63 -12.23
CA ASN D 314 -21.56 -36.93 -11.68
C ASN D 314 -22.73 -37.90 -11.76
N GLU D 315 -23.92 -37.44 -11.38
CA GLU D 315 -25.09 -38.31 -11.40
C GLU D 315 -25.41 -38.76 -12.82
N ILE D 316 -25.35 -37.83 -13.79
CA ILE D 316 -25.66 -38.20 -15.17
C ILE D 316 -24.66 -39.20 -15.69
N LEU D 317 -23.37 -38.97 -15.43
CA LEU D 317 -22.36 -39.87 -15.97
C LEU D 317 -22.51 -41.26 -15.40
N ILE D 318 -22.74 -41.38 -14.08
CA ILE D 318 -22.83 -42.70 -13.49
C ILE D 318 -24.09 -43.41 -13.99
N LEU D 319 -25.20 -42.68 -14.13
CA LEU D 319 -26.41 -43.32 -14.64
C LEU D 319 -26.23 -43.78 -16.08
N GLY D 320 -25.59 -42.96 -16.91
CA GLY D 320 -25.34 -43.38 -18.28
C GLY D 320 -24.43 -44.59 -18.36
N ALA D 321 -23.44 -44.65 -17.47
CA ALA D 321 -22.57 -45.82 -17.43
C ALA D 321 -23.33 -47.08 -17.02
N LYS D 322 -24.22 -46.94 -16.04
CA LYS D 322 -24.98 -48.11 -15.59
C LYS D 322 -25.95 -48.58 -16.65
N LEU D 323 -26.59 -47.66 -17.36
CA LEU D 323 -27.53 -48.05 -18.40
C LEU D 323 -26.81 -48.54 -19.66
N HIS D 324 -25.73 -47.87 -20.04
CA HIS D 324 -24.98 -48.17 -21.26
C HIS D 324 -23.50 -48.26 -20.92
N PRO D 325 -23.06 -49.34 -20.27
CA PRO D 325 -21.63 -49.47 -19.94
C PRO D 325 -20.72 -49.53 -21.15
N THR D 326 -21.24 -49.89 -22.32
CA THR D 326 -20.42 -49.92 -23.53
C THR D 326 -20.18 -48.54 -24.13
N LEU D 327 -20.97 -47.54 -23.74
CA LEU D 327 -20.89 -46.21 -24.32
C LEU D 327 -20.00 -45.33 -23.46
N LYS D 328 -18.99 -44.73 -24.07
CA LYS D 328 -18.08 -43.78 -23.42
C LYS D 328 -18.61 -42.38 -23.70
N LEU D 329 -19.48 -41.89 -22.81
CA LEU D 329 -20.14 -40.60 -23.04
C LEU D 329 -19.13 -39.46 -23.07
N GLU D 330 -18.13 -39.51 -22.20
CA GLU D 330 -17.24 -38.37 -22.06
C GLU D 330 -16.38 -38.13 -23.29
N GLU D 331 -16.29 -39.10 -24.19
CA GLU D 331 -15.48 -38.97 -25.40
C GLU D 331 -16.25 -38.41 -26.59
N ILE D 332 -17.54 -38.16 -26.45
CA ILE D 332 -18.35 -37.71 -27.58
C ILE D 332 -18.07 -36.24 -27.85
N THR D 333 -17.84 -35.91 -29.11
CA THR D 333 -17.52 -34.55 -29.53
C THR D 333 -18.71 -33.90 -30.22
N ASN D 334 -18.77 -32.58 -30.10
CA ASN D 334 -19.79 -31.78 -30.77
C ASN D 334 -19.33 -31.45 -32.18
N ARG D 335 -20.07 -30.59 -32.88
CA ARG D 335 -19.75 -30.28 -34.27
C ARG D 335 -18.36 -29.66 -34.40
N LYS D 336 -17.91 -28.93 -33.40
CA LYS D 336 -16.59 -28.30 -33.46
C LYS D 336 -15.46 -29.25 -33.13
N GLY D 337 -15.75 -30.49 -32.72
CA GLY D 337 -14.71 -31.42 -32.39
C GLY D 337 -14.14 -31.27 -31.00
N LEU D 338 -14.97 -30.87 -30.03
CA LEU D 338 -14.55 -30.71 -28.64
C LEU D 338 -15.31 -31.69 -27.77
N THR D 339 -14.59 -32.37 -26.88
CA THR D 339 -15.22 -33.11 -25.81
C THR D 339 -15.66 -32.12 -24.74
N PRO D 340 -16.54 -32.54 -23.82
CA PRO D 340 -16.95 -31.62 -22.75
C PRO D 340 -15.78 -31.11 -21.93
N LEU D 341 -14.74 -31.92 -21.78
CA LEU D 341 -13.52 -31.44 -21.13
C LEU D 341 -12.87 -30.34 -21.95
N ALA D 342 -12.68 -30.59 -23.26
CA ALA D 342 -12.11 -29.56 -24.12
C ALA D 342 -12.99 -28.34 -24.20
N LEU D 343 -14.31 -28.54 -24.18
CA LEU D 343 -15.22 -27.40 -24.20
C LEU D 343 -15.06 -26.55 -22.95
N ALA D 344 -14.99 -27.18 -21.79
CA ALA D 344 -14.81 -26.44 -20.55
C ALA D 344 -13.49 -25.69 -20.57
N ALA D 345 -12.43 -26.34 -21.05
CA ALA D 345 -11.13 -25.68 -21.08
C ALA D 345 -11.11 -24.50 -22.05
N SER D 346 -11.68 -24.68 -23.24
CA SER D 346 -11.62 -23.62 -24.24
C SER D 346 -12.52 -22.45 -23.89
N SER D 347 -13.74 -22.73 -23.44
CA SER D 347 -14.70 -21.67 -23.22
C SER D 347 -14.38 -20.81 -22.02
N GLY D 348 -13.64 -21.33 -21.05
CA GLY D 348 -13.31 -20.59 -19.84
C GLY D 348 -14.02 -21.05 -18.58
N LYS D 349 -14.51 -22.29 -18.55
CA LYS D 349 -15.24 -22.80 -17.38
C LYS D 349 -14.25 -23.51 -16.47
N ILE D 350 -13.56 -22.69 -15.66
CA ILE D 350 -12.47 -23.22 -14.84
C ILE D 350 -12.99 -24.16 -13.77
N GLY D 351 -14.15 -23.87 -13.19
CA GLY D 351 -14.66 -24.72 -12.11
C GLY D 351 -14.95 -26.13 -12.57
N VAL D 352 -15.62 -26.26 -13.70
CA VAL D 352 -15.95 -27.58 -14.22
C VAL D 352 -14.68 -28.32 -14.61
N LEU D 353 -13.72 -27.61 -15.20
CA LEU D 353 -12.45 -28.22 -15.55
C LEU D 353 -11.74 -28.73 -14.31
N ALA D 354 -11.73 -27.92 -13.25
CA ALA D 354 -11.09 -28.31 -12.00
C ALA D 354 -11.75 -29.56 -11.43
N TYR D 355 -13.08 -29.65 -11.54
CA TYR D 355 -13.75 -30.88 -11.10
C TYR D 355 -13.33 -32.08 -11.95
N ILE D 356 -13.44 -31.95 -13.28
CA ILE D 356 -13.31 -33.11 -14.15
C ILE D 356 -11.90 -33.68 -14.07
N LEU D 357 -10.89 -32.82 -14.02
CA LEU D 357 -9.52 -33.32 -14.10
C LEU D 357 -9.12 -34.17 -12.90
N GLN D 358 -9.85 -34.11 -11.78
CA GLN D 358 -9.45 -34.83 -10.58
C GLN D 358 -10.63 -35.47 -9.85
N ARG D 359 -11.68 -35.85 -10.56
CA ARG D 359 -12.79 -36.55 -9.93
C ARG D 359 -12.42 -38.00 -9.67
N GLU D 360 -13.01 -38.56 -8.60
CA GLU D 360 -12.78 -39.95 -8.25
C GLU D 360 -14.05 -40.52 -7.62
N ILE D 361 -14.23 -41.83 -7.79
CA ILE D 361 -15.35 -42.56 -7.21
C ILE D 361 -14.78 -43.81 -6.53
N HIS D 362 -14.99 -43.92 -5.22
CA HIS D 362 -14.50 -45.07 -4.44
C HIS D 362 -15.63 -46.07 -4.22
N GLU D 363 -16.02 -46.72 -5.32
CA GLU D 363 -17.04 -47.77 -5.27
C GLU D 363 -16.67 -48.86 -6.27
N PRO D 364 -17.02 -50.11 -6.01
CA PRO D 364 -16.74 -51.15 -7.00
C PRO D 364 -17.60 -50.96 -8.24
N GLU D 365 -17.03 -51.31 -9.39
CA GLU D 365 -17.69 -51.19 -10.69
C GLU D 365 -18.10 -49.75 -11.01
N CYS D 366 -17.51 -48.76 -10.33
CA CYS D 366 -17.73 -47.35 -10.63
C CYS D 366 -16.40 -46.60 -10.70
N ARG D 367 -15.39 -47.08 -9.96
CA ARG D 367 -14.08 -46.43 -9.98
C ARG D 367 -13.46 -46.42 -11.37
N HIS D 368 -13.87 -47.32 -12.27
CA HIS D 368 -13.33 -47.33 -13.62
C HIS D 368 -13.69 -46.07 -14.40
N LEU D 369 -14.62 -45.26 -13.91
CA LEU D 369 -14.91 -43.95 -14.47
C LEU D 369 -14.04 -42.85 -13.90
N SER D 370 -13.26 -43.13 -12.85
CA SER D 370 -12.53 -42.08 -12.16
C SER D 370 -11.35 -41.60 -13.00
N ARG D 371 -11.02 -40.31 -12.84
CA ARG D 371 -9.76 -39.78 -13.36
C ARG D 371 -8.65 -39.92 -12.35
N LYS D 372 -8.91 -39.57 -11.09
CA LYS D 372 -7.92 -39.67 -10.03
C LYS D 372 -8.10 -41.00 -9.30
N PHE D 373 -6.97 -41.59 -8.91
CA PHE D 373 -6.96 -42.83 -8.15
C PHE D 373 -5.95 -42.69 -7.03
N THR D 374 -6.03 -43.60 -6.07
CA THR D 374 -5.05 -43.70 -4.98
C THR D 374 -4.72 -45.17 -4.82
N GLU D 375 -3.73 -45.65 -5.57
CA GLU D 375 -3.42 -47.08 -5.54
C GLU D 375 -2.78 -47.49 -4.22
N TRP D 376 -1.99 -46.60 -3.61
CA TRP D 376 -1.12 -46.94 -2.50
C TRP D 376 -1.08 -45.80 -1.52
N ALA D 377 -1.06 -46.14 -0.24
CA ALA D 377 -0.96 -45.14 0.81
C ALA D 377 -0.37 -45.81 2.04
N TYR D 378 0.44 -45.04 2.77
CA TYR D 378 1.03 -45.48 4.03
C TYR D 378 0.91 -44.32 5.02
N GLY D 379 -0.11 -44.41 5.87
CA GLY D 379 -0.33 -43.41 6.89
C GLY D 379 -0.56 -42.04 6.28
N PRO D 380 0.40 -41.11 6.40
CA PRO D 380 0.18 -39.80 5.77
C PRO D 380 0.42 -39.77 4.27
N VAL D 381 1.21 -40.70 3.71
CA VAL D 381 1.70 -40.56 2.34
C VAL D 381 0.76 -41.29 1.38
N HIS D 382 0.45 -40.64 0.26
CA HIS D 382 -0.47 -41.19 -0.75
C HIS D 382 0.14 -41.03 -2.13
N SER D 383 0.06 -42.10 -2.93
CA SER D 383 0.55 -42.09 -4.31
C SER D 383 -0.63 -41.98 -5.24
N SER D 384 -1.04 -40.75 -5.53
CA SER D 384 -2.17 -40.52 -6.41
C SER D 384 -1.76 -40.77 -7.87
N LEU D 385 -2.75 -41.09 -8.70
CA LEU D 385 -2.57 -41.28 -10.12
C LEU D 385 -3.52 -40.38 -10.89
N TYR D 386 -3.13 -39.95 -12.07
CA TYR D 386 -4.01 -39.24 -12.99
C TYR D 386 -3.89 -39.86 -14.37
N ASP D 387 -5.02 -40.17 -15.01
CA ASP D 387 -4.97 -40.85 -16.30
C ASP D 387 -4.42 -39.94 -17.38
N LEU D 388 -4.81 -38.67 -17.38
CA LEU D 388 -4.28 -37.68 -18.31
C LEU D 388 -4.51 -38.04 -19.77
N SER D 389 -5.59 -38.73 -20.08
CA SER D 389 -5.94 -38.87 -21.49
C SER D 389 -6.28 -37.50 -22.06
N CYS D 390 -5.87 -37.27 -23.31
CA CYS D 390 -6.20 -36.05 -24.05
C CYS D 390 -5.63 -34.78 -23.41
N ILE D 391 -4.64 -34.91 -22.52
CA ILE D 391 -3.83 -33.77 -22.08
C ILE D 391 -2.49 -33.75 -22.79
N ASP D 392 -1.81 -34.90 -22.84
CA ASP D 392 -0.60 -34.99 -23.66
C ASP D 392 -0.95 -34.91 -25.14
N THR D 393 -2.03 -35.55 -25.54
CA THR D 393 -2.51 -35.48 -26.91
C THR D 393 -3.89 -36.11 -26.99
N CYS D 394 -4.79 -35.43 -27.71
CA CYS D 394 -6.11 -35.96 -28.05
C CYS D 394 -6.28 -36.12 -29.55
N GLU D 395 -5.17 -36.09 -30.31
CA GLU D 395 -5.10 -36.28 -31.75
C GLU D 395 -5.58 -35.09 -32.56
N LYS D 396 -6.26 -34.12 -31.92
CA LYS D 396 -6.48 -32.83 -32.58
C LYS D 396 -6.25 -31.66 -31.64
N ASN D 397 -6.75 -31.77 -30.41
CA ASN D 397 -6.76 -30.65 -29.47
C ASN D 397 -6.72 -31.20 -28.04
N SER D 398 -5.55 -31.13 -27.41
CA SER D 398 -5.43 -31.47 -26.01
C SER D 398 -5.86 -30.29 -25.15
N VAL D 399 -6.00 -30.53 -23.84
CA VAL D 399 -6.39 -29.45 -22.94
C VAL D 399 -5.36 -28.34 -22.93
N LEU D 400 -4.07 -28.71 -22.88
CA LEU D 400 -3.02 -27.70 -22.85
C LEU D 400 -2.99 -26.90 -24.14
N GLU D 401 -3.20 -27.58 -25.28
CA GLU D 401 -3.19 -26.88 -26.56
C GLU D 401 -4.28 -25.82 -26.62
N VAL D 402 -5.49 -26.16 -26.18
CA VAL D 402 -6.59 -25.21 -26.26
C VAL D 402 -6.44 -24.11 -25.23
N ILE D 403 -5.91 -24.41 -24.05
CA ILE D 403 -5.73 -23.35 -23.05
C ILE D 403 -4.67 -22.36 -23.53
N ALA D 404 -3.55 -22.87 -24.02
CA ALA D 404 -2.44 -21.99 -24.35
C ALA D 404 -2.73 -21.17 -25.60
N TYR D 405 -3.26 -21.81 -26.65
CA TYR D 405 -3.49 -21.14 -27.93
C TYR D 405 -4.89 -20.57 -28.05
N SER D 406 -5.46 -20.11 -26.94
CA SER D 406 -6.78 -19.50 -27.01
C SER D 406 -6.72 -18.17 -27.75
N SER D 407 -7.88 -17.61 -28.03
CA SER D 407 -7.99 -16.35 -28.77
C SER D 407 -7.82 -15.13 -27.89
N SER D 408 -7.49 -15.30 -26.61
CA SER D 408 -7.29 -14.27 -25.59
C SER D 408 -8.62 -13.75 -25.01
N GLU D 409 -9.76 -14.19 -25.52
CA GLU D 409 -11.05 -13.84 -24.95
C GLU D 409 -11.48 -14.78 -23.84
N THR D 410 -10.82 -15.90 -23.69
CA THR D 410 -11.17 -16.83 -22.64
C THR D 410 -10.86 -16.19 -21.29
N PRO D 411 -11.84 -15.97 -20.41
CA PRO D 411 -11.54 -15.19 -19.20
C PRO D 411 -10.51 -15.82 -18.27
N ASN D 412 -10.35 -17.15 -18.29
CA ASN D 412 -9.55 -17.85 -17.30
C ASN D 412 -8.36 -18.58 -17.91
N ARG D 413 -7.87 -18.16 -19.08
CA ARG D 413 -6.74 -18.85 -19.69
C ARG D 413 -5.50 -18.75 -18.82
N HIS D 414 -5.41 -17.72 -17.99
CA HIS D 414 -4.28 -17.60 -17.08
C HIS D 414 -4.42 -18.51 -15.87
N ASP D 415 -5.63 -18.73 -15.37
CA ASP D 415 -5.84 -19.45 -14.13
C ASP D 415 -5.98 -20.95 -14.31
N MET D 416 -6.32 -21.41 -15.52
CA MET D 416 -6.54 -22.83 -15.72
C MET D 416 -5.28 -23.65 -15.50
N LEU D 417 -4.12 -23.10 -15.82
CA LEU D 417 -2.87 -23.84 -15.68
C LEU D 417 -2.40 -23.96 -14.24
N LEU D 418 -3.11 -23.36 -13.28
CA LEU D 418 -2.75 -23.50 -11.87
C LEU D 418 -3.30 -24.77 -11.24
N VAL D 419 -4.17 -25.52 -11.94
CA VAL D 419 -4.82 -26.67 -11.32
C VAL D 419 -3.80 -27.75 -11.01
N GLU D 420 -4.26 -28.77 -10.27
CA GLU D 420 -3.33 -29.70 -9.65
C GLU D 420 -2.52 -30.51 -10.66
N PRO D 421 -3.09 -31.18 -11.66
CA PRO D 421 -2.27 -32.02 -12.54
C PRO D 421 -1.51 -31.24 -13.60
N LEU D 422 -2.10 -30.17 -14.14
CA LEU D 422 -1.46 -29.49 -15.25
C LEU D 422 -0.18 -28.77 -14.81
N ASN D 423 -0.20 -28.14 -13.65
CA ASN D 423 0.99 -27.43 -13.18
C ASN D 423 2.15 -28.40 -12.99
N ARG D 424 1.89 -29.56 -12.39
CA ARG D 424 2.95 -30.54 -12.22
C ARG D 424 3.42 -31.09 -13.56
N LEU D 425 2.51 -31.31 -14.51
CA LEU D 425 2.94 -31.81 -15.81
C LEU D 425 3.83 -30.81 -16.51
N LEU D 426 3.48 -29.54 -16.48
CA LEU D 426 4.32 -28.54 -17.12
C LEU D 426 5.67 -28.45 -16.43
N GLN D 427 5.69 -28.51 -15.09
CA GLN D 427 6.97 -28.48 -14.40
C GLN D 427 7.81 -29.70 -14.76
N ASP D 428 7.18 -30.86 -14.87
CA ASP D 428 7.95 -32.06 -15.19
C ASP D 428 8.50 -31.98 -16.60
N LYS D 429 7.70 -31.51 -17.56
CA LYS D 429 8.21 -31.38 -18.92
C LYS D 429 9.33 -30.36 -18.97
N TRP D 430 9.23 -29.29 -18.17
CA TRP D 430 10.33 -28.35 -18.07
C TRP D 430 11.60 -29.04 -17.60
N ASP D 431 11.51 -29.75 -16.47
CA ASP D 431 12.69 -30.38 -15.90
C ASP D 431 13.22 -31.52 -16.75
N ARG D 432 12.38 -32.13 -17.58
CA ARG D 432 12.77 -33.35 -18.26
C ARG D 432 13.71 -33.03 -19.41
N PHE D 433 13.20 -32.37 -20.45
CA PHE D 433 13.98 -32.11 -21.64
C PHE D 433 13.84 -30.68 -22.15
N VAL D 434 12.77 -29.98 -21.79
CA VAL D 434 12.55 -28.66 -22.37
C VAL D 434 13.55 -27.66 -21.83
N LYS D 435 13.94 -27.79 -20.55
CA LYS D 435 14.90 -26.84 -19.97
C LYS D 435 16.19 -26.79 -20.76
N ARG D 436 16.72 -27.96 -21.13
CA ARG D 436 17.97 -27.99 -21.85
C ARG D 436 17.83 -27.38 -23.24
N ILE D 437 16.78 -27.75 -23.97
CA ILE D 437 16.61 -27.22 -25.31
C ILE D 437 16.41 -25.72 -25.27
N PHE D 438 15.66 -25.23 -24.29
CA PHE D 438 15.42 -23.80 -24.21
C PHE D 438 16.70 -23.04 -23.93
N TYR D 439 17.49 -23.51 -22.95
CA TYR D 439 18.74 -22.82 -22.67
C TYR D 439 19.68 -22.90 -23.87
N PHE D 440 19.67 -24.02 -24.57
CA PHE D 440 20.50 -24.13 -25.76
C PHE D 440 20.08 -23.11 -26.82
N ASN D 441 18.77 -22.96 -27.03
CA ASN D 441 18.30 -21.98 -27.99
C ASN D 441 18.71 -20.58 -27.58
N PHE D 442 18.64 -20.29 -26.28
CA PHE D 442 19.05 -18.99 -25.79
C PHE D 442 20.53 -18.74 -26.08
N PHE D 443 21.36 -19.75 -25.83
CA PHE D 443 22.78 -19.62 -26.10
C PHE D 443 23.05 -19.40 -27.59
N VAL D 444 22.36 -20.16 -28.44
CA VAL D 444 22.57 -20.01 -29.88
C VAL D 444 22.15 -18.63 -30.33
N TYR D 445 21.02 -18.14 -29.83
CA TYR D 445 20.57 -16.81 -30.20
C TYR D 445 21.58 -15.76 -29.76
N CYS D 446 22.13 -15.90 -28.55
CA CYS D 446 23.14 -14.95 -28.11
C CYS D 446 24.33 -14.94 -29.04
N LEU D 447 24.79 -16.12 -29.45
CA LEU D 447 25.91 -16.17 -30.41
C LEU D 447 25.52 -15.52 -31.73
N TYR D 448 24.27 -15.71 -32.14
CA TYR D 448 23.81 -15.10 -33.39
C TYR D 448 23.87 -13.58 -33.29
N MET D 449 23.38 -13.03 -32.18
CA MET D 449 23.38 -11.59 -32.03
C MET D 449 24.79 -11.05 -31.95
N ILE D 450 25.70 -11.78 -31.30
CA ILE D 450 27.08 -11.33 -31.24
C ILE D 450 27.70 -11.29 -32.62
N ILE D 451 27.46 -12.34 -33.41
CA ILE D 451 28.01 -12.36 -34.77
C ILE D 451 27.41 -11.22 -35.58
N PHE D 452 26.11 -10.99 -35.44
CA PHE D 452 25.48 -9.92 -36.19
C PHE D 452 26.06 -8.57 -35.79
N THR D 453 26.25 -8.34 -34.50
CA THR D 453 26.80 -7.07 -34.05
C THR D 453 28.20 -6.87 -34.59
N ALA D 454 29.01 -7.91 -34.54
CA ALA D 454 30.38 -7.80 -35.06
C ALA D 454 30.36 -7.52 -36.55
N ALA D 455 29.46 -8.16 -37.29
CA ALA D 455 29.37 -7.91 -38.72
C ALA D 455 28.96 -6.47 -38.99
N ALA D 456 28.01 -5.96 -38.21
CA ALA D 456 27.55 -4.59 -38.44
C ALA D 456 28.63 -3.58 -38.12
N TYR D 457 29.29 -3.73 -36.96
CA TYR D 457 30.23 -2.72 -36.50
C TYR D 457 31.39 -2.55 -37.48
N TYR D 458 31.89 -3.65 -38.04
CA TYR D 458 33.02 -3.62 -38.96
C TYR D 458 32.56 -3.52 -40.42
N ARG D 459 31.41 -2.91 -40.69
CA ARG D 459 30.97 -2.78 -42.05
C ARG D 459 31.94 -1.87 -42.81
N PRO D 460 31.98 -1.94 -44.14
CA PRO D 460 32.84 -1.03 -44.90
C PRO D 460 32.29 0.39 -44.88
N VAL D 461 33.16 1.32 -45.28
CA VAL D 461 32.87 2.75 -45.25
C VAL D 461 32.94 3.37 -46.64
N GLU D 462 32.80 2.58 -47.69
CA GLU D 462 32.71 3.07 -49.05
C GLU D 462 31.25 3.35 -49.41
N GLY D 463 31.01 3.82 -50.64
CA GLY D 463 29.67 4.09 -51.13
C GLY D 463 29.17 3.07 -52.13
N LEU D 464 27.85 2.94 -52.25
CA LEU D 464 27.22 2.16 -53.30
C LEU D 464 27.63 0.69 -53.26
N PRO D 465 27.15 -0.10 -52.29
CA PRO D 465 27.46 -1.54 -52.26
C PRO D 465 26.92 -2.24 -53.50
N PRO D 466 27.28 -3.51 -53.71
CA PRO D 466 28.11 -4.41 -52.90
C PRO D 466 29.59 -4.09 -53.01
N TYR D 467 30.39 -4.71 -52.15
CA TYR D 467 31.83 -4.51 -52.11
C TYR D 467 32.54 -5.86 -52.16
N LYS D 468 33.59 -5.92 -52.98
CA LYS D 468 34.22 -7.19 -53.33
C LYS D 468 35.19 -7.64 -52.25
N LEU D 469 35.40 -8.95 -52.18
CA LEU D 469 36.37 -9.52 -51.27
C LEU D 469 37.78 -9.30 -51.80
N LYS D 470 38.74 -9.29 -50.87
CA LYS D 470 40.14 -9.10 -51.18
C LYS D 470 40.93 -10.34 -50.74
N ASN D 471 42.24 -10.26 -50.86
CA ASN D 471 43.12 -11.37 -50.51
C ASN D 471 43.45 -11.40 -49.02
N THR D 472 42.84 -10.54 -48.21
CA THR D 472 43.08 -10.54 -46.78
C THR D 472 42.13 -11.54 -46.12
N VAL D 473 42.20 -11.63 -44.79
CA VAL D 473 41.36 -12.54 -44.04
C VAL D 473 40.19 -11.84 -43.37
N GLY D 474 40.30 -10.54 -43.09
CA GLY D 474 39.20 -9.84 -42.45
C GLY D 474 37.94 -9.86 -43.28
N ASP D 475 38.07 -9.71 -44.60
CA ASP D 475 36.88 -9.71 -45.46
C ASP D 475 36.16 -11.04 -45.40
N TYR D 476 36.88 -12.15 -45.26
CA TYR D 476 36.22 -13.45 -45.19
C TYR D 476 35.45 -13.60 -43.88
N PHE D 477 36.02 -13.15 -42.77
CA PHE D 477 35.26 -13.16 -41.52
C PHE D 477 34.04 -12.27 -41.61
N ARG D 478 34.20 -11.08 -42.20
CA ARG D 478 33.09 -10.15 -42.30
C ARG D 478 31.95 -10.73 -43.13
N VAL D 479 32.27 -11.25 -44.32
CA VAL D 479 31.22 -11.78 -45.17
C VAL D 479 30.61 -13.03 -44.55
N THR D 480 31.40 -13.80 -43.82
CA THR D 480 30.84 -14.93 -43.08
C THR D 480 29.81 -14.47 -42.07
N GLY D 481 30.14 -13.41 -41.32
CA GLY D 481 29.19 -12.87 -40.37
C GLY D 481 27.94 -12.35 -41.05
N GLU D 482 28.10 -11.69 -42.19
CA GLU D 482 26.94 -11.18 -42.92
C GLU D 482 26.04 -12.33 -43.36
N ILE D 483 26.65 -13.40 -43.87
CA ILE D 483 25.86 -14.53 -44.34
C ILE D 483 25.12 -15.19 -43.18
N LEU D 484 25.79 -15.36 -42.04
CA LEU D 484 25.11 -15.93 -40.89
C LEU D 484 23.99 -15.02 -40.41
N SER D 485 24.21 -13.71 -40.42
CA SER D 485 23.17 -12.78 -40.01
C SER D 485 21.95 -12.87 -40.91
N VAL D 486 22.16 -12.87 -42.23
CA VAL D 486 21.03 -12.95 -43.15
C VAL D 486 20.34 -14.30 -43.02
N SER D 487 21.11 -15.36 -42.79
CA SER D 487 20.50 -16.66 -42.57
C SER D 487 19.58 -16.63 -41.36
N GLY D 488 20.04 -16.01 -40.27
CA GLY D 488 19.19 -15.89 -39.11
C GLY D 488 17.93 -15.09 -39.40
N GLY D 489 18.08 -14.01 -40.17
CA GLY D 489 16.91 -13.23 -40.53
C GLY D 489 15.90 -14.04 -41.31
N VAL D 490 16.38 -14.83 -42.27
CA VAL D 490 15.47 -15.65 -43.05
C VAL D 490 14.80 -16.69 -42.16
N TYR D 491 15.55 -17.29 -41.24
CA TYR D 491 14.97 -18.28 -40.34
C TYR D 491 13.82 -17.68 -39.55
N PHE D 492 14.05 -16.51 -38.95
CA PHE D 492 12.97 -15.90 -38.17
C PHE D 492 11.82 -15.47 -39.06
N PHE D 493 12.10 -15.06 -40.30
CA PHE D 493 11.03 -14.74 -41.23
C PHE D 493 10.09 -15.92 -41.42
N PHE D 494 10.67 -17.09 -41.74
CA PHE D 494 9.83 -18.26 -41.96
C PHE D 494 9.20 -18.74 -40.67
N ARG D 495 9.86 -18.54 -39.52
CA ARG D 495 9.21 -18.89 -38.27
C ARG D 495 7.98 -18.04 -38.03
N GLY D 496 8.07 -16.74 -38.33
CA GLY D 496 6.91 -15.89 -38.18
C GLY D 496 5.76 -16.31 -39.07
N ILE D 497 6.07 -16.66 -40.32
CA ILE D 497 5.02 -17.11 -41.22
C ILE D 497 4.40 -18.40 -40.69
N GLN D 498 5.23 -19.35 -40.27
CA GLN D 498 4.71 -20.61 -39.76
C GLN D 498 3.83 -20.39 -38.54
N TYR D 499 4.20 -19.44 -37.69
CA TYR D 499 3.36 -19.11 -36.55
C TYR D 499 2.01 -18.59 -37.01
N PHE D 500 2.02 -17.68 -37.99
CA PHE D 500 0.75 -17.09 -38.43
C PHE D 500 -0.16 -18.14 -39.04
N LEU D 501 0.38 -18.97 -39.94
CA LEU D 501 -0.46 -19.90 -40.66
C LEU D 501 -1.12 -20.92 -39.75
N GLN D 502 -0.41 -21.37 -38.72
CA GLN D 502 -0.94 -22.38 -37.81
C GLN D 502 -1.91 -21.80 -36.79
N ARG D 503 -2.12 -20.50 -36.76
CA ARG D 503 -3.02 -19.85 -35.82
C ARG D 503 -4.09 -19.00 -36.50
N ARG D 504 -3.71 -18.19 -37.49
CA ARG D 504 -4.58 -17.25 -38.18
C ARG D 504 -5.43 -16.42 -37.20
N PRO D 505 -4.82 -15.71 -36.25
CA PRO D 505 -5.61 -14.87 -35.36
C PRO D 505 -6.09 -13.61 -36.06
N SER D 506 -7.15 -13.02 -35.49
CA SER D 506 -7.72 -11.80 -36.02
C SER D 506 -6.97 -10.57 -35.49
N LEU D 507 -7.34 -9.41 -36.04
CA LEU D 507 -6.74 -8.16 -35.61
C LEU D 507 -6.98 -7.91 -34.12
N LYS D 508 -8.18 -8.23 -33.63
CA LYS D 508 -8.47 -8.03 -32.21
C LYS D 508 -7.72 -9.00 -31.32
N SER D 509 -7.12 -10.06 -31.88
CA SER D 509 -6.27 -10.97 -31.15
C SER D 509 -4.80 -10.88 -31.56
N LEU D 510 -4.51 -10.36 -32.75
CA LEU D 510 -3.13 -10.34 -33.23
C LEU D 510 -2.31 -9.27 -32.50
N PHE D 511 -2.85 -8.06 -32.34
CA PHE D 511 -2.13 -6.95 -31.76
C PHE D 511 -2.37 -6.80 -30.26
N VAL D 512 -3.11 -7.70 -29.65
CA VAL D 512 -3.20 -7.79 -28.20
C VAL D 512 -2.53 -9.03 -27.64
N ASP D 513 -1.95 -9.88 -28.49
CA ASP D 513 -1.31 -11.11 -28.06
C ASP D 513 -0.22 -11.46 -29.05
N SER D 514 0.65 -12.38 -28.65
CA SER D 514 1.74 -12.85 -29.51
C SER D 514 2.69 -11.70 -29.89
N TYR D 515 3.05 -10.89 -28.87
CA TYR D 515 3.93 -9.78 -29.20
C TYR D 515 5.31 -10.26 -29.61
N SER D 516 5.82 -11.27 -28.96
CA SER D 516 7.18 -11.69 -29.24
C SER D 516 7.33 -12.19 -30.67
N GLU D 517 6.35 -12.93 -31.17
CA GLU D 517 6.43 -13.42 -32.55
C GLU D 517 6.40 -12.26 -33.52
N ILE D 518 5.56 -11.26 -33.24
CA ILE D 518 5.49 -10.08 -34.09
C ILE D 518 6.84 -9.36 -34.11
N LEU D 519 7.44 -9.20 -32.93
CA LEU D 519 8.70 -8.48 -32.85
C LEU D 519 9.81 -9.22 -33.58
N PHE D 520 9.90 -10.53 -33.41
CA PHE D 520 10.91 -11.29 -34.15
C PHE D 520 10.65 -11.21 -35.64
N PHE D 521 9.38 -11.26 -36.05
CA PHE D 521 9.09 -11.14 -37.48
C PHE D 521 9.52 -9.77 -38.00
N VAL D 522 9.25 -8.71 -37.23
CA VAL D 522 9.63 -7.38 -37.66
C VAL D 522 11.14 -7.25 -37.78
N GLN D 523 11.87 -7.86 -36.85
CA GLN D 523 13.32 -7.89 -36.96
C GLN D 523 13.74 -8.50 -38.29
N SER D 524 13.16 -9.64 -38.63
CA SER D 524 13.56 -10.28 -39.87
C SER D 524 13.18 -9.44 -41.07
N LEU D 525 12.04 -8.73 -41.00
CA LEU D 525 11.67 -7.85 -42.09
C LEU D 525 12.71 -6.77 -42.30
N PHE D 526 13.18 -6.17 -41.22
CA PHE D 526 14.21 -5.14 -41.35
C PHE D 526 15.47 -5.72 -41.95
N MET D 527 15.87 -6.90 -41.52
CA MET D 527 17.08 -7.49 -42.08
C MET D 527 16.92 -7.75 -43.57
N LEU D 528 15.76 -8.25 -44.00
CA LEU D 528 15.57 -8.51 -45.42
C LEU D 528 15.56 -7.23 -46.24
N VAL D 529 14.91 -6.18 -45.73
CA VAL D 529 14.93 -4.89 -46.41
C VAL D 529 16.37 -4.41 -46.53
N SER D 530 17.17 -4.63 -45.49
CA SER D 530 18.58 -4.27 -45.56
C SER D 530 19.29 -5.03 -46.67
N VAL D 531 18.98 -6.32 -46.83
CA VAL D 531 19.62 -7.08 -47.90
C VAL D 531 19.25 -6.51 -49.26
N VAL D 532 17.96 -6.20 -49.43
CA VAL D 532 17.46 -5.65 -50.69
C VAL D 532 18.20 -4.36 -51.02
N LEU D 533 18.31 -3.47 -50.04
CA LEU D 533 19.01 -2.22 -50.29
C LEU D 533 20.50 -2.44 -50.50
N TYR D 534 21.08 -3.46 -49.85
CA TYR D 534 22.50 -3.74 -50.05
C TYR D 534 22.78 -4.08 -51.49
N PHE D 535 21.98 -4.96 -52.08
CA PHE D 535 22.20 -5.31 -53.47
C PHE D 535 21.67 -4.24 -54.42
N SER D 536 20.80 -3.35 -53.96
CA SER D 536 20.22 -2.33 -54.83
C SER D 536 21.11 -1.10 -54.99
N GLN D 537 22.36 -1.16 -54.54
CA GLN D 537 23.29 -0.03 -54.70
C GLN D 537 22.77 1.21 -53.98
N ARG D 538 22.50 1.05 -52.69
CA ARG D 538 22.03 2.15 -51.85
C ARG D 538 22.82 2.19 -50.55
N LYS D 539 22.90 3.39 -49.98
CA LYS D 539 23.47 3.57 -48.65
C LYS D 539 22.47 3.28 -47.54
N GLU D 540 21.18 3.37 -47.84
CA GLU D 540 20.15 3.30 -46.81
C GLU D 540 20.02 1.91 -46.20
N TYR D 541 20.77 0.91 -46.67
CA TYR D 541 20.70 -0.38 -46.01
C TYR D 541 21.16 -0.30 -44.56
N VAL D 542 22.03 0.66 -44.26
CA VAL D 542 22.53 0.81 -42.90
C VAL D 542 21.39 1.11 -41.95
N ALA D 543 20.45 1.96 -42.37
CA ALA D 543 19.34 2.32 -41.50
C ALA D 543 18.51 1.10 -41.11
N SER D 544 18.13 0.28 -42.08
CA SER D 544 17.37 -0.91 -41.74
C SER D 544 18.21 -1.88 -40.94
N MET D 545 19.50 -1.99 -41.25
CA MET D 545 20.34 -2.90 -40.50
C MET D 545 20.40 -2.51 -39.04
N VAL D 546 20.56 -1.22 -38.74
CA VAL D 546 20.66 -0.80 -37.35
C VAL D 546 19.34 -0.97 -36.64
N PHE D 547 18.21 -0.73 -37.32
CA PHE D 547 16.95 -0.97 -36.64
C PHE D 547 16.81 -2.45 -36.32
N SER D 548 17.23 -3.31 -37.23
CA SER D 548 17.21 -4.73 -36.96
C SER D 548 18.10 -5.08 -35.78
N LEU D 549 19.28 -4.48 -35.72
CA LEU D 549 20.25 -4.80 -34.67
C LEU D 549 19.72 -4.37 -33.30
N ALA D 550 19.23 -3.13 -33.21
CA ALA D 550 18.69 -2.64 -31.95
C ALA D 550 17.48 -3.46 -31.52
N MET D 551 16.62 -3.81 -32.48
CA MET D 551 15.45 -4.61 -32.12
C MET D 551 15.86 -6.02 -31.70
N GLY D 552 16.91 -6.58 -32.31
CA GLY D 552 17.35 -7.89 -31.91
C GLY D 552 17.89 -7.92 -30.49
N TRP D 553 18.75 -6.95 -30.16
CA TRP D 553 19.27 -6.89 -28.81
C TRP D 553 18.15 -6.67 -27.81
N THR D 554 17.19 -5.82 -28.15
CA THR D 554 16.05 -5.62 -27.27
C THR D 554 15.25 -6.91 -27.11
N ASN D 555 15.06 -7.66 -28.20
CA ASN D 555 14.33 -8.92 -28.17
C ASN D 555 15.06 -10.00 -27.41
N MET D 556 16.32 -9.75 -27.05
CA MET D 556 17.00 -10.65 -26.13
C MET D 556 16.19 -10.88 -24.86
N LEU D 557 15.36 -9.94 -24.45
CA LEU D 557 14.56 -10.12 -23.24
C LEU D 557 13.52 -11.22 -23.37
N TYR D 558 13.22 -11.67 -24.58
CA TYR D 558 12.24 -12.73 -24.76
C TYR D 558 12.61 -13.97 -23.96
N TYR D 559 13.91 -14.24 -23.82
CA TYR D 559 14.35 -15.46 -23.19
C TYR D 559 14.37 -15.39 -21.68
N THR D 560 13.96 -14.28 -21.06
CA THR D 560 13.90 -14.27 -19.61
C THR D 560 12.83 -15.22 -19.08
N ARG D 561 11.84 -15.58 -19.91
CA ARG D 561 10.96 -16.66 -19.53
C ARG D 561 11.79 -17.92 -19.37
N GLY D 562 11.40 -18.76 -18.42
CA GLY D 562 12.21 -19.88 -18.00
C GLY D 562 13.09 -19.58 -16.81
N PHE D 563 13.31 -18.31 -16.50
CA PHE D 563 13.98 -17.87 -15.27
C PHE D 563 12.92 -17.15 -14.45
N GLN D 564 12.67 -17.64 -13.24
CA GLN D 564 11.55 -17.15 -12.44
C GLN D 564 11.59 -15.64 -12.27
N GLN D 565 12.60 -15.13 -11.57
CA GLN D 565 12.60 -13.74 -11.19
C GLN D 565 12.75 -12.84 -12.41
N MET D 566 13.64 -13.21 -13.33
CA MET D 566 13.83 -12.40 -14.52
C MET D 566 12.56 -12.37 -15.37
N GLY D 567 11.86 -13.49 -15.47
CA GLY D 567 10.64 -13.52 -16.26
C GLY D 567 9.54 -12.66 -15.67
N ILE D 568 9.36 -12.72 -14.35
CA ILE D 568 8.37 -11.85 -13.72
C ILE D 568 8.72 -10.39 -13.96
N TYR D 569 10.00 -10.06 -13.80
CA TYR D 569 10.46 -8.70 -14.03
C TYR D 569 10.16 -8.24 -15.45
N ALA D 570 10.48 -9.08 -16.43
CA ALA D 570 10.34 -8.68 -17.82
C ALA D 570 8.87 -8.55 -18.20
N VAL D 571 8.00 -9.43 -17.71
CA VAL D 571 6.60 -9.31 -18.09
C VAL D 571 5.99 -8.09 -17.41
N MET D 572 6.40 -7.76 -16.19
CA MET D 572 5.93 -6.52 -15.59
C MET D 572 6.33 -5.32 -16.42
N ILE D 573 7.56 -5.33 -16.94
CA ILE D 573 8.00 -4.20 -17.76
C ILE D 573 7.19 -4.13 -19.05
N GLU D 574 6.92 -5.28 -19.67
CA GLU D 574 6.12 -5.25 -20.90
C GLU D 574 4.74 -4.67 -20.65
N LYS D 575 4.09 -5.10 -19.57
CA LYS D 575 2.76 -4.58 -19.28
C LYS D 575 2.81 -3.10 -18.92
N MET D 576 3.84 -2.66 -18.21
CA MET D 576 3.94 -1.25 -17.86
C MET D 576 4.51 -0.39 -18.98
N ILE D 577 4.86 -0.98 -20.10
CA ILE D 577 5.10 -0.19 -21.30
C ILE D 577 3.75 0.01 -21.96
N LEU D 578 3.03 -1.08 -22.19
CA LEU D 578 1.82 -0.99 -22.99
C LEU D 578 0.73 -0.20 -22.28
N ARG D 579 0.52 -0.44 -20.99
CA ARG D 579 -0.58 0.22 -20.31
C ARG D 579 -0.28 1.68 -19.97
N ASP D 580 1.00 2.07 -19.95
CA ASP D 580 1.38 3.41 -19.53
C ASP D 580 1.68 4.36 -20.67
N LEU D 581 2.29 3.92 -21.77
CA LEU D 581 2.59 4.91 -22.80
C LEU D 581 1.33 5.47 -23.43
N CYS D 582 0.32 4.63 -23.68
CA CYS D 582 -0.89 5.11 -24.33
C CYS D 582 -1.64 6.11 -23.45
N ARG D 583 -1.40 6.09 -22.14
CA ARG D 583 -1.99 7.06 -21.22
C ARG D 583 -1.10 8.28 -21.03
N PHE D 584 0.21 8.08 -20.94
CA PHE D 584 1.11 9.17 -20.60
C PHE D 584 1.45 10.02 -21.80
N MET D 585 1.89 9.41 -22.88
CA MET D 585 2.46 10.19 -23.96
C MET D 585 1.45 11.11 -24.60
N PHE D 586 0.17 10.79 -24.55
CA PHE D 586 -0.83 11.75 -25.02
C PHE D 586 -0.77 13.03 -24.19
N VAL D 587 -0.82 12.89 -22.86
CA VAL D 587 -0.80 14.06 -21.98
C VAL D 587 0.49 14.83 -22.19
N TYR D 588 1.60 14.13 -22.18
CA TYR D 588 2.89 14.79 -22.27
C TYR D 588 3.04 15.50 -23.59
N LEU D 589 2.64 14.86 -24.69
CA LEU D 589 2.79 15.50 -25.99
C LEU D 589 1.85 16.67 -26.15
N VAL D 590 0.69 16.62 -25.51
CA VAL D 590 -0.18 17.79 -25.53
C VAL D 590 0.54 18.97 -24.89
N PHE D 591 1.11 18.76 -23.70
CA PHE D 591 1.81 19.86 -23.03
C PHE D 591 3.01 20.31 -23.85
N LEU D 592 3.82 19.36 -24.32
CA LEU D 592 5.04 19.71 -25.04
C LEU D 592 4.72 20.49 -26.30
N PHE D 593 3.75 20.02 -27.07
CA PHE D 593 3.44 20.71 -28.32
C PHE D 593 2.80 22.05 -28.07
N GLY D 594 1.90 22.15 -27.08
CA GLY D 594 1.29 23.43 -26.80
C GLY D 594 2.31 24.49 -26.43
N PHE D 595 3.21 24.16 -25.50
CA PHE D 595 4.19 25.17 -25.10
C PHE D 595 5.27 25.36 -26.16
N SER D 596 5.57 24.34 -26.96
CA SER D 596 6.51 24.52 -28.06
C SER D 596 5.98 25.51 -29.08
N THR D 597 4.73 25.37 -29.47
CA THR D 597 4.14 26.30 -30.42
C THR D 597 4.02 27.69 -29.81
N ALA D 598 3.69 27.77 -28.53
CA ALA D 598 3.61 29.07 -27.89
C ALA D 598 4.96 29.79 -27.91
N VAL D 599 6.02 29.09 -27.53
CA VAL D 599 7.32 29.74 -27.47
C VAL D 599 7.82 30.08 -28.87
N VAL D 600 7.66 29.15 -29.82
CA VAL D 600 8.23 29.39 -31.14
C VAL D 600 7.49 30.51 -31.87
N THR D 601 6.18 30.68 -31.61
CA THR D 601 5.48 31.81 -32.21
C THR D 601 5.64 33.09 -31.41
N LEU D 602 6.12 33.01 -30.18
CA LEU D 602 6.42 34.23 -29.45
C LEU D 602 7.72 34.88 -29.88
N ILE D 603 8.70 34.11 -30.37
CA ILE D 603 10.02 34.62 -30.68
C ILE D 603 10.28 34.46 -32.17
N GLU D 604 10.84 35.48 -32.79
CA GLU D 604 11.13 35.45 -34.22
C GLU D 604 11.98 36.66 -34.56
N ASP D 605 12.87 36.48 -35.54
CA ASP D 605 13.75 37.55 -36.01
C ASP D 605 13.90 37.42 -37.52
N GLY D 606 14.76 38.28 -38.08
CA GLY D 606 15.01 38.26 -39.51
C GLY D 606 15.76 37.02 -39.95
N SER D 630 18.05 30.14 -35.36
CA SER D 630 18.52 29.73 -34.05
C SER D 630 17.38 29.73 -33.05
N TYR D 631 16.81 28.56 -32.81
CA TYR D 631 15.67 28.32 -31.92
C TYR D 631 14.39 28.98 -32.40
N ASN D 632 14.35 29.46 -33.64
CA ASN D 632 13.13 30.02 -34.21
C ASN D 632 12.37 29.02 -35.05
N SER D 633 12.77 27.76 -35.07
CA SER D 633 12.05 26.70 -35.76
C SER D 633 11.30 25.85 -34.75
N LEU D 634 10.27 25.17 -35.22
CA LEU D 634 9.46 24.36 -34.32
C LEU D 634 10.22 23.13 -33.86
N TYR D 635 11.05 22.55 -34.73
CA TYR D 635 11.80 21.36 -34.32
C TYR D 635 12.77 21.69 -33.20
N SER D 636 13.55 22.76 -33.35
CA SER D 636 14.52 23.09 -32.33
C SER D 636 13.84 23.42 -31.01
N THR D 637 12.73 24.15 -31.06
CA THR D 637 12.05 24.49 -29.81
C THR D 637 11.43 23.26 -29.17
N CYS D 638 10.85 22.36 -29.97
CA CYS D 638 10.35 21.12 -29.40
C CYS D 638 11.48 20.35 -28.72
N LEU D 639 12.66 20.37 -29.32
CA LEU D 639 13.80 19.71 -28.70
C LEU D 639 14.19 20.37 -27.40
N GLU D 640 14.30 21.70 -27.39
CA GLU D 640 14.77 22.41 -26.22
C GLU D 640 13.81 22.27 -25.06
N LEU D 641 12.51 22.18 -25.35
CA LEU D 641 11.56 21.89 -24.28
C LEU D 641 11.55 20.43 -23.91
N PHE D 642 11.91 19.53 -24.83
CA PHE D 642 12.04 18.13 -24.46
C PHE D 642 13.12 17.97 -23.43
N LYS D 643 14.22 18.71 -23.59
CA LYS D 643 15.37 18.54 -22.71
C LYS D 643 15.01 18.72 -21.24
N PHE D 644 13.97 19.47 -20.93
CA PHE D 644 13.62 19.68 -19.54
C PHE D 644 13.19 18.40 -18.83
N THR D 645 12.89 17.36 -19.59
CA THR D 645 12.49 16.09 -19.00
C THR D 645 13.73 15.35 -18.53
N ILE D 646 14.82 15.45 -19.27
CA ILE D 646 16.03 14.70 -18.96
C ILE D 646 17.01 15.51 -18.14
N GLY D 647 16.56 16.61 -17.54
CA GLY D 647 17.44 17.36 -16.68
C GLY D 647 18.54 18.09 -17.39
N MET D 648 18.23 18.73 -18.51
CA MET D 648 19.19 19.60 -19.18
C MET D 648 18.54 20.88 -19.70
N GLY D 649 17.44 21.31 -19.12
CA GLY D 649 16.83 22.55 -19.56
C GLY D 649 17.69 23.74 -19.17
N ASP D 650 17.64 24.77 -20.02
CA ASP D 650 18.45 25.95 -19.76
C ASP D 650 17.71 26.99 -18.92
N LEU D 651 16.43 27.24 -19.24
CA LEU D 651 15.61 28.35 -18.80
C LEU D 651 16.01 29.69 -19.42
N GLU D 652 17.10 29.73 -20.19
N GLU D 652 17.14 29.78 -20.09
CA GLU D 652 17.58 30.94 -20.84
CA GLU D 652 17.40 30.94 -20.93
C GLU D 652 18.19 30.69 -22.23
C GLU D 652 18.22 30.42 -22.11
N PHE D 653 17.52 29.96 -23.13
CA PHE D 653 18.12 29.52 -24.38
C PHE D 653 17.89 30.52 -25.51
N THR D 654 17.50 31.77 -25.20
CA THR D 654 17.35 32.87 -26.19
C THR D 654 17.60 34.26 -25.50
N GLU D 655 18.16 35.24 -26.23
CA GLU D 655 18.51 36.55 -25.64
C GLU D 655 18.18 37.78 -26.47
N ASN D 656 17.76 38.90 -25.85
CA ASN D 656 17.34 40.13 -26.49
C ASN D 656 16.01 39.99 -27.22
N TYR D 657 15.24 38.94 -26.96
CA TYR D 657 13.99 38.72 -27.66
C TYR D 657 12.83 39.42 -26.96
N ASP D 658 11.83 39.77 -27.75
CA ASP D 658 10.73 40.56 -27.24
C ASP D 658 9.94 39.78 -26.20
N PHE D 659 9.23 40.58 -25.25
CA PHE D 659 8.33 39.97 -24.27
C PHE D 659 9.04 38.93 -23.42
N LYS D 660 10.16 39.35 -22.83
CA LYS D 660 10.95 38.46 -21.99
C LYS D 660 10.13 37.89 -20.84
N ALA D 661 9.29 38.71 -20.22
CA ALA D 661 8.49 38.25 -19.11
C ALA D 661 7.51 37.15 -19.53
N VAL D 662 6.92 37.30 -20.72
CA VAL D 662 6.01 36.28 -21.19
C VAL D 662 6.75 34.98 -21.47
N PHE D 663 7.92 35.08 -22.09
CA PHE D 663 8.73 33.91 -22.37
C PHE D 663 9.07 33.16 -21.09
N ILE D 664 9.50 33.90 -20.07
CA ILE D 664 9.89 33.27 -18.81
C ILE D 664 8.68 32.64 -18.14
N ILE D 665 7.53 33.32 -18.18
CA ILE D 665 6.33 32.75 -17.57
C ILE D 665 5.98 31.45 -18.27
N LEU D 666 6.07 31.43 -19.60
CA LEU D 666 5.72 30.21 -20.32
C LEU D 666 6.64 29.06 -19.95
N LEU D 667 7.95 29.32 -19.92
CA LEU D 667 8.87 28.24 -19.58
C LEU D 667 8.64 27.75 -18.16
N LEU D 668 8.45 28.65 -17.21
CA LEU D 668 8.25 28.22 -15.83
C LEU D 668 6.96 27.44 -15.69
N ALA D 669 5.91 27.85 -16.38
CA ALA D 669 4.68 27.10 -16.35
C ALA D 669 4.87 25.72 -16.96
N TYR D 670 5.65 25.64 -18.04
CA TYR D 670 5.92 24.33 -18.64
C TYR D 670 6.67 23.44 -17.66
N VAL D 671 7.68 23.98 -17.01
CA VAL D 671 8.51 23.18 -16.10
C VAL D 671 7.67 22.66 -14.96
N ILE D 672 6.85 23.53 -14.36
CA ILE D 672 6.03 23.11 -13.24
C ILE D 672 5.01 22.07 -13.68
N LEU D 673 4.37 22.29 -14.83
CA LEU D 673 3.34 21.35 -15.26
C LEU D 673 3.94 20.00 -15.60
N THR D 674 5.09 19.98 -16.27
CA THR D 674 5.65 18.73 -16.80
C THR D 674 6.66 18.12 -15.85
N TYR D 675 7.72 18.85 -15.55
CA TYR D 675 8.84 18.25 -14.84
C TYR D 675 8.48 17.94 -13.40
N ILE D 676 7.84 18.87 -12.71
CA ILE D 676 7.66 18.73 -11.27
C ILE D 676 6.39 17.95 -10.96
N LEU D 677 5.32 18.12 -11.73
CA LEU D 677 4.06 17.46 -11.45
C LEU D 677 3.87 16.18 -12.27
N LEU D 678 4.02 16.26 -13.59
CA LEU D 678 3.66 15.12 -14.42
C LEU D 678 4.63 13.96 -14.26
N LEU D 679 5.94 14.24 -14.29
CA LEU D 679 6.92 13.16 -14.24
C LEU D 679 6.89 12.45 -12.89
N ASN D 680 6.61 13.18 -11.82
CA ASN D 680 6.47 12.54 -10.52
C ASN D 680 5.17 11.75 -10.43
N MET D 681 4.12 12.27 -11.07
CA MET D 681 2.85 11.56 -11.05
C MET D 681 2.97 10.24 -11.79
N LEU D 682 3.77 10.20 -12.86
CA LEU D 682 4.04 8.95 -13.53
C LEU D 682 4.58 7.92 -12.56
N ILE D 683 5.51 8.33 -11.71
CA ILE D 683 6.10 7.40 -10.75
C ILE D 683 5.03 6.92 -9.78
N ALA D 684 4.20 7.85 -9.30
CA ALA D 684 3.18 7.45 -8.34
C ALA D 684 2.19 6.45 -8.94
N LEU D 685 1.72 6.72 -10.15
CA LEU D 685 0.76 5.82 -10.77
C LEU D 685 1.40 4.47 -11.09
N MET D 686 2.65 4.47 -11.55
CA MET D 686 3.34 3.21 -11.78
C MET D 686 3.45 2.42 -10.49
N GLY D 687 3.69 3.09 -9.37
CA GLY D 687 3.72 2.40 -8.10
C GLY D 687 2.40 1.72 -7.80
N GLU D 688 1.29 2.42 -8.02
CA GLU D 688 -0.01 1.81 -7.76
C GLU D 688 -0.24 0.59 -8.63
N THR D 689 -0.01 0.72 -9.94
CA THR D 689 -0.25 -0.40 -10.85
C THR D 689 0.67 -1.58 -10.53
N VAL D 690 1.92 -1.29 -10.18
CA VAL D 690 2.86 -2.34 -9.85
C VAL D 690 2.37 -3.09 -8.62
N ASN D 691 1.90 -2.36 -7.61
CA ASN D 691 1.35 -3.03 -6.44
C ASN D 691 0.15 -3.90 -6.80
N LYS D 692 -0.60 -3.53 -7.84
CA LYS D 692 -1.83 -4.24 -8.17
C LYS D 692 -1.71 -5.31 -9.27
N ILE D 693 -0.52 -5.51 -9.87
CA ILE D 693 -0.35 -6.57 -10.86
C ILE D 693 0.62 -7.67 -10.40
N ALA D 694 0.87 -7.78 -9.10
CA ALA D 694 1.85 -8.73 -8.62
C ALA D 694 1.46 -10.16 -8.95
N GLN D 695 0.19 -10.51 -8.80
CA GLN D 695 -0.25 -11.88 -9.06
C GLN D 695 -0.49 -12.12 -10.53
N GLU D 696 -0.99 -11.11 -11.25
CA GLU D 696 -1.20 -11.26 -12.68
C GLU D 696 0.13 -11.52 -13.39
N SER D 697 1.21 -10.91 -12.92
CA SER D 697 2.51 -11.19 -13.52
C SER D 697 2.90 -12.66 -13.36
N LYS D 698 2.69 -13.24 -12.18
CA LYS D 698 3.02 -14.65 -11.99
C LYS D 698 2.18 -15.53 -12.90
N ASN D 699 0.90 -15.23 -13.01
CA ASN D 699 0.04 -16.05 -13.86
C ASN D 699 0.50 -15.97 -15.31
N ILE D 700 0.83 -14.78 -15.79
CA ILE D 700 1.22 -14.65 -17.20
C ILE D 700 2.55 -15.34 -17.43
N TRP D 701 3.47 -15.27 -16.48
CA TRP D 701 4.73 -15.96 -16.67
C TRP D 701 4.52 -17.46 -16.77
N LYS D 702 3.67 -18.01 -15.90
CA LYS D 702 3.38 -19.44 -15.98
C LYS D 702 2.80 -19.79 -17.34
N LEU D 703 1.93 -18.93 -17.87
CA LEU D 703 1.38 -19.17 -19.19
C LEU D 703 2.46 -19.12 -20.26
N GLN D 704 3.39 -18.17 -20.14
CA GLN D 704 4.46 -18.06 -21.14
C GLN D 704 5.32 -19.30 -21.14
N ARG D 705 5.64 -19.81 -19.96
CA ARG D 705 6.39 -21.06 -19.88
C ARG D 705 5.59 -22.20 -20.49
N ALA D 706 4.27 -22.21 -20.27
CA ALA D 706 3.43 -23.25 -20.86
C ALA D 706 3.49 -23.21 -22.38
N ILE D 707 3.43 -22.02 -22.96
CA ILE D 707 3.51 -21.91 -24.41
C ILE D 707 4.87 -22.38 -24.91
N THR D 708 5.93 -21.99 -24.20
CA THR D 708 7.26 -22.42 -24.61
C THR D 708 7.37 -23.94 -24.59
N ILE D 709 6.86 -24.57 -23.54
CA ILE D 709 6.91 -26.02 -23.42
C ILE D 709 6.15 -26.66 -24.57
N LEU D 710 4.95 -26.15 -24.84
CA LEU D 710 4.14 -26.76 -25.89
C LEU D 710 4.80 -26.63 -27.25
N ASP D 711 5.40 -25.48 -27.55
CA ASP D 711 6.06 -25.34 -28.84
C ASP D 711 7.25 -26.27 -28.96
N THR D 712 8.08 -26.33 -27.91
CA THR D 712 9.26 -27.19 -27.97
C THR D 712 8.86 -28.66 -28.10
N GLU D 713 7.84 -29.08 -27.37
CA GLU D 713 7.39 -30.47 -27.46
C GLU D 713 6.76 -30.77 -28.81
N LYS D 714 5.96 -29.86 -29.33
CA LYS D 714 5.29 -30.08 -30.61
C LYS D 714 6.30 -30.20 -31.74
N SER D 715 7.33 -29.35 -31.73
CA SER D 715 8.34 -29.46 -32.78
C SER D 715 9.34 -30.57 -32.47
N PHE D 716 10.21 -30.34 -31.47
CA PHE D 716 11.18 -31.30 -30.95
C PHE D 716 12.34 -31.62 -31.89
N LEU D 717 12.26 -31.21 -33.16
CA LEU D 717 13.36 -31.22 -34.11
C LEU D 717 13.90 -32.60 -34.44
N LYS D 718 13.25 -33.68 -34.00
CA LYS D 718 13.69 -35.05 -34.28
C LYS D 718 12.58 -35.96 -34.77
N CYS D 719 11.32 -35.53 -34.75
CA CYS D 719 10.19 -36.37 -35.16
C CYS D 719 10.12 -37.64 -34.32
N MET D 720 10.24 -37.48 -33.01
CA MET D 720 10.15 -38.56 -32.04
C MET D 720 8.97 -38.33 -31.12
N ARG D 721 8.34 -39.44 -30.70
CA ARG D 721 7.17 -39.40 -29.82
C ARG D 721 7.64 -39.56 -28.38
N LYS D 722 8.00 -38.44 -27.76
CA LYS D 722 8.47 -38.41 -26.39
C LYS D 722 7.48 -37.78 -25.42
N ALA D 723 6.24 -37.55 -25.87
CA ALA D 723 5.23 -36.92 -25.00
C ALA D 723 4.69 -37.87 -23.94
N PHE D 724 4.91 -39.17 -24.06
CA PHE D 724 4.35 -40.10 -23.10
C PHE D 724 4.95 -39.89 -21.72
N ARG D 725 4.19 -40.26 -20.69
CA ARG D 725 4.50 -39.94 -19.30
C ARG D 725 5.16 -41.08 -18.55
N SER D 726 4.46 -42.22 -18.42
CA SER D 726 4.91 -43.31 -17.57
C SER D 726 4.67 -44.69 -18.15
N GLY D 727 4.19 -44.81 -19.39
CA GLY D 727 3.93 -46.10 -19.97
C GLY D 727 2.52 -46.56 -19.69
N LYS D 728 2.15 -47.68 -20.31
CA LYS D 728 0.82 -48.26 -20.13
C LYS D 728 0.79 -48.93 -18.76
N LEU D 729 0.60 -48.11 -17.73
CA LEU D 729 0.51 -48.63 -16.38
C LEU D 729 -0.91 -49.11 -16.07
N LEU D 730 -0.99 -50.22 -15.33
CA LEU D 730 -2.27 -50.86 -15.03
C LEU D 730 -2.96 -50.06 -13.94
N GLN D 731 -3.60 -48.97 -14.35
CA GLN D 731 -4.24 -48.07 -13.39
C GLN D 731 -5.44 -48.75 -12.74
N VAL D 732 -6.32 -49.34 -13.54
CA VAL D 732 -7.63 -49.79 -13.08
C VAL D 732 -7.70 -51.30 -12.99
N GLY D 733 -7.39 -52.00 -14.07
CA GLY D 733 -7.53 -53.44 -14.10
C GLY D 733 -8.97 -53.94 -14.12
N PHE D 734 -9.93 -53.08 -14.43
CA PHE D 734 -11.33 -53.48 -14.42
C PHE D 734 -12.16 -52.53 -15.24
N THR D 735 -13.06 -53.10 -16.05
CA THR D 735 -14.07 -52.36 -16.77
C THR D 735 -15.37 -53.14 -16.64
N PRO D 736 -16.52 -52.61 -17.08
CA PRO D 736 -17.74 -53.42 -17.07
C PRO D 736 -17.59 -54.72 -17.84
N ASP D 737 -16.85 -54.71 -18.94
CA ASP D 737 -16.46 -55.94 -19.61
C ASP D 737 -15.40 -56.66 -18.78
N GLY D 738 -15.25 -57.96 -19.03
CA GLY D 738 -14.26 -58.75 -18.29
C GLY D 738 -12.82 -58.52 -18.73
N LYS D 739 -12.38 -57.26 -18.80
CA LYS D 739 -11.07 -56.90 -19.28
C LYS D 739 -10.40 -55.94 -18.31
N ASP D 740 -9.07 -55.86 -18.41
CA ASP D 740 -8.28 -54.92 -17.64
C ASP D 740 -8.23 -53.60 -18.38
N ASP D 741 -7.38 -52.66 -17.94
CA ASP D 741 -7.25 -51.39 -18.63
C ASP D 741 -5.94 -50.72 -18.24
N TYR D 742 -5.22 -50.23 -19.25
CA TYR D 742 -4.01 -49.44 -19.09
C TYR D 742 -4.27 -48.05 -19.63
N ARG D 743 -3.89 -47.02 -18.86
CA ARG D 743 -4.40 -45.66 -19.08
C ARG D 743 -3.33 -44.57 -18.98
N TRP D 744 -2.05 -44.92 -19.16
CA TRP D 744 -0.96 -43.93 -19.18
C TRP D 744 -0.97 -43.03 -17.95
N CYS D 745 -1.20 -43.63 -16.79
CA CYS D 745 -1.37 -42.84 -15.58
C CYS D 745 -0.04 -42.26 -15.10
N PHE D 746 -0.10 -41.01 -14.62
CA PHE D 746 1.05 -40.32 -14.04
C PHE D 746 0.89 -40.30 -12.53
N ARG D 747 1.95 -40.70 -11.82
CA ARG D 747 1.93 -40.82 -10.37
C ARG D 747 2.45 -39.56 -9.70
N VAL D 748 1.81 -39.18 -8.60
CA VAL D 748 2.20 -38.02 -7.80
C VAL D 748 2.15 -38.43 -6.34
N ASP D 749 3.28 -38.27 -5.65
CA ASP D 749 3.37 -38.59 -4.22
C ASP D 749 3.10 -37.32 -3.43
N GLU D 750 2.17 -37.39 -2.48
CA GLU D 750 1.89 -36.29 -1.58
C GLU D 750 1.77 -36.82 -0.16
N VAL D 751 1.98 -35.94 0.81
CA VAL D 751 1.97 -36.31 2.22
C VAL D 751 1.07 -35.31 2.95
N ASN D 752 0.08 -35.83 3.68
CA ASN D 752 -0.84 -34.96 4.41
C ASN D 752 -1.55 -35.77 5.48
N TRP D 753 -1.08 -35.67 6.73
CA TRP D 753 -1.76 -36.23 7.89
C TRP D 753 -2.09 -37.72 7.78
#